data_2JKG
# 
_entry.id   2JKG 
# 
_audit_conform.dict_name       mmcif_pdbx.dic 
_audit_conform.dict_version    5.391 
_audit_conform.dict_location   http://mmcif.pdb.org/dictionaries/ascii/mmcif_pdbx.dic 
# 
loop_
_database_2.database_id 
_database_2.database_code 
_database_2.pdbx_database_accession 
_database_2.pdbx_DOI 
PDB   2JKG         pdb_00002jkg 10.2210/pdb2jkg/pdb 
PDBE  EBI-37322    ?            ?                   
WWPDB D_1290037322 ?            ?                   
# 
loop_
_pdbx_audit_revision_history.ordinal 
_pdbx_audit_revision_history.data_content_type 
_pdbx_audit_revision_history.major_revision 
_pdbx_audit_revision_history.minor_revision 
_pdbx_audit_revision_history.revision_date 
1 'Structure model' 1 0 2008-09-23 
2 'Structure model' 1 1 2011-07-13 
3 'Structure model' 1 2 2016-12-21 
4 'Structure model' 1 3 2018-01-17 
5 'Structure model' 1 4 2019-07-17 
6 'Structure model' 1 5 2024-05-08 
# 
_pdbx_audit_revision_details.ordinal             1 
_pdbx_audit_revision_details.revision_ordinal    1 
_pdbx_audit_revision_details.data_content_type   'Structure model' 
_pdbx_audit_revision_details.provider            repository 
_pdbx_audit_revision_details.type                'Initial release' 
_pdbx_audit_revision_details.description         ? 
_pdbx_audit_revision_details.details             ? 
# 
loop_
_pdbx_audit_revision_group.ordinal 
_pdbx_audit_revision_group.revision_ordinal 
_pdbx_audit_revision_group.data_content_type 
_pdbx_audit_revision_group.group 
1  2 'Structure model' Advisory                    
2  2 'Structure model' 'Version format compliance' 
3  3 'Structure model' 'Data collection'           
4  3 'Structure model' 'Source and taxonomy'       
5  3 'Structure model' 'Structure summary'         
6  4 'Structure model' 'Data collection'           
7  5 'Structure model' 'Data collection'           
8  6 'Structure model' 'Data collection'           
9  6 'Structure model' 'Database references'       
10 6 'Structure model' 'Derived calculations'      
11 6 'Structure model' Other                       
# 
loop_
_pdbx_audit_revision_category.ordinal 
_pdbx_audit_revision_category.revision_ordinal 
_pdbx_audit_revision_category.data_content_type 
_pdbx_audit_revision_category.category 
1  4 'Structure model' diffrn_radiation       
2  4 'Structure model' diffrn_source          
3  5 'Structure model' diffrn_source          
4  6 'Structure model' chem_comp_atom         
5  6 'Structure model' chem_comp_bond         
6  6 'Structure model' database_2             
7  6 'Structure model' pdbx_database_status   
8  6 'Structure model' pdbx_struct_conn_angle 
9  6 'Structure model' struct_conn            
10 6 'Structure model' struct_site            
# 
loop_
_pdbx_audit_revision_item.ordinal 
_pdbx_audit_revision_item.revision_ordinal 
_pdbx_audit_revision_item.data_content_type 
_pdbx_audit_revision_item.item 
1  4 'Structure model' '_diffrn_radiation.pdbx_diffrn_protocol'      
2  4 'Structure model' '_diffrn_source.pdbx_synchrotron_site'        
3  5 'Structure model' '_diffrn_source.pdbx_synchrotron_site'        
4  6 'Structure model' '_database_2.pdbx_DOI'                        
5  6 'Structure model' '_database_2.pdbx_database_accession'         
6  6 'Structure model' '_pdbx_database_status.status_code_sf'        
7  6 'Structure model' '_pdbx_struct_conn_angle.ptnr1_auth_comp_id'  
8  6 'Structure model' '_pdbx_struct_conn_angle.ptnr1_auth_seq_id'   
9  6 'Structure model' '_pdbx_struct_conn_angle.ptnr1_label_asym_id' 
10 6 'Structure model' '_pdbx_struct_conn_angle.ptnr1_label_comp_id' 
11 6 'Structure model' '_pdbx_struct_conn_angle.ptnr1_label_seq_id'  
12 6 'Structure model' '_pdbx_struct_conn_angle.ptnr1_symmetry'      
13 6 'Structure model' '_pdbx_struct_conn_angle.ptnr3_auth_comp_id'  
14 6 'Structure model' '_pdbx_struct_conn_angle.ptnr3_auth_seq_id'   
15 6 'Structure model' '_pdbx_struct_conn_angle.ptnr3_label_asym_id' 
16 6 'Structure model' '_pdbx_struct_conn_angle.ptnr3_label_comp_id' 
17 6 'Structure model' '_pdbx_struct_conn_angle.ptnr3_label_seq_id'  
18 6 'Structure model' '_pdbx_struct_conn_angle.ptnr3_symmetry'      
19 6 'Structure model' '_pdbx_struct_conn_angle.value'               
20 6 'Structure model' '_struct_conn.pdbx_dist_value'                
21 6 'Structure model' '_struct_conn.ptnr1_auth_comp_id'             
22 6 'Structure model' '_struct_conn.ptnr1_auth_seq_id'              
23 6 'Structure model' '_struct_conn.ptnr1_label_asym_id'            
24 6 'Structure model' '_struct_conn.ptnr1_label_atom_id'            
25 6 'Structure model' '_struct_conn.ptnr1_label_comp_id'            
26 6 'Structure model' '_struct_conn.ptnr1_label_seq_id'             
27 6 'Structure model' '_struct_conn.ptnr1_symmetry'                 
28 6 'Structure model' '_struct_conn.ptnr2_auth_comp_id'             
29 6 'Structure model' '_struct_conn.ptnr2_auth_seq_id'              
30 6 'Structure model' '_struct_conn.ptnr2_label_asym_id'            
31 6 'Structure model' '_struct_conn.ptnr2_label_atom_id'            
32 6 'Structure model' '_struct_conn.ptnr2_label_comp_id'            
33 6 'Structure model' '_struct_conn.ptnr2_label_seq_id'             
34 6 'Structure model' '_struct_conn.ptnr2_symmetry'                 
35 6 'Structure model' '_struct_site.pdbx_auth_asym_id'              
36 6 'Structure model' '_struct_site.pdbx_auth_comp_id'              
37 6 'Structure model' '_struct_site.pdbx_auth_seq_id'               
# 
_pdbx_database_status.status_code                     REL 
_pdbx_database_status.entry_id                        2JKG 
_pdbx_database_status.deposit_site                    PDBE 
_pdbx_database_status.process_site                    PDBE 
_pdbx_database_status.SG_entry                        . 
_pdbx_database_status.recvd_initial_deposition_date   2008-08-28 
_pdbx_database_status.pdb_format_compatible           Y 
_pdbx_database_status.status_code_sf                  REL 
_pdbx_database_status.status_code_mr                  ? 
_pdbx_database_status.status_code_cs                  ? 
_pdbx_database_status.methods_development_category    ? 
_pdbx_database_status.status_code_nmr_data            ? 
# 
_pdbx_database_related.db_name        PDB 
_pdbx_database_related.db_id          2JKF 
_pdbx_database_related.content_type   unspecified 
_pdbx_database_related.details        'PLASMODIUM FALCIPARUM PROFILIN' 
# 
loop_
_audit_author.name 
_audit_author.pdbx_ordinal 
'Kursula, I.'      1 
'Kursula, P.'      2 
'Ganter, M.'       3 
'Panjikar, S.'     4 
'Matuschewski, K.' 5 
'Schueler, H.'     6 
# 
_citation.id                        primary 
_citation.title                     
'Structural Basis for Parasite-Specific Functions of the Divergent Profilin of Plasmodium Falciparum.' 
_citation.journal_abbrev            Structure 
_citation.journal_volume            16 
_citation.page_first                1638 
_citation.page_last                 ? 
_citation.year                      2008 
_citation.journal_id_ASTM           STRUE6 
_citation.country                   UK 
_citation.journal_id_ISSN           0969-2126 
_citation.journal_id_CSD            2005 
_citation.book_publisher            ? 
_citation.pdbx_database_id_PubMed   19000816 
_citation.pdbx_database_id_DOI      10.1016/J.STR.2008.09.008 
# 
loop_
_citation_author.citation_id 
_citation_author.name 
_citation_author.ordinal 
_citation_author.identifier_ORCID 
primary 'Kursula, I.'      1 ? 
primary 'Kursula, P.'      2 ? 
primary 'Ganter, M.'       3 ? 
primary 'Panjikar, S.'     4 ? 
primary 'Matuschewski, K.' 5 ? 
primary 'Schuler, H.'      6 ? 
# 
loop_
_entity.id 
_entity.type 
_entity.src_method 
_entity.pdbx_description 
_entity.formula_weight 
_entity.pdbx_number_of_molecules 
_entity.pdbx_ec 
_entity.pdbx_mutation 
_entity.pdbx_fragment 
_entity.details 
1 polymer     man PROFILIN              20102.010 1   ? ? ? ? 
2 polymer     syn 'OCTAPROLINE PEPTIDE' 794.934   1   ? ? ? ? 
3 non-polymer syn 'MAGNESIUM ION'       24.305    1   ? ? ? ? 
4 water       nat water                 18.015    100 ? ? ? ? 
# 
_entity_name_com.entity_id   1 
_entity_name_com.name        'CONSERVED PROTEIN' 
# 
loop_
_entity_poly.entity_id 
_entity_poly.type 
_entity_poly.nstd_linkage 
_entity_poly.nstd_monomer 
_entity_poly.pdbx_seq_one_letter_code 
_entity_poly.pdbx_seq_one_letter_code_can 
_entity_poly.pdbx_strand_id 
_entity_poly.pdbx_target_identifier 
1 'polypeptide(L)' no no 
;MAEEYSWDSYLNDRLLATNQVSGAGLASEEDGVVYACVAQGEESDPNFDKWSLFYKEDYDIEVEDENGTKTTKTINEGQT
ILVVFNEGYAPDGVWLGGTKYQFINIERDLEFEGYNFDVATCAKLKGGLHLVKVPGGNILVVLYDEEKEQDRGNSKIAAL
TFAKELAESSQLQHHHHHH
;
;MAEEYSWDSYLNDRLLATNQVSGAGLASEEDGVVYACVAQGEESDPNFDKWSLFYKEDYDIEVEDENGTKTTKTINEGQT
ILVVFNEGYAPDGVWLGGTKYQFINIERDLEFEGYNFDVATCAKLKGGLHLVKVPGGNILVVLYDEEKEQDRGNSKIAAL
TFAKELAESSQLQHHHHHH
;
A ? 
2 'polypeptide(L)' no no PPPPPPPP PPPPPPPP P ? 
# 
loop_
_pdbx_entity_nonpoly.entity_id 
_pdbx_entity_nonpoly.name 
_pdbx_entity_nonpoly.comp_id 
3 'MAGNESIUM ION' MG  
4 water           HOH 
# 
loop_
_entity_poly_seq.entity_id 
_entity_poly_seq.num 
_entity_poly_seq.mon_id 
_entity_poly_seq.hetero 
1 1   MET n 
1 2   ALA n 
1 3   GLU n 
1 4   GLU n 
1 5   TYR n 
1 6   SER n 
1 7   TRP n 
1 8   ASP n 
1 9   SER n 
1 10  TYR n 
1 11  LEU n 
1 12  ASN n 
1 13  ASP n 
1 14  ARG n 
1 15  LEU n 
1 16  LEU n 
1 17  ALA n 
1 18  THR n 
1 19  ASN n 
1 20  GLN n 
1 21  VAL n 
1 22  SER n 
1 23  GLY n 
1 24  ALA n 
1 25  GLY n 
1 26  LEU n 
1 27  ALA n 
1 28  SER n 
1 29  GLU n 
1 30  GLU n 
1 31  ASP n 
1 32  GLY n 
1 33  VAL n 
1 34  VAL n 
1 35  TYR n 
1 36  ALA n 
1 37  CYS n 
1 38  VAL n 
1 39  ALA n 
1 40  GLN n 
1 41  GLY n 
1 42  GLU n 
1 43  GLU n 
1 44  SER n 
1 45  ASP n 
1 46  PRO n 
1 47  ASN n 
1 48  PHE n 
1 49  ASP n 
1 50  LYS n 
1 51  TRP n 
1 52  SER n 
1 53  LEU n 
1 54  PHE n 
1 55  TYR n 
1 56  LYS n 
1 57  GLU n 
1 58  ASP n 
1 59  TYR n 
1 60  ASP n 
1 61  ILE n 
1 62  GLU n 
1 63  VAL n 
1 64  GLU n 
1 65  ASP n 
1 66  GLU n 
1 67  ASN n 
1 68  GLY n 
1 69  THR n 
1 70  LYS n 
1 71  THR n 
1 72  THR n 
1 73  LYS n 
1 74  THR n 
1 75  ILE n 
1 76  ASN n 
1 77  GLU n 
1 78  GLY n 
1 79  GLN n 
1 80  THR n 
1 81  ILE n 
1 82  LEU n 
1 83  VAL n 
1 84  VAL n 
1 85  PHE n 
1 86  ASN n 
1 87  GLU n 
1 88  GLY n 
1 89  TYR n 
1 90  ALA n 
1 91  PRO n 
1 92  ASP n 
1 93  GLY n 
1 94  VAL n 
1 95  TRP n 
1 96  LEU n 
1 97  GLY n 
1 98  GLY n 
1 99  THR n 
1 100 LYS n 
1 101 TYR n 
1 102 GLN n 
1 103 PHE n 
1 104 ILE n 
1 105 ASN n 
1 106 ILE n 
1 107 GLU n 
1 108 ARG n 
1 109 ASP n 
1 110 LEU n 
1 111 GLU n 
1 112 PHE n 
1 113 GLU n 
1 114 GLY n 
1 115 TYR n 
1 116 ASN n 
1 117 PHE n 
1 118 ASP n 
1 119 VAL n 
1 120 ALA n 
1 121 THR n 
1 122 CYS n 
1 123 ALA n 
1 124 LYS n 
1 125 LEU n 
1 126 LYS n 
1 127 GLY n 
1 128 GLY n 
1 129 LEU n 
1 130 HIS n 
1 131 LEU n 
1 132 VAL n 
1 133 LYS n 
1 134 VAL n 
1 135 PRO n 
1 136 GLY n 
1 137 GLY n 
1 138 ASN n 
1 139 ILE n 
1 140 LEU n 
1 141 VAL n 
1 142 VAL n 
1 143 LEU n 
1 144 TYR n 
1 145 ASP n 
1 146 GLU n 
1 147 GLU n 
1 148 LYS n 
1 149 GLU n 
1 150 GLN n 
1 151 ASP n 
1 152 ARG n 
1 153 GLY n 
1 154 ASN n 
1 155 SER n 
1 156 LYS n 
1 157 ILE n 
1 158 ALA n 
1 159 ALA n 
1 160 LEU n 
1 161 THR n 
1 162 PHE n 
1 163 ALA n 
1 164 LYS n 
1 165 GLU n 
1 166 LEU n 
1 167 ALA n 
1 168 GLU n 
1 169 SER n 
1 170 SER n 
1 171 GLN n 
1 172 LEU n 
1 173 GLN n 
1 174 HIS n 
1 175 HIS n 
1 176 HIS n 
1 177 HIS n 
1 178 HIS n 
1 179 HIS n 
2 1   PRO n 
2 2   PRO n 
2 3   PRO n 
2 4   PRO n 
2 5   PRO n 
2 6   PRO n 
2 7   PRO n 
2 8   PRO n 
# 
_entity_src_gen.entity_id                          1 
_entity_src_gen.pdbx_src_id                        1 
_entity_src_gen.pdbx_alt_source_flag               sample 
_entity_src_gen.pdbx_seq_type                      ? 
_entity_src_gen.pdbx_beg_seq_num                   ? 
_entity_src_gen.pdbx_end_seq_num                   ? 
_entity_src_gen.gene_src_common_name               ? 
_entity_src_gen.gene_src_genus                     ? 
_entity_src_gen.pdbx_gene_src_gene                 ? 
_entity_src_gen.gene_src_species                   ? 
_entity_src_gen.gene_src_strain                    ? 
_entity_src_gen.gene_src_tissue                    ? 
_entity_src_gen.gene_src_tissue_fraction           ? 
_entity_src_gen.gene_src_details                   ? 
_entity_src_gen.pdbx_gene_src_fragment             ? 
_entity_src_gen.pdbx_gene_src_scientific_name      'PLASMODIUM FALCIPARUM' 
_entity_src_gen.pdbx_gene_src_ncbi_taxonomy_id     5833 
_entity_src_gen.pdbx_gene_src_variant              ? 
_entity_src_gen.pdbx_gene_src_cell_line            ? 
_entity_src_gen.pdbx_gene_src_atcc                 ? 
_entity_src_gen.pdbx_gene_src_organ                ? 
_entity_src_gen.pdbx_gene_src_organelle            ? 
_entity_src_gen.pdbx_gene_src_cell                 ? 
_entity_src_gen.pdbx_gene_src_cellular_location    ? 
_entity_src_gen.host_org_common_name               ? 
_entity_src_gen.pdbx_host_org_scientific_name      'ESCHERICHIA COLI' 
_entity_src_gen.pdbx_host_org_ncbi_taxonomy_id     469008 
_entity_src_gen.host_org_genus                     ? 
_entity_src_gen.pdbx_host_org_gene                 ? 
_entity_src_gen.pdbx_host_org_organ                ? 
_entity_src_gen.host_org_species                   ? 
_entity_src_gen.pdbx_host_org_tissue               ? 
_entity_src_gen.pdbx_host_org_tissue_fraction      ? 
_entity_src_gen.pdbx_host_org_strain               'BL21(DE3)' 
_entity_src_gen.pdbx_host_org_variant              ? 
_entity_src_gen.pdbx_host_org_cell_line            ? 
_entity_src_gen.pdbx_host_org_atcc                 ? 
_entity_src_gen.pdbx_host_org_culture_collection   ? 
_entity_src_gen.pdbx_host_org_cell                 ? 
_entity_src_gen.pdbx_host_org_organelle            ? 
_entity_src_gen.pdbx_host_org_cellular_location    ? 
_entity_src_gen.pdbx_host_org_vector_type          ? 
_entity_src_gen.pdbx_host_org_vector               ? 
_entity_src_gen.host_org_details                   ? 
_entity_src_gen.expression_system_id               ? 
_entity_src_gen.plasmid_name                       ? 
_entity_src_gen.plasmid_details                    ? 
_entity_src_gen.pdbx_description                   CODONPLUSRIPL 
# 
_pdbx_entity_src_syn.entity_id              2 
_pdbx_entity_src_syn.pdbx_src_id            1 
_pdbx_entity_src_syn.pdbx_alt_source_flag   sample 
_pdbx_entity_src_syn.pdbx_beg_seq_num       ? 
_pdbx_entity_src_syn.pdbx_end_seq_num       ? 
_pdbx_entity_src_syn.organism_scientific    'SYNTHETIC CONSTRUCT' 
_pdbx_entity_src_syn.organism_common_name   ? 
_pdbx_entity_src_syn.ncbi_taxonomy_id       32630 
_pdbx_entity_src_syn.details                ? 
# 
loop_
_chem_comp.id 
_chem_comp.type 
_chem_comp.mon_nstd_flag 
_chem_comp.name 
_chem_comp.pdbx_synonyms 
_chem_comp.formula 
_chem_comp.formula_weight 
ALA 'L-peptide linking' y ALANINE         ? 'C3 H7 N O2'     89.093  
ARG 'L-peptide linking' y ARGININE        ? 'C6 H15 N4 O2 1' 175.209 
ASN 'L-peptide linking' y ASPARAGINE      ? 'C4 H8 N2 O3'    132.118 
ASP 'L-peptide linking' y 'ASPARTIC ACID' ? 'C4 H7 N O4'     133.103 
CYS 'L-peptide linking' y CYSTEINE        ? 'C3 H7 N O2 S'   121.158 
GLN 'L-peptide linking' y GLUTAMINE       ? 'C5 H10 N2 O3'   146.144 
GLU 'L-peptide linking' y 'GLUTAMIC ACID' ? 'C5 H9 N O4'     147.129 
GLY 'peptide linking'   y GLYCINE         ? 'C2 H5 N O2'     75.067  
HIS 'L-peptide linking' y HISTIDINE       ? 'C6 H10 N3 O2 1' 156.162 
HOH non-polymer         . WATER           ? 'H2 O'           18.015  
ILE 'L-peptide linking' y ISOLEUCINE      ? 'C6 H13 N O2'    131.173 
LEU 'L-peptide linking' y LEUCINE         ? 'C6 H13 N O2'    131.173 
LYS 'L-peptide linking' y LYSINE          ? 'C6 H15 N2 O2 1' 147.195 
MET 'L-peptide linking' y METHIONINE      ? 'C5 H11 N O2 S'  149.211 
MG  non-polymer         . 'MAGNESIUM ION' ? 'Mg 2'           24.305  
PHE 'L-peptide linking' y PHENYLALANINE   ? 'C9 H11 N O2'    165.189 
PRO 'L-peptide linking' y PROLINE         ? 'C5 H9 N O2'     115.130 
SER 'L-peptide linking' y SERINE          ? 'C3 H7 N O3'     105.093 
THR 'L-peptide linking' y THREONINE       ? 'C4 H9 N O3'     119.119 
TRP 'L-peptide linking' y TRYPTOPHAN      ? 'C11 H12 N2 O2'  204.225 
TYR 'L-peptide linking' y TYROSINE        ? 'C9 H11 N O3'    181.189 
VAL 'L-peptide linking' y VALINE          ? 'C5 H11 N O2'    117.146 
# 
loop_
_pdbx_poly_seq_scheme.asym_id 
_pdbx_poly_seq_scheme.entity_id 
_pdbx_poly_seq_scheme.seq_id 
_pdbx_poly_seq_scheme.mon_id 
_pdbx_poly_seq_scheme.ndb_seq_num 
_pdbx_poly_seq_scheme.pdb_seq_num 
_pdbx_poly_seq_scheme.auth_seq_num 
_pdbx_poly_seq_scheme.pdb_mon_id 
_pdbx_poly_seq_scheme.auth_mon_id 
_pdbx_poly_seq_scheme.pdb_strand_id 
_pdbx_poly_seq_scheme.pdb_ins_code 
_pdbx_poly_seq_scheme.hetero 
A 1 1   MET 1   1   ?   ?   ?   A . n 
A 1 2   ALA 2   2   ?   ?   ?   A . n 
A 1 3   GLU 3   3   ?   ?   ?   A . n 
A 1 4   GLU 4   4   ?   ?   ?   A . n 
A 1 5   TYR 5   5   5   TYR TYR A . n 
A 1 6   SER 6   6   6   SER SER A . n 
A 1 7   TRP 7   7   7   TRP TRP A . n 
A 1 8   ASP 8   8   8   ASP ASP A . n 
A 1 9   SER 9   9   9   SER SER A . n 
A 1 10  TYR 10  10  10  TYR TYR A . n 
A 1 11  LEU 11  11  11  LEU LEU A . n 
A 1 12  ASN 12  12  12  ASN ASN A . n 
A 1 13  ASP 13  13  13  ASP ASP A . n 
A 1 14  ARG 14  14  14  ARG ARG A . n 
A 1 15  LEU 15  15  15  LEU LEU A . n 
A 1 16  LEU 16  16  16  LEU LEU A . n 
A 1 17  ALA 17  17  17  ALA ALA A . n 
A 1 18  THR 18  18  18  THR THR A . n 
A 1 19  ASN 19  19  19  ASN ASN A . n 
A 1 20  GLN 20  20  20  GLN GLN A . n 
A 1 21  VAL 21  21  21  VAL VAL A . n 
A 1 22  SER 22  22  22  SER SER A . n 
A 1 23  GLY 23  23  23  GLY GLY A . n 
A 1 24  ALA 24  24  24  ALA ALA A . n 
A 1 25  GLY 25  25  25  GLY GLY A . n 
A 1 26  LEU 26  26  26  LEU LEU A . n 
A 1 27  ALA 27  27  27  ALA ALA A . n 
A 1 28  SER 28  28  28  SER SER A . n 
A 1 29  GLU 29  29  29  GLU GLU A . n 
A 1 30  GLU 30  30  30  GLU GLU A . n 
A 1 31  ASP 31  31  31  ASP ASP A . n 
A 1 32  GLY 32  32  32  GLY GLY A . n 
A 1 33  VAL 33  33  33  VAL VAL A . n 
A 1 34  VAL 34  34  34  VAL VAL A . n 
A 1 35  TYR 35  35  35  TYR TYR A . n 
A 1 36  ALA 36  36  36  ALA ALA A . n 
A 1 37  CYS 37  37  37  CYS CYS A . n 
A 1 38  VAL 38  38  38  VAL VAL A . n 
A 1 39  ALA 39  39  39  ALA ALA A . n 
A 1 40  GLN 40  40  40  GLN GLN A . n 
A 1 41  GLY 41  41  41  GLY GLY A . n 
A 1 42  GLU 42  42  42  GLU GLU A . n 
A 1 43  GLU 43  43  43  GLU GLU A . n 
A 1 44  SER 44  44  44  SER SER A . n 
A 1 45  ASP 45  45  45  ASP ASP A . n 
A 1 46  PRO 46  46  46  PRO PRO A . n 
A 1 47  ASN 47  47  47  ASN ASN A . n 
A 1 48  PHE 48  48  48  PHE PHE A . n 
A 1 49  ASP 49  49  49  ASP ASP A . n 
A 1 50  LYS 50  50  50  LYS LYS A . n 
A 1 51  TRP 51  51  51  TRP TRP A . n 
A 1 52  SER 52  52  52  SER SER A . n 
A 1 53  LEU 53  53  53  LEU LEU A . n 
A 1 54  PHE 54  54  54  PHE PHE A . n 
A 1 55  TYR 55  55  55  TYR TYR A . n 
A 1 56  LYS 56  56  56  LYS LYS A . n 
A 1 57  GLU 57  57  57  GLU GLU A . n 
A 1 58  ASP 58  58  58  ASP ASP A . n 
A 1 59  TYR 59  59  59  TYR TYR A . n 
A 1 60  ASP 60  60  60  ASP ASP A . n 
A 1 61  ILE 61  61  61  ILE ILE A . n 
A 1 62  GLU 62  62  62  GLU GLU A . n 
A 1 63  VAL 63  63  63  VAL VAL A . n 
A 1 64  GLU 64  64  64  GLU GLU A . n 
A 1 65  ASP 65  65  65  ASP ASP A . n 
A 1 66  GLU 66  66  66  GLU GLU A . n 
A 1 67  ASN 67  67  67  ASN ASN A . n 
A 1 68  GLY 68  68  68  GLY GLY A . n 
A 1 69  THR 69  69  69  THR THR A . n 
A 1 70  LYS 70  70  70  LYS LYS A . n 
A 1 71  THR 71  71  71  THR THR A . n 
A 1 72  THR 72  72  72  THR THR A . n 
A 1 73  LYS 73  73  73  LYS LYS A . n 
A 1 74  THR 74  74  74  THR THR A . n 
A 1 75  ILE 75  75  75  ILE ILE A . n 
A 1 76  ASN 76  76  76  ASN ASN A . n 
A 1 77  GLU 77  77  77  GLU GLU A . n 
A 1 78  GLY 78  78  78  GLY GLY A . n 
A 1 79  GLN 79  79  79  GLN GLN A . n 
A 1 80  THR 80  80  80  THR THR A . n 
A 1 81  ILE 81  81  81  ILE ILE A . n 
A 1 82  LEU 82  82  82  LEU LEU A . n 
A 1 83  VAL 83  83  83  VAL VAL A . n 
A 1 84  VAL 84  84  84  VAL VAL A . n 
A 1 85  PHE 85  85  85  PHE PHE A . n 
A 1 86  ASN 86  86  86  ASN ASN A . n 
A 1 87  GLU 87  87  87  GLU GLU A . n 
A 1 88  GLY 88  88  88  GLY GLY A . n 
A 1 89  TYR 89  89  89  TYR TYR A . n 
A 1 90  ALA 90  90  90  ALA ALA A . n 
A 1 91  PRO 91  91  91  PRO PRO A . n 
A 1 92  ASP 92  92  92  ASP ASP A . n 
A 1 93  GLY 93  93  93  GLY GLY A . n 
A 1 94  VAL 94  94  94  VAL VAL A . n 
A 1 95  TRP 95  95  95  TRP TRP A . n 
A 1 96  LEU 96  96  96  LEU LEU A . n 
A 1 97  GLY 97  97  97  GLY GLY A . n 
A 1 98  GLY 98  98  98  GLY GLY A . n 
A 1 99  THR 99  99  99  THR THR A . n 
A 1 100 LYS 100 100 100 LYS LYS A . n 
A 1 101 TYR 101 101 101 TYR TYR A . n 
A 1 102 GLN 102 102 102 GLN GLN A . n 
A 1 103 PHE 103 103 103 PHE PHE A . n 
A 1 104 ILE 104 104 104 ILE ILE A . n 
A 1 105 ASN 105 105 105 ASN ASN A . n 
A 1 106 ILE 106 106 106 ILE ILE A . n 
A 1 107 GLU 107 107 107 GLU GLU A . n 
A 1 108 ARG 108 108 108 ARG ARG A . n 
A 1 109 ASP 109 109 109 ASP ASP A . n 
A 1 110 LEU 110 110 110 LEU LEU A . n 
A 1 111 GLU 111 111 111 GLU GLU A . n 
A 1 112 PHE 112 112 112 PHE PHE A . n 
A 1 113 GLU 113 113 113 GLU GLU A . n 
A 1 114 GLY 114 114 114 GLY GLY A . n 
A 1 115 TYR 115 115 115 TYR TYR A . n 
A 1 116 ASN 116 116 116 ASN ASN A . n 
A 1 117 PHE 117 117 117 PHE PHE A . n 
A 1 118 ASP 118 118 118 ASP ASP A . n 
A 1 119 VAL 119 119 119 VAL VAL A . n 
A 1 120 ALA 120 120 120 ALA ALA A . n 
A 1 121 THR 121 121 121 THR THR A . n 
A 1 122 CYS 122 122 122 CYS CYS A . n 
A 1 123 ALA 123 123 123 ALA ALA A . n 
A 1 124 LYS 124 124 124 LYS LYS A . n 
A 1 125 LEU 125 125 125 LEU LEU A . n 
A 1 126 LYS 126 126 126 LYS LYS A . n 
A 1 127 GLY 127 127 127 GLY GLY A . n 
A 1 128 GLY 128 128 128 GLY GLY A . n 
A 1 129 LEU 129 129 129 LEU LEU A . n 
A 1 130 HIS 130 130 130 HIS HIS A . n 
A 1 131 LEU 131 131 131 LEU LEU A . n 
A 1 132 VAL 132 132 132 VAL VAL A . n 
A 1 133 LYS 133 133 133 LYS LYS A . n 
A 1 134 VAL 134 134 134 VAL VAL A . n 
A 1 135 PRO 135 135 135 PRO PRO A . n 
A 1 136 GLY 136 136 136 GLY GLY A . n 
A 1 137 GLY 137 137 137 GLY GLY A . n 
A 1 138 ASN 138 138 138 ASN ASN A . n 
A 1 139 ILE 139 139 139 ILE ILE A . n 
A 1 140 LEU 140 140 140 LEU LEU A . n 
A 1 141 VAL 141 141 141 VAL VAL A . n 
A 1 142 VAL 142 142 142 VAL VAL A . n 
A 1 143 LEU 143 143 143 LEU LEU A . n 
A 1 144 TYR 144 144 144 TYR TYR A . n 
A 1 145 ASP 145 145 145 ASP ASP A . n 
A 1 146 GLU 146 146 146 GLU GLU A . n 
A 1 147 GLU 147 147 147 GLU GLU A . n 
A 1 148 LYS 148 148 148 LYS LYS A . n 
A 1 149 GLU 149 149 149 GLU GLU A . n 
A 1 150 GLN 150 150 150 GLN GLN A . n 
A 1 151 ASP 151 151 151 ASP ASP A . n 
A 1 152 ARG 152 152 152 ARG ARG A . n 
A 1 153 GLY 153 153 153 GLY GLY A . n 
A 1 154 ASN 154 154 154 ASN ASN A . n 
A 1 155 SER 155 155 155 SER SER A . n 
A 1 156 LYS 156 156 156 LYS LYS A . n 
A 1 157 ILE 157 157 157 ILE ILE A . n 
A 1 158 ALA 158 158 158 ALA ALA A . n 
A 1 159 ALA 159 159 159 ALA ALA A . n 
A 1 160 LEU 160 160 160 LEU LEU A . n 
A 1 161 THR 161 161 161 THR THR A . n 
A 1 162 PHE 162 162 162 PHE PHE A . n 
A 1 163 ALA 163 163 163 ALA ALA A . n 
A 1 164 LYS 164 164 164 LYS LYS A . n 
A 1 165 GLU 165 165 165 GLU GLU A . n 
A 1 166 LEU 166 166 166 LEU LEU A . n 
A 1 167 ALA 167 167 167 ALA ALA A . n 
A 1 168 GLU 168 168 168 GLU GLU A . n 
A 1 169 SER 169 169 169 SER SER A . n 
A 1 170 SER 170 170 ?   ?   ?   A . n 
A 1 171 GLN 171 171 ?   ?   ?   A . n 
A 1 172 LEU 172 172 ?   ?   ?   A . n 
A 1 173 GLN 173 173 ?   ?   ?   A . n 
A 1 174 HIS 174 174 ?   ?   ?   A . n 
A 1 175 HIS 175 175 ?   ?   ?   A . n 
A 1 176 HIS 176 176 ?   ?   ?   A . n 
A 1 177 HIS 177 177 ?   ?   ?   A . n 
A 1 178 HIS 178 178 ?   ?   ?   A . n 
A 1 179 HIS 179 179 ?   ?   ?   A . n 
B 2 1   PRO 1   0   0   PRO PRO P . n 
B 2 2   PRO 2   1   1   PRO PRO P . n 
B 2 3   PRO 3   2   2   PRO PRO P . n 
B 2 4   PRO 4   3   3   PRO PRO P . n 
B 2 5   PRO 5   4   4   PRO PRO P . n 
B 2 6   PRO 6   5   5   PRO PRO P . n 
B 2 7   PRO 7   6   6   PRO PRO P . n 
B 2 8   PRO 8   7   7   PRO PRO P . n 
# 
loop_
_pdbx_nonpoly_scheme.asym_id 
_pdbx_nonpoly_scheme.entity_id 
_pdbx_nonpoly_scheme.mon_id 
_pdbx_nonpoly_scheme.ndb_seq_num 
_pdbx_nonpoly_scheme.pdb_seq_num 
_pdbx_nonpoly_scheme.auth_seq_num 
_pdbx_nonpoly_scheme.pdb_mon_id 
_pdbx_nonpoly_scheme.auth_mon_id 
_pdbx_nonpoly_scheme.pdb_strand_id 
_pdbx_nonpoly_scheme.pdb_ins_code 
C 3 MG  1  1170 1170 MG  MG  A . 
D 4 HOH 1  2001 2001 HOH HOH A . 
D 4 HOH 2  2002 2002 HOH HOH A . 
D 4 HOH 3  2003 2003 HOH HOH A . 
D 4 HOH 4  2004 2004 HOH HOH A . 
D 4 HOH 5  2005 2005 HOH HOH A . 
D 4 HOH 6  2006 2006 HOH HOH A . 
D 4 HOH 7  2007 2007 HOH HOH A . 
D 4 HOH 8  2008 2008 HOH HOH A . 
D 4 HOH 9  2009 2009 HOH HOH A . 
D 4 HOH 10 2010 2010 HOH HOH A . 
D 4 HOH 11 2011 2011 HOH HOH A . 
D 4 HOH 12 2012 2012 HOH HOH A . 
D 4 HOH 13 2013 2013 HOH HOH A . 
D 4 HOH 14 2014 2014 HOH HOH A . 
D 4 HOH 15 2015 2015 HOH HOH A . 
D 4 HOH 16 2016 2016 HOH HOH A . 
D 4 HOH 17 2017 2017 HOH HOH A . 
D 4 HOH 18 2018 2018 HOH HOH A . 
D 4 HOH 19 2019 2019 HOH HOH A . 
D 4 HOH 20 2020 2020 HOH HOH A . 
D 4 HOH 21 2021 2021 HOH HOH A . 
D 4 HOH 22 2022 2022 HOH HOH A . 
D 4 HOH 23 2023 2023 HOH HOH A . 
D 4 HOH 24 2024 2024 HOH HOH A . 
D 4 HOH 25 2025 2025 HOH HOH A . 
D 4 HOH 26 2026 2026 HOH HOH A . 
D 4 HOH 27 2027 2027 HOH HOH A . 
D 4 HOH 28 2028 2028 HOH HOH A . 
D 4 HOH 29 2029 2029 HOH HOH A . 
D 4 HOH 30 2030 2030 HOH HOH A . 
D 4 HOH 31 2031 2031 HOH HOH A . 
D 4 HOH 32 2032 2032 HOH HOH A . 
D 4 HOH 33 2033 2033 HOH HOH A . 
D 4 HOH 34 2034 2034 HOH HOH A . 
D 4 HOH 35 2035 2035 HOH HOH A . 
D 4 HOH 36 2036 2036 HOH HOH A . 
D 4 HOH 37 2037 2037 HOH HOH A . 
D 4 HOH 38 2038 2038 HOH HOH A . 
D 4 HOH 39 2039 2039 HOH HOH A . 
D 4 HOH 40 2040 2040 HOH HOH A . 
D 4 HOH 41 2041 2041 HOH HOH A . 
D 4 HOH 42 2042 2042 HOH HOH A . 
D 4 HOH 43 2043 2043 HOH HOH A . 
D 4 HOH 44 2044 2044 HOH HOH A . 
D 4 HOH 45 2045 2045 HOH HOH A . 
D 4 HOH 46 2046 2046 HOH HOH A . 
D 4 HOH 47 2047 2047 HOH HOH A . 
D 4 HOH 48 2048 2048 HOH HOH A . 
D 4 HOH 49 2049 2049 HOH HOH A . 
D 4 HOH 50 2050 2050 HOH HOH A . 
D 4 HOH 51 2051 2051 HOH HOH A . 
D 4 HOH 52 2052 2052 HOH HOH A . 
D 4 HOH 53 2053 2053 HOH HOH A . 
D 4 HOH 54 2054 2054 HOH HOH A . 
D 4 HOH 55 2055 2055 HOH HOH A . 
D 4 HOH 56 2056 2056 HOH HOH A . 
D 4 HOH 57 2057 2057 HOH HOH A . 
D 4 HOH 58 2058 2058 HOH HOH A . 
D 4 HOH 59 2059 2059 HOH HOH A . 
D 4 HOH 60 2060 2060 HOH HOH A . 
D 4 HOH 61 2061 2061 HOH HOH A . 
D 4 HOH 62 2062 2062 HOH HOH A . 
D 4 HOH 63 2063 2063 HOH HOH A . 
D 4 HOH 64 2064 2064 HOH HOH A . 
D 4 HOH 65 2065 2065 HOH HOH A . 
D 4 HOH 66 2066 2066 HOH HOH A . 
D 4 HOH 67 2067 2067 HOH HOH A . 
D 4 HOH 68 2068 2068 HOH HOH A . 
D 4 HOH 69 2069 2069 HOH HOH A . 
D 4 HOH 70 2070 2070 HOH HOH A . 
D 4 HOH 71 2071 2071 HOH HOH A . 
D 4 HOH 72 2072 2072 HOH HOH A . 
D 4 HOH 73 2073 2073 HOH HOH A . 
D 4 HOH 74 2074 2074 HOH HOH A . 
D 4 HOH 75 2075 2075 HOH HOH A . 
D 4 HOH 76 2076 2076 HOH HOH A . 
D 4 HOH 77 2077 2077 HOH HOH A . 
D 4 HOH 78 2078 2078 HOH HOH A . 
D 4 HOH 79 2079 2079 HOH HOH A . 
D 4 HOH 80 2080 2080 HOH HOH A . 
D 4 HOH 81 2081 2081 HOH HOH A . 
D 4 HOH 82 2082 2082 HOH HOH A . 
D 4 HOH 83 2083 2083 HOH HOH A . 
D 4 HOH 84 2084 2084 HOH HOH A . 
D 4 HOH 85 2085 2085 HOH HOH A . 
D 4 HOH 86 2086 2086 HOH HOH A . 
D 4 HOH 87 2087 2087 HOH HOH A . 
D 4 HOH 88 2088 2088 HOH HOH A . 
D 4 HOH 89 2089 2089 HOH HOH A . 
D 4 HOH 90 2090 2090 HOH HOH A . 
D 4 HOH 91 2091 2091 HOH HOH A . 
D 4 HOH 92 2092 2092 HOH HOH A . 
D 4 HOH 93 2093 2093 HOH HOH A . 
D 4 HOH 94 2094 2094 HOH HOH A . 
D 4 HOH 95 2095 2095 HOH HOH A . 
D 4 HOH 96 2096 2096 HOH HOH A . 
D 4 HOH 97 2097 2097 HOH HOH A . 
D 4 HOH 98 2098 2098 HOH HOH A . 
D 4 HOH 99 2099 2099 HOH HOH A . 
E 4 HOH 1  2001 2001 HOH HOH P . 
# 
loop_
_software.name 
_software.classification 
_software.version 
_software.citation_id 
_software.pdbx_ordinal 
_software.date 
_software.type 
_software.location 
_software.language 
REFMAC        refinement       5.4.0077 ? 1 ? ? ? ? 
XDS           'data reduction' .        ? 2 ? ? ? ? 
XSCALE        'data scaling'   .        ? 3 ? ? ? ? 
Auto-Rickshaw phasing          .        ? 4 ? ? ? ? 
# 
_cell.entry_id           2JKG 
_cell.length_a           45.520 
_cell.length_b           49.700 
_cell.length_c           83.810 
_cell.angle_alpha        90.00 
_cell.angle_beta         90.00 
_cell.angle_gamma        90.00 
_cell.Z_PDB              4 
_cell.pdbx_unique_axis   ? 
# 
_symmetry.entry_id                         2JKG 
_symmetry.space_group_name_H-M             'P 21 21 21' 
_symmetry.pdbx_full_space_group_name_H-M   ? 
_symmetry.cell_setting                     ? 
_symmetry.Int_Tables_number                19 
# 
_exptl.entry_id          2JKG 
_exptl.method            'X-RAY DIFFRACTION' 
_exptl.crystals_number   1 
# 
_exptl_crystal.id                    1 
_exptl_crystal.density_meas          ? 
_exptl_crystal.density_Matthews      2.3 
_exptl_crystal.density_percent_sol   46 
_exptl_crystal.description           NONE 
_exptl_crystal.preparation           ? 
# 
_exptl_crystal_grow.crystal_id      1 
_exptl_crystal_grow.method          ? 
_exptl_crystal_grow.temp            ? 
_exptl_crystal_grow.temp_details    ? 
_exptl_crystal_grow.pH              5 
_exptl_crystal_grow.pdbx_pH_range   ? 
_exptl_crystal_grow.pdbx_details    '80 % TACSIMATE, PH 5' 
# 
loop_
_diffrn.id 
_diffrn.ambient_temp 
_diffrn.ambient_temp_details 
_diffrn.crystal_id 
1 100 ? 1 
2 100 ? 1 
# 
loop_
_diffrn_detector.diffrn_id 
_diffrn_detector.detector 
_diffrn_detector.type 
_diffrn_detector.pdbx_collection_date 
_diffrn_detector.details 
1 CCD 'MARMOSAIC 225 mm CCD' ? 'RH-COATED SI MIRRORS' 
2 ?   ?                      ? ?                      
# 
loop_
_diffrn_radiation.diffrn_id 
_diffrn_radiation.wavelength_id 
_diffrn_radiation.pdbx_monochromatic_or_laue_m_l 
_diffrn_radiation.monochromator 
_diffrn_radiation.pdbx_diffrn_protocol 
_diffrn_radiation.pdbx_scattering_type 
1 1 M 'SI(111) DOUBLE CRYSTAL MONOCHROMATOR' 'SINGLE WAVELENGTH' x-ray 
2 1 M ?                                      MAD                 x-ray 
# 
loop_
_diffrn_radiation_wavelength.id 
_diffrn_radiation_wavelength.wavelength 
_diffrn_radiation_wavelength.wt 
1 1.0    1.0 
2 0.9193 1.0 
3 0.9196 1.0 
4 0.8856 1.0 
# 
loop_
_diffrn_source.diffrn_id 
_diffrn_source.source 
_diffrn_source.type 
_diffrn_source.pdbx_synchrotron_site 
_diffrn_source.pdbx_synchrotron_beamline 
_diffrn_source.pdbx_wavelength 
_diffrn_source.pdbx_wavelength_list 
1 SYNCHROTRON 'MAX II BEAMLINE I911-3'           'MAX II'             I911-3 1.0 ?                        
2 SYNCHROTRON 'EMBL/DESY, HAMBURG BEAMLINE BW7A' 'EMBL/DESY, HAMBURG' BW7A   ?   '0.9193, 0.9196, 0.8856' 
# 
_reflns.pdbx_diffrn_id               1 
_reflns.pdbx_ordinal                 1 
_reflns.entry_id                     2JKG 
_reflns.observed_criterion_sigma_I   -3.0 
_reflns.observed_criterion_sigma_F   ? 
_reflns.d_resolution_low             20.00 
_reflns.d_resolution_high            1.89 
_reflns.number_obs                   15675 
_reflns.number_all                   ? 
_reflns.percent_possible_obs         98.7 
_reflns.pdbx_Rmerge_I_obs            0.07 
_reflns.pdbx_Rsym_value              ? 
_reflns.pdbx_netI_over_sigmaI        14.60 
_reflns.B_iso_Wilson_estimate        35.00 
_reflns.pdbx_redundancy              5.9 
# 
_reflns_shell.pdbx_diffrn_id         1 
_reflns_shell.pdbx_ordinal           1 
_reflns_shell.d_res_high             1.89 
_reflns_shell.d_res_low              1.94 
_reflns_shell.percent_possible_all   89.1 
_reflns_shell.Rmerge_I_obs           0.61 
_reflns_shell.pdbx_Rsym_value        ? 
_reflns_shell.meanI_over_sigI_obs    2.50 
_reflns_shell.pdbx_redundancy        3.6 
# 
_refine.pdbx_refine_id                           'X-RAY DIFFRACTION' 
_refine.entry_id                                 2JKG 
_refine.pdbx_diffrn_id                           1 
_refine.pdbx_TLS_residual_ADP_flag               'LIKELY RESIDUAL' 
_refine.ls_number_reflns_obs                     14883 
_refine.ls_number_reflns_all                     ? 
_refine.pdbx_ls_sigma_I                          ? 
_refine.pdbx_ls_sigma_F                          . 
_refine.pdbx_data_cutoff_high_absF               ? 
_refine.pdbx_data_cutoff_low_absF                ? 
_refine.pdbx_data_cutoff_high_rms_absF           ? 
_refine.ls_d_res_low                             20.00 
_refine.ls_d_res_high                            1.89 
_refine.ls_percent_reflns_obs                    98.9 
_refine.ls_R_factor_obs                          0.178 
_refine.ls_R_factor_all                          ? 
_refine.ls_R_factor_R_work                       0.176 
_refine.ls_R_factor_R_free                       0.217 
_refine.ls_R_factor_R_free_error                 ? 
_refine.ls_R_factor_R_free_error_details         ? 
_refine.ls_percent_reflns_R_free                 5.000 
_refine.ls_number_reflns_R_free                  783 
_refine.ls_number_parameters                     ? 
_refine.ls_number_restraints                     ? 
_refine.occupancy_min                            ? 
_refine.occupancy_max                            ? 
_refine.correlation_coeff_Fo_to_Fc               0.966 
_refine.correlation_coeff_Fo_to_Fc_free          0.949 
_refine.B_iso_mean                               15.70 
_refine.aniso_B[1][1]                            -2.19000 
_refine.aniso_B[2][2]                            -1.78000 
_refine.aniso_B[3][3]                            3.97000 
_refine.aniso_B[1][2]                            0.00000 
_refine.aniso_B[1][3]                            0.00000 
_refine.aniso_B[2][3]                            0.00000 
_refine.solvent_model_details                    'BABINET MODEL WITH MASK' 
_refine.solvent_model_param_ksol                 ? 
_refine.solvent_model_param_bsol                 ? 
_refine.pdbx_solvent_vdw_probe_radii             1.20 
_refine.pdbx_solvent_ion_probe_radii             0.80 
_refine.pdbx_solvent_shrinkage_radii             0.80 
_refine.pdbx_ls_cross_valid_method               THROUGHOUT 
_refine.details                                  
'HYDROGENS HAVE BEEN ADDED IN THE RIDING POSITIONS. ATOM RECORD CONTAINS RESIDUAL B FACTORS ONLY.' 
_refine.pdbx_starting_model                      NONE 
_refine.pdbx_method_to_determine_struct          MAD 
_refine.pdbx_isotropic_thermal_model             ? 
_refine.pdbx_stereochemistry_target_values       'MAXIMUM LIKELIHOOD' 
_refine.pdbx_stereochem_target_val_spec_case     ? 
_refine.pdbx_R_Free_selection_details            RANDOM 
_refine.pdbx_overall_ESU_R                       0.136 
_refine.pdbx_overall_ESU_R_Free                  0.131 
_refine.overall_SU_ML                            0.094 
_refine.pdbx_overall_phase_error                 ? 
_refine.overall_SU_B                             7.187 
_refine.overall_SU_R_Cruickshank_DPI             ? 
_refine.pdbx_overall_SU_R_free_Cruickshank_DPI   ? 
_refine.pdbx_overall_SU_R_Blow_DPI               ? 
_refine.pdbx_overall_SU_R_free_Blow_DPI          ? 
# 
_refine_hist.pdbx_refine_id                   'X-RAY DIFFRACTION' 
_refine_hist.cycle_id                         LAST 
_refine_hist.pdbx_number_atoms_protein        1351 
_refine_hist.pdbx_number_atoms_nucleic_acid   0 
_refine_hist.pdbx_number_atoms_ligand         1 
_refine_hist.number_atoms_solvent             100 
_refine_hist.number_atoms_total               1452 
_refine_hist.d_res_high                       1.89 
_refine_hist.d_res_low                        20.00 
# 
loop_
_refine_ls_restr.type 
_refine_ls_restr.dev_ideal 
_refine_ls_restr.dev_ideal_target 
_refine_ls_restr.weight 
_refine_ls_restr.number 
_refine_ls_restr.pdbx_refine_id 
_refine_ls_restr.pdbx_restraint_function 
r_bond_refined_d             0.014  0.022  ? 1384 'X-RAY DIFFRACTION' ? 
r_bond_other_d               0.001  0.020  ? 916  'X-RAY DIFFRACTION' ? 
r_angle_refined_deg          1.533  1.966  ? 1881 'X-RAY DIFFRACTION' ? 
r_angle_other_deg            1.515  3.000  ? 2249 'X-RAY DIFFRACTION' ? 
r_dihedral_angle_1_deg       16.237 5.000  ? 171  'X-RAY DIFFRACTION' ? 
r_dihedral_angle_2_deg       32.655 26.232 ? 69   'X-RAY DIFFRACTION' ? 
r_dihedral_angle_3_deg       14.642 15.000 ? 218  'X-RAY DIFFRACTION' ? 
r_dihedral_angle_4_deg       10.113 15.000 ? 3    'X-RAY DIFFRACTION' ? 
r_chiral_restr               0.092  0.200  ? 201  'X-RAY DIFFRACTION' ? 
r_gen_planes_refined         0.009  0.021  ? 1563 'X-RAY DIFFRACTION' ? 
r_gen_planes_other           0.003  0.020  ? 261  'X-RAY DIFFRACTION' ? 
r_nbd_refined                ?      ?      ? ?    'X-RAY DIFFRACTION' ? 
r_nbd_other                  ?      ?      ? ?    'X-RAY DIFFRACTION' ? 
r_nbtor_refined              ?      ?      ? ?    'X-RAY DIFFRACTION' ? 
r_nbtor_other                ?      ?      ? ?    'X-RAY DIFFRACTION' ? 
r_xyhbond_nbd_refined        ?      ?      ? ?    'X-RAY DIFFRACTION' ? 
r_xyhbond_nbd_other          ?      ?      ? ?    'X-RAY DIFFRACTION' ? 
r_metal_ion_refined          ?      ?      ? ?    'X-RAY DIFFRACTION' ? 
r_metal_ion_other            ?      ?      ? ?    'X-RAY DIFFRACTION' ? 
r_symmetry_vdw_refined       ?      ?      ? ?    'X-RAY DIFFRACTION' ? 
r_symmetry_vdw_other         ?      ?      ? ?    'X-RAY DIFFRACTION' ? 
r_symmetry_hbond_refined     ?      ?      ? ?    'X-RAY DIFFRACTION' ? 
r_symmetry_hbond_other       ?      ?      ? ?    'X-RAY DIFFRACTION' ? 
r_symmetry_metal_ion_refined ?      ?      ? ?    'X-RAY DIFFRACTION' ? 
r_symmetry_metal_ion_other   ?      ?      ? ?    'X-RAY DIFFRACTION' ? 
r_mcbond_it                  1.106  2.000  ? 813  'X-RAY DIFFRACTION' ? 
r_mcbond_other               ?      ?      ? ?    'X-RAY DIFFRACTION' ? 
r_mcangle_it                 1.974  3.000  ? 1298 'X-RAY DIFFRACTION' ? 
r_mcangle_other              ?      ?      ? ?    'X-RAY DIFFRACTION' ? 
r_scbond_it                  2.368  4.000  ? 509  'X-RAY DIFFRACTION' ? 
r_scbond_other               ?      ?      ? ?    'X-RAY DIFFRACTION' ? 
r_scangle_it                 3.620  5.000  ? 494  'X-RAY DIFFRACTION' ? 
r_scangle_other              ?      ?      ? ?    'X-RAY DIFFRACTION' ? 
r_long_range_B_refined       ?      ?      ? ?    'X-RAY DIFFRACTION' ? 
r_long_range_B_other         ?      ?      ? ?    'X-RAY DIFFRACTION' ? 
r_rigid_bond_restr           ?      ?      ? ?    'X-RAY DIFFRACTION' ? 
r_sphericity_free            ?      ?      ? ?    'X-RAY DIFFRACTION' ? 
r_sphericity_bonded          ?      ?      ? ?    'X-RAY DIFFRACTION' ? 
# 
_refine_ls_shell.pdbx_refine_id                   'X-RAY DIFFRACTION' 
_refine_ls_shell.pdbx_total_number_of_bins_used   20 
_refine_ls_shell.d_res_high                       1.89 
_refine_ls_shell.d_res_low                        1.94 
_refine_ls_shell.number_reflns_R_work             959 
_refine_ls_shell.R_factor_R_work                  0.3050 
_refine_ls_shell.percent_reflns_obs               ? 
_refine_ls_shell.R_factor_R_free                  0.2950 
_refine_ls_shell.R_factor_R_free_error            ? 
_refine_ls_shell.percent_reflns_R_free            ? 
_refine_ls_shell.number_reflns_R_free             50 
_refine_ls_shell.number_reflns_all                ? 
_refine_ls_shell.R_factor_all                     ? 
# 
_struct.entry_id                  2JKG 
_struct.title                     'Plasmodium falciparum profilin' 
_struct.pdbx_model_details        ? 
_struct.pdbx_CASP_flag            ? 
_struct.pdbx_model_type_details   ? 
# 
_struct_keywords.entry_id        2JKG 
_struct_keywords.pdbx_keywords   'PROTEIN BINDING' 
_struct_keywords.text            'PROLINE-RICH LIGAND, PROTEIN-BINDING, MALARIA, CYTOSKELETON, PROTEIN BINDING' 
# 
loop_
_struct_asym.id 
_struct_asym.pdbx_blank_PDB_chainid_flag 
_struct_asym.pdbx_modified 
_struct_asym.entity_id 
_struct_asym.details 
A N N 1 ? 
B N N 2 ? 
C N N 3 ? 
D N N 4 ? 
E N N 4 ? 
# 
loop_
_struct_ref.id 
_struct_ref.db_name 
_struct_ref.db_code 
_struct_ref.entity_id 
_struct_ref.pdbx_seq_one_letter_code 
_struct_ref.pdbx_align_begin 
_struct_ref.pdbx_db_accession 
_struct_ref.pdbx_db_isoform 
1 UNP Q8I2J4_PLAF7 1 ? ? Q8I2J4 ? 
2 PDB 2JKG         2 ? ? 2JKG   ? 
# 
loop_
_struct_ref_seq.align_id 
_struct_ref_seq.ref_id 
_struct_ref_seq.pdbx_PDB_id_code 
_struct_ref_seq.pdbx_strand_id 
_struct_ref_seq.seq_align_beg 
_struct_ref_seq.pdbx_seq_align_beg_ins_code 
_struct_ref_seq.seq_align_end 
_struct_ref_seq.pdbx_seq_align_end_ins_code 
_struct_ref_seq.pdbx_db_accession 
_struct_ref_seq.db_align_beg 
_struct_ref_seq.pdbx_db_align_beg_ins_code 
_struct_ref_seq.db_align_end 
_struct_ref_seq.pdbx_db_align_end_ins_code 
_struct_ref_seq.pdbx_auth_seq_align_beg 
_struct_ref_seq.pdbx_auth_seq_align_end 
1 1 2JKG A 1 ? 171 ? Q8I2J4 1 ? 171 ? 1 171 
2 2 2JKG P 1 ? 8   ? 2JKG   0 ? 7   ? 0 7   
# 
loop_
_struct_ref_seq_dif.align_id 
_struct_ref_seq_dif.pdbx_pdb_id_code 
_struct_ref_seq_dif.mon_id 
_struct_ref_seq_dif.pdbx_pdb_strand_id 
_struct_ref_seq_dif.seq_num 
_struct_ref_seq_dif.pdbx_pdb_ins_code 
_struct_ref_seq_dif.pdbx_seq_db_name 
_struct_ref_seq_dif.pdbx_seq_db_accession_code 
_struct_ref_seq_dif.db_mon_id 
_struct_ref_seq_dif.pdbx_seq_db_seq_num 
_struct_ref_seq_dif.details 
_struct_ref_seq_dif.pdbx_auth_seq_num 
_struct_ref_seq_dif.pdbx_ordinal 
1 2JKG LEU A 172 ? UNP Q8I2J4 ? ? 'expression tag' 172 1 
1 2JKG GLN A 173 ? UNP Q8I2J4 ? ? 'expression tag' 173 2 
1 2JKG HIS A 174 ? UNP Q8I2J4 ? ? 'expression tag' 174 3 
1 2JKG HIS A 175 ? UNP Q8I2J4 ? ? 'expression tag' 175 4 
1 2JKG HIS A 176 ? UNP Q8I2J4 ? ? 'expression tag' 176 5 
1 2JKG HIS A 177 ? UNP Q8I2J4 ? ? 'expression tag' 177 6 
1 2JKG HIS A 178 ? UNP Q8I2J4 ? ? 'expression tag' 178 7 
1 2JKG HIS A 179 ? UNP Q8I2J4 ? ? 'expression tag' 179 8 
# 
_pdbx_struct_assembly.id                   1 
_pdbx_struct_assembly.details              author_and_software_defined_assembly 
_pdbx_struct_assembly.method_details       PISA 
_pdbx_struct_assembly.oligomeric_details   dimeric 
_pdbx_struct_assembly.oligomeric_count     2 
# 
loop_
_pdbx_struct_assembly_prop.biol_id 
_pdbx_struct_assembly_prop.type 
_pdbx_struct_assembly_prop.value 
_pdbx_struct_assembly_prop.details 
1 'ABSA (A^2)' 730   ? 
1 MORE         -9.2  ? 
1 'SSA (A^2)'  11270 ? 
# 
_pdbx_struct_assembly_gen.assembly_id       1 
_pdbx_struct_assembly_gen.oper_expression   1 
_pdbx_struct_assembly_gen.asym_id_list      A,B,C,D,E 
# 
_pdbx_struct_oper_list.id                   1 
_pdbx_struct_oper_list.type                 'identity operation' 
_pdbx_struct_oper_list.name                 1_555 
_pdbx_struct_oper_list.symmetry_operation   x,y,z 
_pdbx_struct_oper_list.matrix[1][1]         1.0000000000 
_pdbx_struct_oper_list.matrix[1][2]         0.0000000000 
_pdbx_struct_oper_list.matrix[1][3]         0.0000000000 
_pdbx_struct_oper_list.vector[1]            0.0000000000 
_pdbx_struct_oper_list.matrix[2][1]         0.0000000000 
_pdbx_struct_oper_list.matrix[2][2]         1.0000000000 
_pdbx_struct_oper_list.matrix[2][3]         0.0000000000 
_pdbx_struct_oper_list.vector[2]            0.0000000000 
_pdbx_struct_oper_list.matrix[3][1]         0.0000000000 
_pdbx_struct_oper_list.matrix[3][2]         0.0000000000 
_pdbx_struct_oper_list.matrix[3][3]         1.0000000000 
_pdbx_struct_oper_list.vector[3]            0.0000000000 
# 
loop_
_struct_conf.conf_type_id 
_struct_conf.id 
_struct_conf.pdbx_PDB_helix_id 
_struct_conf.beg_label_comp_id 
_struct_conf.beg_label_asym_id 
_struct_conf.beg_label_seq_id 
_struct_conf.pdbx_beg_PDB_ins_code 
_struct_conf.end_label_comp_id 
_struct_conf.end_label_asym_id 
_struct_conf.end_label_seq_id 
_struct_conf.pdbx_end_PDB_ins_code 
_struct_conf.beg_auth_comp_id 
_struct_conf.beg_auth_asym_id 
_struct_conf.beg_auth_seq_id 
_struct_conf.end_auth_comp_id 
_struct_conf.end_auth_asym_id 
_struct_conf.end_auth_seq_id 
_struct_conf.pdbx_PDB_helix_class 
_struct_conf.details 
_struct_conf.pdbx_PDB_helix_length 
HELX_P HELX_P1 1 SER A 6   ? LEU A 15  ? SER A 6   LEU A 15  1 ? 10 
HELX_P HELX_P2 2 LEU A 16  ? ASN A 19  ? LEU A 16  ASN A 19  5 ? 4  
HELX_P HELX_P3 3 ASP A 49  ? PHE A 54  ? ASP A 49  PHE A 54  5 ? 6  
HELX_P HELX_P4 4 ASN A 76  ? GLY A 88  ? ASN A 76  GLY A 88  1 ? 13 
HELX_P HELX_P5 5 GLU A 147 ? GLU A 149 ? GLU A 147 GLU A 149 5 ? 3  
HELX_P HELX_P6 6 ASP A 151 ? SER A 169 ? ASP A 151 SER A 169 1 ? 19 
# 
_struct_conf_type.id          HELX_P 
_struct_conf_type.criteria    ? 
_struct_conf_type.reference   ? 
# 
loop_
_struct_conn.id 
_struct_conn.conn_type_id 
_struct_conn.pdbx_leaving_atom_flag 
_struct_conn.pdbx_PDB_id 
_struct_conn.ptnr1_label_asym_id 
_struct_conn.ptnr1_label_comp_id 
_struct_conn.ptnr1_label_seq_id 
_struct_conn.ptnr1_label_atom_id 
_struct_conn.pdbx_ptnr1_label_alt_id 
_struct_conn.pdbx_ptnr1_PDB_ins_code 
_struct_conn.pdbx_ptnr1_standard_comp_id 
_struct_conn.ptnr1_symmetry 
_struct_conn.ptnr2_label_asym_id 
_struct_conn.ptnr2_label_comp_id 
_struct_conn.ptnr2_label_seq_id 
_struct_conn.ptnr2_label_atom_id 
_struct_conn.pdbx_ptnr2_label_alt_id 
_struct_conn.pdbx_ptnr2_PDB_ins_code 
_struct_conn.ptnr1_auth_asym_id 
_struct_conn.ptnr1_auth_comp_id 
_struct_conn.ptnr1_auth_seq_id 
_struct_conn.ptnr2_auth_asym_id 
_struct_conn.ptnr2_auth_comp_id 
_struct_conn.ptnr2_auth_seq_id 
_struct_conn.ptnr2_symmetry 
_struct_conn.pdbx_ptnr3_label_atom_id 
_struct_conn.pdbx_ptnr3_label_seq_id 
_struct_conn.pdbx_ptnr3_label_comp_id 
_struct_conn.pdbx_ptnr3_label_asym_id 
_struct_conn.pdbx_ptnr3_label_alt_id 
_struct_conn.pdbx_ptnr3_PDB_ins_code 
_struct_conn.details 
_struct_conn.pdbx_dist_value 
_struct_conn.pdbx_value_order 
_struct_conn.pdbx_role 
metalc1 metalc ? ? A PRO 91  O  ? ? ? 1_555 C MG  . MG ? ? A PRO 91   A MG  1170 1_555 ? ? ? ? ? ? ? 2.144 ? ? 
metalc2 metalc ? ? A ARG 108 O  ? ? ? 4_455 C MG  . MG ? ? A ARG 108  A MG  1170 1_555 ? ? ? ? ? ? ? 2.327 ? ? 
metalc3 metalc ? ? C MG  .   MG ? ? ? 1_555 D HOH . O  ? ? A MG  1170 A HOH 2069 4_455 ? ? ? ? ? ? ? 2.275 ? ? 
metalc4 metalc ? ? C MG  .   MG ? ? ? 1_555 D HOH . O  ? ? A MG  1170 A HOH 2070 4_455 ? ? ? ? ? ? ? 2.509 ? ? 
# 
_struct_conn_type.id          metalc 
_struct_conn_type.criteria    ? 
_struct_conn_type.reference   ? 
# 
loop_
_pdbx_struct_conn_angle.id 
_pdbx_struct_conn_angle.ptnr1_label_atom_id 
_pdbx_struct_conn_angle.ptnr1_label_alt_id 
_pdbx_struct_conn_angle.ptnr1_label_asym_id 
_pdbx_struct_conn_angle.ptnr1_label_comp_id 
_pdbx_struct_conn_angle.ptnr1_label_seq_id 
_pdbx_struct_conn_angle.ptnr1_auth_atom_id 
_pdbx_struct_conn_angle.ptnr1_auth_asym_id 
_pdbx_struct_conn_angle.ptnr1_auth_comp_id 
_pdbx_struct_conn_angle.ptnr1_auth_seq_id 
_pdbx_struct_conn_angle.ptnr1_PDB_ins_code 
_pdbx_struct_conn_angle.ptnr1_symmetry 
_pdbx_struct_conn_angle.ptnr2_label_atom_id 
_pdbx_struct_conn_angle.ptnr2_label_alt_id 
_pdbx_struct_conn_angle.ptnr2_label_asym_id 
_pdbx_struct_conn_angle.ptnr2_label_comp_id 
_pdbx_struct_conn_angle.ptnr2_label_seq_id 
_pdbx_struct_conn_angle.ptnr2_auth_atom_id 
_pdbx_struct_conn_angle.ptnr2_auth_asym_id 
_pdbx_struct_conn_angle.ptnr2_auth_comp_id 
_pdbx_struct_conn_angle.ptnr2_auth_seq_id 
_pdbx_struct_conn_angle.ptnr2_PDB_ins_code 
_pdbx_struct_conn_angle.ptnr2_symmetry 
_pdbx_struct_conn_angle.ptnr3_label_atom_id 
_pdbx_struct_conn_angle.ptnr3_label_alt_id 
_pdbx_struct_conn_angle.ptnr3_label_asym_id 
_pdbx_struct_conn_angle.ptnr3_label_comp_id 
_pdbx_struct_conn_angle.ptnr3_label_seq_id 
_pdbx_struct_conn_angle.ptnr3_auth_atom_id 
_pdbx_struct_conn_angle.ptnr3_auth_asym_id 
_pdbx_struct_conn_angle.ptnr3_auth_comp_id 
_pdbx_struct_conn_angle.ptnr3_auth_seq_id 
_pdbx_struct_conn_angle.ptnr3_PDB_ins_code 
_pdbx_struct_conn_angle.ptnr3_symmetry 
_pdbx_struct_conn_angle.value 
_pdbx_struct_conn_angle.value_esd 
1 O ? A PRO 91  ? A PRO 91   ? 1_555 MG ? C MG . ? A MG 1170 ? 1_555 O ? A ARG 108 ? A ARG 108  ? 4_455 118.0 ? 
2 O ? A PRO 91  ? A PRO 91   ? 1_555 MG ? C MG . ? A MG 1170 ? 1_555 O ? D HOH .   ? A HOH 2069 ? 4_455 95.8  ? 
3 O ? A ARG 108 ? A ARG 108  ? 4_455 MG ? C MG . ? A MG 1170 ? 1_555 O ? D HOH .   ? A HOH 2069 ? 4_455 92.8  ? 
4 O ? A PRO 91  ? A PRO 91   ? 1_555 MG ? C MG . ? A MG 1170 ? 1_555 O ? D HOH .   ? A HOH 2070 ? 4_455 102.4 ? 
5 O ? A ARG 108 ? A ARG 108  ? 4_455 MG ? C MG . ? A MG 1170 ? 1_555 O ? D HOH .   ? A HOH 2070 ? 4_455 96.6  ? 
6 O ? D HOH .   ? A HOH 2069 ? 4_455 MG ? C MG . ? A MG 1170 ? 1_555 O ? D HOH .   ? A HOH 2070 ? 4_455 152.4 ? 
# 
_struct_mon_prot_cis.pdbx_id                1 
_struct_mon_prot_cis.label_comp_id          GLU 
_struct_mon_prot_cis.label_seq_id           43 
_struct_mon_prot_cis.label_asym_id          A 
_struct_mon_prot_cis.label_alt_id           . 
_struct_mon_prot_cis.pdbx_PDB_ins_code      ? 
_struct_mon_prot_cis.auth_comp_id           GLU 
_struct_mon_prot_cis.auth_seq_id            43 
_struct_mon_prot_cis.auth_asym_id           A 
_struct_mon_prot_cis.pdbx_label_comp_id_2   SER 
_struct_mon_prot_cis.pdbx_label_seq_id_2    44 
_struct_mon_prot_cis.pdbx_label_asym_id_2   A 
_struct_mon_prot_cis.pdbx_PDB_ins_code_2    ? 
_struct_mon_prot_cis.pdbx_auth_comp_id_2    SER 
_struct_mon_prot_cis.pdbx_auth_seq_id_2     44 
_struct_mon_prot_cis.pdbx_auth_asym_id_2    A 
_struct_mon_prot_cis.pdbx_PDB_model_num     1 
_struct_mon_prot_cis.pdbx_omega_angle       -13.42 
# 
loop_
_struct_sheet.id 
_struct_sheet.type 
_struct_sheet.number_strands 
_struct_sheet.details 
AA ? 7 ? 
AB ? 2 ? 
# 
loop_
_struct_sheet_order.sheet_id 
_struct_sheet_order.range_id_1 
_struct_sheet_order.range_id_2 
_struct_sheet_order.offset 
_struct_sheet_order.sense 
AA 1 2 ? anti-parallel 
AA 2 3 ? anti-parallel 
AA 3 4 ? anti-parallel 
AA 4 5 ? anti-parallel 
AA 5 6 ? anti-parallel 
AA 6 7 ? anti-parallel 
AB 1 2 ? anti-parallel 
# 
loop_
_struct_sheet_range.sheet_id 
_struct_sheet_range.id 
_struct_sheet_range.beg_label_comp_id 
_struct_sheet_range.beg_label_asym_id 
_struct_sheet_range.beg_label_seq_id 
_struct_sheet_range.pdbx_beg_PDB_ins_code 
_struct_sheet_range.end_label_comp_id 
_struct_sheet_range.end_label_asym_id 
_struct_sheet_range.end_label_seq_id 
_struct_sheet_range.pdbx_end_PDB_ins_code 
_struct_sheet_range.beg_auth_comp_id 
_struct_sheet_range.beg_auth_asym_id 
_struct_sheet_range.beg_auth_seq_id 
_struct_sheet_range.end_auth_comp_id 
_struct_sheet_range.end_auth_asym_id 
_struct_sheet_range.end_auth_seq_id 
AA 1 VAL A 34  ? ALA A 39  ? VAL A 34  ALA A 39  
AA 2 GLY A 23  ? SER A 28  ? GLY A 23  SER A 28  
AA 3 ASN A 138 ? ASP A 145 ? ASN A 138 ASP A 145 
AA 4 GLY A 127 ? VAL A 134 ? GLY A 127 VAL A 134 
AA 5 TYR A 115 ? LYS A 124 ? TYR A 115 LYS A 124 
AA 6 THR A 99  ? PHE A 112 ? THR A 99  PHE A 112 
AA 7 VAL A 94  ? LEU A 96  ? VAL A 94  LEU A 96  
AB 1 TYR A 59  ? GLU A 64  ? TYR A 59  GLU A 64  
AB 2 LYS A 70  ? ILE A 75  ? LYS A 70  ILE A 75  
# 
loop_
_pdbx_struct_sheet_hbond.sheet_id 
_pdbx_struct_sheet_hbond.range_id_1 
_pdbx_struct_sheet_hbond.range_id_2 
_pdbx_struct_sheet_hbond.range_1_label_atom_id 
_pdbx_struct_sheet_hbond.range_1_label_comp_id 
_pdbx_struct_sheet_hbond.range_1_label_asym_id 
_pdbx_struct_sheet_hbond.range_1_label_seq_id 
_pdbx_struct_sheet_hbond.range_1_PDB_ins_code 
_pdbx_struct_sheet_hbond.range_1_auth_atom_id 
_pdbx_struct_sheet_hbond.range_1_auth_comp_id 
_pdbx_struct_sheet_hbond.range_1_auth_asym_id 
_pdbx_struct_sheet_hbond.range_1_auth_seq_id 
_pdbx_struct_sheet_hbond.range_2_label_atom_id 
_pdbx_struct_sheet_hbond.range_2_label_comp_id 
_pdbx_struct_sheet_hbond.range_2_label_asym_id 
_pdbx_struct_sheet_hbond.range_2_label_seq_id 
_pdbx_struct_sheet_hbond.range_2_PDB_ins_code 
_pdbx_struct_sheet_hbond.range_2_auth_atom_id 
_pdbx_struct_sheet_hbond.range_2_auth_comp_id 
_pdbx_struct_sheet_hbond.range_2_auth_asym_id 
_pdbx_struct_sheet_hbond.range_2_auth_seq_id 
AA 1 2 N VAL A 38  ? N VAL A 38  O ALA A 24  ? O ALA A 24  
AA 2 3 N ALA A 27  ? N ALA A 27  O ILE A 139 ? O ILE A 139 
AA 3 4 N TYR A 144 ? N TYR A 144 O GLY A 128 ? O GLY A 128 
AA 4 5 N LYS A 133 ? N LYS A 133 O ASP A 118 ? O ASP A 118 
AA 5 6 N ALA A 123 ? N ALA A 123 O GLN A 102 ? O GLN A 102 
AA 6 7 N TYR A 101 ? N TYR A 101 O VAL A 94  ? O VAL A 94  
AB 1 2 N VAL A 63  ? N VAL A 63  O THR A 71  ? O THR A 71  
# 
_struct_site.id                   AC1 
_struct_site.pdbx_evidence_code   Software 
_struct_site.pdbx_auth_asym_id    A 
_struct_site.pdbx_auth_comp_id    MG 
_struct_site.pdbx_auth_seq_id     1170 
_struct_site.pdbx_auth_ins_code   ? 
_struct_site.pdbx_num_residues    5 
_struct_site.details              'BINDING SITE FOR RESIDUE MG A 1170' 
# 
loop_
_struct_site_gen.id 
_struct_site_gen.site_id 
_struct_site_gen.pdbx_num_res 
_struct_site_gen.label_comp_id 
_struct_site_gen.label_asym_id 
_struct_site_gen.label_seq_id 
_struct_site_gen.pdbx_auth_ins_code 
_struct_site_gen.auth_comp_id 
_struct_site_gen.auth_asym_id 
_struct_site_gen.auth_seq_id 
_struct_site_gen.label_atom_id 
_struct_site_gen.label_alt_id 
_struct_site_gen.symmetry 
_struct_site_gen.details 
1 AC1 5 PRO A 91  ? PRO A 91   . ? 1_555 ? 
2 AC1 5 ASP A 92  ? ASP A 92   . ? 1_555 ? 
3 AC1 5 ARG A 108 ? ARG A 108  . ? 4_455 ? 
4 AC1 5 HOH D .   ? HOH A 2069 . ? 4_455 ? 
5 AC1 5 HOH D .   ? HOH A 2070 . ? 4_455 ? 
# 
loop_
_pdbx_validate_close_contact.id 
_pdbx_validate_close_contact.PDB_model_num 
_pdbx_validate_close_contact.auth_atom_id_1 
_pdbx_validate_close_contact.auth_asym_id_1 
_pdbx_validate_close_contact.auth_comp_id_1 
_pdbx_validate_close_contact.auth_seq_id_1 
_pdbx_validate_close_contact.PDB_ins_code_1 
_pdbx_validate_close_contact.label_alt_id_1 
_pdbx_validate_close_contact.auth_atom_id_2 
_pdbx_validate_close_contact.auth_asym_id_2 
_pdbx_validate_close_contact.auth_comp_id_2 
_pdbx_validate_close_contact.auth_seq_id_2 
_pdbx_validate_close_contact.PDB_ins_code_2 
_pdbx_validate_close_contact.label_alt_id_2 
_pdbx_validate_close_contact.dist 
1 1 OG A SER 28   ? ? OE1 A GLU 30   ? ? 2.02 
2 1 O  A HOH 2051 ? ? O   A HOH 2058 ? ? 2.19 
# 
_pdbx_validate_symm_contact.id                1 
_pdbx_validate_symm_contact.PDB_model_num     1 
_pdbx_validate_symm_contact.auth_atom_id_1    N 
_pdbx_validate_symm_contact.auth_asym_id_1    P 
_pdbx_validate_symm_contact.auth_comp_id_1    PRO 
_pdbx_validate_symm_contact.auth_seq_id_1     0 
_pdbx_validate_symm_contact.PDB_ins_code_1    ? 
_pdbx_validate_symm_contact.label_alt_id_1    ? 
_pdbx_validate_symm_contact.site_symmetry_1   1_555 
_pdbx_validate_symm_contact.auth_atom_id_2    C 
_pdbx_validate_symm_contact.auth_asym_id_2    P 
_pdbx_validate_symm_contact.auth_comp_id_2    PRO 
_pdbx_validate_symm_contact.auth_seq_id_2     7 
_pdbx_validate_symm_contact.PDB_ins_code_2    ? 
_pdbx_validate_symm_contact.label_alt_id_2    ? 
_pdbx_validate_symm_contact.site_symmetry_2   4_445 
_pdbx_validate_symm_contact.dist              1.52 
# 
loop_
_pdbx_validate_torsion.id 
_pdbx_validate_torsion.PDB_model_num 
_pdbx_validate_torsion.auth_comp_id 
_pdbx_validate_torsion.auth_asym_id 
_pdbx_validate_torsion.auth_seq_id 
_pdbx_validate_torsion.PDB_ins_code 
_pdbx_validate_torsion.label_alt_id 
_pdbx_validate_torsion.phi 
_pdbx_validate_torsion.psi 
1 1 LEU A 15 ? ? -133.07 -52.18 
2 1 GLU A 42 ? ? -93.22  55.16  
3 1 GLU A 43 ? ? -34.81  120.70 
4 1 ASP A 45 ? ? 3.71    104.48 
5 1 ASN A 47 ? ? -143.98 -1.87  
# 
loop_
_pdbx_validate_peptide_omega.id 
_pdbx_validate_peptide_omega.PDB_model_num 
_pdbx_validate_peptide_omega.auth_comp_id_1 
_pdbx_validate_peptide_omega.auth_asym_id_1 
_pdbx_validate_peptide_omega.auth_seq_id_1 
_pdbx_validate_peptide_omega.PDB_ins_code_1 
_pdbx_validate_peptide_omega.label_alt_id_1 
_pdbx_validate_peptide_omega.auth_comp_id_2 
_pdbx_validate_peptide_omega.auth_asym_id_2 
_pdbx_validate_peptide_omega.auth_seq_id_2 
_pdbx_validate_peptide_omega.PDB_ins_code_2 
_pdbx_validate_peptide_omega.label_alt_id_2 
_pdbx_validate_peptide_omega.omega 
1 1 SER A 44 ? ? ASP A 45 ? ? 66.81   
2 1 ASP A 45 ? ? PRO A 46 ? ? -138.52 
3 1 PRO A 46 ? ? ASN A 47 ? ? -123.81 
# 
loop_
_pdbx_refine_tls.pdbx_refine_id 
_pdbx_refine_tls.id 
_pdbx_refine_tls.details 
_pdbx_refine_tls.method 
_pdbx_refine_tls.origin_x 
_pdbx_refine_tls.origin_y 
_pdbx_refine_tls.origin_z 
_pdbx_refine_tls.T[1][1] 
_pdbx_refine_tls.T[2][2] 
_pdbx_refine_tls.T[3][3] 
_pdbx_refine_tls.T[1][2] 
_pdbx_refine_tls.T[1][3] 
_pdbx_refine_tls.T[2][3] 
_pdbx_refine_tls.L[1][1] 
_pdbx_refine_tls.L[2][2] 
_pdbx_refine_tls.L[3][3] 
_pdbx_refine_tls.L[1][2] 
_pdbx_refine_tls.L[1][3] 
_pdbx_refine_tls.L[2][3] 
_pdbx_refine_tls.S[1][1] 
_pdbx_refine_tls.S[1][2] 
_pdbx_refine_tls.S[1][3] 
_pdbx_refine_tls.S[2][1] 
_pdbx_refine_tls.S[2][2] 
_pdbx_refine_tls.S[2][3] 
_pdbx_refine_tls.S[3][1] 
_pdbx_refine_tls.S[3][2] 
_pdbx_refine_tls.S[3][3] 
'X-RAY DIFFRACTION' 1 ? refined -3.2248  1.2791  8.8331   0.2056 0.2670 0.2146 0.0653  0.0203  0.0220  3.5010  2.7005  3.7438  0.8192  -0.3749  0.5015  0.0684  -0.6954 0.0641  0.3308  0.0008  0.0813  0.0024  -0.2357 -0.0690 
'X-RAY DIFFRACTION' 2 ? refined -9.6667  15.9251 5.4367   0.2295 0.2567 0.3530 0.1691  -0.0304 -0.1092 20.4342 32.8649 8.7424  -5.8530 -5.5813  -5.0732 -1.0482 -1.3770 0.6051  0.6864  0.8193  -0.3019 -0.4776 -1.1924 0.2289  
'X-RAY DIFFRACTION' 3 ? refined -10.4611 2.4428  -6.8245  0.1916 0.2255 0.2913 0.0756  -0.0418 0.0626  2.0935  3.4417  10.0032 0.1536  -1.4224  3.8392  -0.0342 0.1844  -0.0572 -0.1795 0.0066  0.5325  -0.3497 -0.7672 0.0276  
'X-RAY DIFFRACTION' 4 ? refined -3.2453  -1.8399 -27.1120 0.2125 0.1963 0.2437 -0.1376 -0.1033 -0.0771 27.4357 2.9139  17.8080 1.0178  -17.6553 2.4569  -0.0668 -0.9763 0.5067  -0.3874 0.2379  -0.7000 -0.0800 0.2690  -0.1712 
'X-RAY DIFFRACTION' 5 ? refined 1.3377   -5.2028 -8.5702  0.2452 0.1711 0.2516 -0.0033 -0.0042 0.0218  1.4791  2.0673  2.7763  -0.8634 -0.0706  -0.0420 -0.0002 0.0494  -0.0752 -0.0915 0.0754  0.1220  0.0406  -0.0535 -0.0751 
'X-RAY DIFFRACTION' 6 ? refined 6.7097   -2.6099 2.7089   0.2744 0.1820 0.2496 0.0137  0.0144  0.0079  3.4108  1.3707  2.0333  -0.0782 1.6869   -0.0323 0.1598  -0.2866 -0.1404 -0.0059 0.0220  0.0641  -0.0186 -0.0153 -0.1817 
'X-RAY DIFFRACTION' 7 ? refined 8.3733   6.5394  4.2394   0.2739 0.1793 0.2870 0.0098  -0.0099 -0.0506 3.1259  5.9040  8.3151  -1.1545 0.3728   -4.0198 -0.0975 -0.2460 0.4517  0.0617  0.0949  -0.2578 -0.6277 0.0538  0.0026  
'X-RAY DIFFRACTION' 8 ? refined 4.1086   -7.7160 18.0842  0.3379 0.4188 0.1509 0.0160  0.0745  0.1801  53.3232 10.9377 24.5182 9.0600  -1.9403  11.7082 -0.6121 -2.6598 -1.3698 2.5641  -0.5349 -0.1704 2.6216  -0.5047 1.1469 
# 
loop_
_pdbx_refine_tls_group.pdbx_refine_id 
_pdbx_refine_tls_group.id 
_pdbx_refine_tls_group.refine_tls_id 
_pdbx_refine_tls_group.beg_auth_asym_id 
_pdbx_refine_tls_group.beg_auth_seq_id 
_pdbx_refine_tls_group.beg_label_asym_id 
_pdbx_refine_tls_group.beg_label_seq_id 
_pdbx_refine_tls_group.end_auth_asym_id 
_pdbx_refine_tls_group.end_auth_seq_id 
_pdbx_refine_tls_group.end_label_asym_id 
_pdbx_refine_tls_group.end_label_seq_id 
_pdbx_refine_tls_group.selection 
_pdbx_refine_tls_group.selection_details 
'X-RAY DIFFRACTION' 1 1 A 5   ? ? A 38  ? ? ? ? 
'X-RAY DIFFRACTION' 2 2 A 39  ? ? A 48  ? ? ? ? 
'X-RAY DIFFRACTION' 3 3 A 49  ? ? A 62  ? ? ? ? 
'X-RAY DIFFRACTION' 4 4 A 63  ? ? A 73  ? ? ? ? 
'X-RAY DIFFRACTION' 5 5 A 74  ? ? A 108 ? ? ? ? 
'X-RAY DIFFRACTION' 6 6 A 109 ? ? A 144 ? ? ? ? 
'X-RAY DIFFRACTION' 7 7 A 145 ? ? A 164 ? ? ? ? 
'X-RAY DIFFRACTION' 8 8 A 165 ? ? A 169 ? ? ? ? 
# 
loop_
_pdbx_unobs_or_zero_occ_residues.id 
_pdbx_unobs_or_zero_occ_residues.PDB_model_num 
_pdbx_unobs_or_zero_occ_residues.polymer_flag 
_pdbx_unobs_or_zero_occ_residues.occupancy_flag 
_pdbx_unobs_or_zero_occ_residues.auth_asym_id 
_pdbx_unobs_or_zero_occ_residues.auth_comp_id 
_pdbx_unobs_or_zero_occ_residues.auth_seq_id 
_pdbx_unobs_or_zero_occ_residues.PDB_ins_code 
_pdbx_unobs_or_zero_occ_residues.label_asym_id 
_pdbx_unobs_or_zero_occ_residues.label_comp_id 
_pdbx_unobs_or_zero_occ_residues.label_seq_id 
1  1 Y 1 A MET 1   ? A MET 1   
2  1 Y 1 A ALA 2   ? A ALA 2   
3  1 Y 1 A GLU 3   ? A GLU 3   
4  1 Y 1 A GLU 4   ? A GLU 4   
5  1 Y 1 A SER 170 ? A SER 170 
6  1 Y 1 A GLN 171 ? A GLN 171 
7  1 Y 1 A LEU 172 ? A LEU 172 
8  1 Y 1 A GLN 173 ? A GLN 173 
9  1 Y 1 A HIS 174 ? A HIS 174 
10 1 Y 1 A HIS 175 ? A HIS 175 
11 1 Y 1 A HIS 176 ? A HIS 176 
12 1 Y 1 A HIS 177 ? A HIS 177 
13 1 Y 1 A HIS 178 ? A HIS 178 
14 1 Y 1 A HIS 179 ? A HIS 179 
# 
loop_
_chem_comp_atom.comp_id 
_chem_comp_atom.atom_id 
_chem_comp_atom.type_symbol 
_chem_comp_atom.pdbx_aromatic_flag 
_chem_comp_atom.pdbx_stereo_config 
_chem_comp_atom.pdbx_ordinal 
ALA N    N  N N 1   
ALA CA   C  N S 2   
ALA C    C  N N 3   
ALA O    O  N N 4   
ALA CB   C  N N 5   
ALA OXT  O  N N 6   
ALA H    H  N N 7   
ALA H2   H  N N 8   
ALA HA   H  N N 9   
ALA HB1  H  N N 10  
ALA HB2  H  N N 11  
ALA HB3  H  N N 12  
ALA HXT  H  N N 13  
ARG N    N  N N 14  
ARG CA   C  N S 15  
ARG C    C  N N 16  
ARG O    O  N N 17  
ARG CB   C  N N 18  
ARG CG   C  N N 19  
ARG CD   C  N N 20  
ARG NE   N  N N 21  
ARG CZ   C  N N 22  
ARG NH1  N  N N 23  
ARG NH2  N  N N 24  
ARG OXT  O  N N 25  
ARG H    H  N N 26  
ARG H2   H  N N 27  
ARG HA   H  N N 28  
ARG HB2  H  N N 29  
ARG HB3  H  N N 30  
ARG HG2  H  N N 31  
ARG HG3  H  N N 32  
ARG HD2  H  N N 33  
ARG HD3  H  N N 34  
ARG HE   H  N N 35  
ARG HH11 H  N N 36  
ARG HH12 H  N N 37  
ARG HH21 H  N N 38  
ARG HH22 H  N N 39  
ARG HXT  H  N N 40  
ASN N    N  N N 41  
ASN CA   C  N S 42  
ASN C    C  N N 43  
ASN O    O  N N 44  
ASN CB   C  N N 45  
ASN CG   C  N N 46  
ASN OD1  O  N N 47  
ASN ND2  N  N N 48  
ASN OXT  O  N N 49  
ASN H    H  N N 50  
ASN H2   H  N N 51  
ASN HA   H  N N 52  
ASN HB2  H  N N 53  
ASN HB3  H  N N 54  
ASN HD21 H  N N 55  
ASN HD22 H  N N 56  
ASN HXT  H  N N 57  
ASP N    N  N N 58  
ASP CA   C  N S 59  
ASP C    C  N N 60  
ASP O    O  N N 61  
ASP CB   C  N N 62  
ASP CG   C  N N 63  
ASP OD1  O  N N 64  
ASP OD2  O  N N 65  
ASP OXT  O  N N 66  
ASP H    H  N N 67  
ASP H2   H  N N 68  
ASP HA   H  N N 69  
ASP HB2  H  N N 70  
ASP HB3  H  N N 71  
ASP HD2  H  N N 72  
ASP HXT  H  N N 73  
CYS N    N  N N 74  
CYS CA   C  N R 75  
CYS C    C  N N 76  
CYS O    O  N N 77  
CYS CB   C  N N 78  
CYS SG   S  N N 79  
CYS OXT  O  N N 80  
CYS H    H  N N 81  
CYS H2   H  N N 82  
CYS HA   H  N N 83  
CYS HB2  H  N N 84  
CYS HB3  H  N N 85  
CYS HG   H  N N 86  
CYS HXT  H  N N 87  
GLN N    N  N N 88  
GLN CA   C  N S 89  
GLN C    C  N N 90  
GLN O    O  N N 91  
GLN CB   C  N N 92  
GLN CG   C  N N 93  
GLN CD   C  N N 94  
GLN OE1  O  N N 95  
GLN NE2  N  N N 96  
GLN OXT  O  N N 97  
GLN H    H  N N 98  
GLN H2   H  N N 99  
GLN HA   H  N N 100 
GLN HB2  H  N N 101 
GLN HB3  H  N N 102 
GLN HG2  H  N N 103 
GLN HG3  H  N N 104 
GLN HE21 H  N N 105 
GLN HE22 H  N N 106 
GLN HXT  H  N N 107 
GLU N    N  N N 108 
GLU CA   C  N S 109 
GLU C    C  N N 110 
GLU O    O  N N 111 
GLU CB   C  N N 112 
GLU CG   C  N N 113 
GLU CD   C  N N 114 
GLU OE1  O  N N 115 
GLU OE2  O  N N 116 
GLU OXT  O  N N 117 
GLU H    H  N N 118 
GLU H2   H  N N 119 
GLU HA   H  N N 120 
GLU HB2  H  N N 121 
GLU HB3  H  N N 122 
GLU HG2  H  N N 123 
GLU HG3  H  N N 124 
GLU HE2  H  N N 125 
GLU HXT  H  N N 126 
GLY N    N  N N 127 
GLY CA   C  N N 128 
GLY C    C  N N 129 
GLY O    O  N N 130 
GLY OXT  O  N N 131 
GLY H    H  N N 132 
GLY H2   H  N N 133 
GLY HA2  H  N N 134 
GLY HA3  H  N N 135 
GLY HXT  H  N N 136 
HIS N    N  N N 137 
HIS CA   C  N S 138 
HIS C    C  N N 139 
HIS O    O  N N 140 
HIS CB   C  N N 141 
HIS CG   C  Y N 142 
HIS ND1  N  Y N 143 
HIS CD2  C  Y N 144 
HIS CE1  C  Y N 145 
HIS NE2  N  Y N 146 
HIS OXT  O  N N 147 
HIS H    H  N N 148 
HIS H2   H  N N 149 
HIS HA   H  N N 150 
HIS HB2  H  N N 151 
HIS HB3  H  N N 152 
HIS HD1  H  N N 153 
HIS HD2  H  N N 154 
HIS HE1  H  N N 155 
HIS HE2  H  N N 156 
HIS HXT  H  N N 157 
HOH O    O  N N 158 
HOH H1   H  N N 159 
HOH H2   H  N N 160 
ILE N    N  N N 161 
ILE CA   C  N S 162 
ILE C    C  N N 163 
ILE O    O  N N 164 
ILE CB   C  N S 165 
ILE CG1  C  N N 166 
ILE CG2  C  N N 167 
ILE CD1  C  N N 168 
ILE OXT  O  N N 169 
ILE H    H  N N 170 
ILE H2   H  N N 171 
ILE HA   H  N N 172 
ILE HB   H  N N 173 
ILE HG12 H  N N 174 
ILE HG13 H  N N 175 
ILE HG21 H  N N 176 
ILE HG22 H  N N 177 
ILE HG23 H  N N 178 
ILE HD11 H  N N 179 
ILE HD12 H  N N 180 
ILE HD13 H  N N 181 
ILE HXT  H  N N 182 
LEU N    N  N N 183 
LEU CA   C  N S 184 
LEU C    C  N N 185 
LEU O    O  N N 186 
LEU CB   C  N N 187 
LEU CG   C  N N 188 
LEU CD1  C  N N 189 
LEU CD2  C  N N 190 
LEU OXT  O  N N 191 
LEU H    H  N N 192 
LEU H2   H  N N 193 
LEU HA   H  N N 194 
LEU HB2  H  N N 195 
LEU HB3  H  N N 196 
LEU HG   H  N N 197 
LEU HD11 H  N N 198 
LEU HD12 H  N N 199 
LEU HD13 H  N N 200 
LEU HD21 H  N N 201 
LEU HD22 H  N N 202 
LEU HD23 H  N N 203 
LEU HXT  H  N N 204 
LYS N    N  N N 205 
LYS CA   C  N S 206 
LYS C    C  N N 207 
LYS O    O  N N 208 
LYS CB   C  N N 209 
LYS CG   C  N N 210 
LYS CD   C  N N 211 
LYS CE   C  N N 212 
LYS NZ   N  N N 213 
LYS OXT  O  N N 214 
LYS H    H  N N 215 
LYS H2   H  N N 216 
LYS HA   H  N N 217 
LYS HB2  H  N N 218 
LYS HB3  H  N N 219 
LYS HG2  H  N N 220 
LYS HG3  H  N N 221 
LYS HD2  H  N N 222 
LYS HD3  H  N N 223 
LYS HE2  H  N N 224 
LYS HE3  H  N N 225 
LYS HZ1  H  N N 226 
LYS HZ2  H  N N 227 
LYS HZ3  H  N N 228 
LYS HXT  H  N N 229 
MET N    N  N N 230 
MET CA   C  N S 231 
MET C    C  N N 232 
MET O    O  N N 233 
MET CB   C  N N 234 
MET CG   C  N N 235 
MET SD   S  N N 236 
MET CE   C  N N 237 
MET OXT  O  N N 238 
MET H    H  N N 239 
MET H2   H  N N 240 
MET HA   H  N N 241 
MET HB2  H  N N 242 
MET HB3  H  N N 243 
MET HG2  H  N N 244 
MET HG3  H  N N 245 
MET HE1  H  N N 246 
MET HE2  H  N N 247 
MET HE3  H  N N 248 
MET HXT  H  N N 249 
MG  MG   MG N N 250 
PHE N    N  N N 251 
PHE CA   C  N S 252 
PHE C    C  N N 253 
PHE O    O  N N 254 
PHE CB   C  N N 255 
PHE CG   C  Y N 256 
PHE CD1  C  Y N 257 
PHE CD2  C  Y N 258 
PHE CE1  C  Y N 259 
PHE CE2  C  Y N 260 
PHE CZ   C  Y N 261 
PHE OXT  O  N N 262 
PHE H    H  N N 263 
PHE H2   H  N N 264 
PHE HA   H  N N 265 
PHE HB2  H  N N 266 
PHE HB3  H  N N 267 
PHE HD1  H  N N 268 
PHE HD2  H  N N 269 
PHE HE1  H  N N 270 
PHE HE2  H  N N 271 
PHE HZ   H  N N 272 
PHE HXT  H  N N 273 
PRO N    N  N N 274 
PRO CA   C  N S 275 
PRO C    C  N N 276 
PRO O    O  N N 277 
PRO CB   C  N N 278 
PRO CG   C  N N 279 
PRO CD   C  N N 280 
PRO OXT  O  N N 281 
PRO H    H  N N 282 
PRO HA   H  N N 283 
PRO HB2  H  N N 284 
PRO HB3  H  N N 285 
PRO HG2  H  N N 286 
PRO HG3  H  N N 287 
PRO HD2  H  N N 288 
PRO HD3  H  N N 289 
PRO HXT  H  N N 290 
SER N    N  N N 291 
SER CA   C  N S 292 
SER C    C  N N 293 
SER O    O  N N 294 
SER CB   C  N N 295 
SER OG   O  N N 296 
SER OXT  O  N N 297 
SER H    H  N N 298 
SER H2   H  N N 299 
SER HA   H  N N 300 
SER HB2  H  N N 301 
SER HB3  H  N N 302 
SER HG   H  N N 303 
SER HXT  H  N N 304 
THR N    N  N N 305 
THR CA   C  N S 306 
THR C    C  N N 307 
THR O    O  N N 308 
THR CB   C  N R 309 
THR OG1  O  N N 310 
THR CG2  C  N N 311 
THR OXT  O  N N 312 
THR H    H  N N 313 
THR H2   H  N N 314 
THR HA   H  N N 315 
THR HB   H  N N 316 
THR HG1  H  N N 317 
THR HG21 H  N N 318 
THR HG22 H  N N 319 
THR HG23 H  N N 320 
THR HXT  H  N N 321 
TRP N    N  N N 322 
TRP CA   C  N S 323 
TRP C    C  N N 324 
TRP O    O  N N 325 
TRP CB   C  N N 326 
TRP CG   C  Y N 327 
TRP CD1  C  Y N 328 
TRP CD2  C  Y N 329 
TRP NE1  N  Y N 330 
TRP CE2  C  Y N 331 
TRP CE3  C  Y N 332 
TRP CZ2  C  Y N 333 
TRP CZ3  C  Y N 334 
TRP CH2  C  Y N 335 
TRP OXT  O  N N 336 
TRP H    H  N N 337 
TRP H2   H  N N 338 
TRP HA   H  N N 339 
TRP HB2  H  N N 340 
TRP HB3  H  N N 341 
TRP HD1  H  N N 342 
TRP HE1  H  N N 343 
TRP HE3  H  N N 344 
TRP HZ2  H  N N 345 
TRP HZ3  H  N N 346 
TRP HH2  H  N N 347 
TRP HXT  H  N N 348 
TYR N    N  N N 349 
TYR CA   C  N S 350 
TYR C    C  N N 351 
TYR O    O  N N 352 
TYR CB   C  N N 353 
TYR CG   C  Y N 354 
TYR CD1  C  Y N 355 
TYR CD2  C  Y N 356 
TYR CE1  C  Y N 357 
TYR CE2  C  Y N 358 
TYR CZ   C  Y N 359 
TYR OH   O  N N 360 
TYR OXT  O  N N 361 
TYR H    H  N N 362 
TYR H2   H  N N 363 
TYR HA   H  N N 364 
TYR HB2  H  N N 365 
TYR HB3  H  N N 366 
TYR HD1  H  N N 367 
TYR HD2  H  N N 368 
TYR HE1  H  N N 369 
TYR HE2  H  N N 370 
TYR HH   H  N N 371 
TYR HXT  H  N N 372 
VAL N    N  N N 373 
VAL CA   C  N S 374 
VAL C    C  N N 375 
VAL O    O  N N 376 
VAL CB   C  N N 377 
VAL CG1  C  N N 378 
VAL CG2  C  N N 379 
VAL OXT  O  N N 380 
VAL H    H  N N 381 
VAL H2   H  N N 382 
VAL HA   H  N N 383 
VAL HB   H  N N 384 
VAL HG11 H  N N 385 
VAL HG12 H  N N 386 
VAL HG13 H  N N 387 
VAL HG21 H  N N 388 
VAL HG22 H  N N 389 
VAL HG23 H  N N 390 
VAL HXT  H  N N 391 
# 
loop_
_chem_comp_bond.comp_id 
_chem_comp_bond.atom_id_1 
_chem_comp_bond.atom_id_2 
_chem_comp_bond.value_order 
_chem_comp_bond.pdbx_aromatic_flag 
_chem_comp_bond.pdbx_stereo_config 
_chem_comp_bond.pdbx_ordinal 
ALA N   CA   sing N N 1   
ALA N   H    sing N N 2   
ALA N   H2   sing N N 3   
ALA CA  C    sing N N 4   
ALA CA  CB   sing N N 5   
ALA CA  HA   sing N N 6   
ALA C   O    doub N N 7   
ALA C   OXT  sing N N 8   
ALA CB  HB1  sing N N 9   
ALA CB  HB2  sing N N 10  
ALA CB  HB3  sing N N 11  
ALA OXT HXT  sing N N 12  
ARG N   CA   sing N N 13  
ARG N   H    sing N N 14  
ARG N   H2   sing N N 15  
ARG CA  C    sing N N 16  
ARG CA  CB   sing N N 17  
ARG CA  HA   sing N N 18  
ARG C   O    doub N N 19  
ARG C   OXT  sing N N 20  
ARG CB  CG   sing N N 21  
ARG CB  HB2  sing N N 22  
ARG CB  HB3  sing N N 23  
ARG CG  CD   sing N N 24  
ARG CG  HG2  sing N N 25  
ARG CG  HG3  sing N N 26  
ARG CD  NE   sing N N 27  
ARG CD  HD2  sing N N 28  
ARG CD  HD3  sing N N 29  
ARG NE  CZ   sing N N 30  
ARG NE  HE   sing N N 31  
ARG CZ  NH1  sing N N 32  
ARG CZ  NH2  doub N N 33  
ARG NH1 HH11 sing N N 34  
ARG NH1 HH12 sing N N 35  
ARG NH2 HH21 sing N N 36  
ARG NH2 HH22 sing N N 37  
ARG OXT HXT  sing N N 38  
ASN N   CA   sing N N 39  
ASN N   H    sing N N 40  
ASN N   H2   sing N N 41  
ASN CA  C    sing N N 42  
ASN CA  CB   sing N N 43  
ASN CA  HA   sing N N 44  
ASN C   O    doub N N 45  
ASN C   OXT  sing N N 46  
ASN CB  CG   sing N N 47  
ASN CB  HB2  sing N N 48  
ASN CB  HB3  sing N N 49  
ASN CG  OD1  doub N N 50  
ASN CG  ND2  sing N N 51  
ASN ND2 HD21 sing N N 52  
ASN ND2 HD22 sing N N 53  
ASN OXT HXT  sing N N 54  
ASP N   CA   sing N N 55  
ASP N   H    sing N N 56  
ASP N   H2   sing N N 57  
ASP CA  C    sing N N 58  
ASP CA  CB   sing N N 59  
ASP CA  HA   sing N N 60  
ASP C   O    doub N N 61  
ASP C   OXT  sing N N 62  
ASP CB  CG   sing N N 63  
ASP CB  HB2  sing N N 64  
ASP CB  HB3  sing N N 65  
ASP CG  OD1  doub N N 66  
ASP CG  OD2  sing N N 67  
ASP OD2 HD2  sing N N 68  
ASP OXT HXT  sing N N 69  
CYS N   CA   sing N N 70  
CYS N   H    sing N N 71  
CYS N   H2   sing N N 72  
CYS CA  C    sing N N 73  
CYS CA  CB   sing N N 74  
CYS CA  HA   sing N N 75  
CYS C   O    doub N N 76  
CYS C   OXT  sing N N 77  
CYS CB  SG   sing N N 78  
CYS CB  HB2  sing N N 79  
CYS CB  HB3  sing N N 80  
CYS SG  HG   sing N N 81  
CYS OXT HXT  sing N N 82  
GLN N   CA   sing N N 83  
GLN N   H    sing N N 84  
GLN N   H2   sing N N 85  
GLN CA  C    sing N N 86  
GLN CA  CB   sing N N 87  
GLN CA  HA   sing N N 88  
GLN C   O    doub N N 89  
GLN C   OXT  sing N N 90  
GLN CB  CG   sing N N 91  
GLN CB  HB2  sing N N 92  
GLN CB  HB3  sing N N 93  
GLN CG  CD   sing N N 94  
GLN CG  HG2  sing N N 95  
GLN CG  HG3  sing N N 96  
GLN CD  OE1  doub N N 97  
GLN CD  NE2  sing N N 98  
GLN NE2 HE21 sing N N 99  
GLN NE2 HE22 sing N N 100 
GLN OXT HXT  sing N N 101 
GLU N   CA   sing N N 102 
GLU N   H    sing N N 103 
GLU N   H2   sing N N 104 
GLU CA  C    sing N N 105 
GLU CA  CB   sing N N 106 
GLU CA  HA   sing N N 107 
GLU C   O    doub N N 108 
GLU C   OXT  sing N N 109 
GLU CB  CG   sing N N 110 
GLU CB  HB2  sing N N 111 
GLU CB  HB3  sing N N 112 
GLU CG  CD   sing N N 113 
GLU CG  HG2  sing N N 114 
GLU CG  HG3  sing N N 115 
GLU CD  OE1  doub N N 116 
GLU CD  OE2  sing N N 117 
GLU OE2 HE2  sing N N 118 
GLU OXT HXT  sing N N 119 
GLY N   CA   sing N N 120 
GLY N   H    sing N N 121 
GLY N   H2   sing N N 122 
GLY CA  C    sing N N 123 
GLY CA  HA2  sing N N 124 
GLY CA  HA3  sing N N 125 
GLY C   O    doub N N 126 
GLY C   OXT  sing N N 127 
GLY OXT HXT  sing N N 128 
HIS N   CA   sing N N 129 
HIS N   H    sing N N 130 
HIS N   H2   sing N N 131 
HIS CA  C    sing N N 132 
HIS CA  CB   sing N N 133 
HIS CA  HA   sing N N 134 
HIS C   O    doub N N 135 
HIS C   OXT  sing N N 136 
HIS CB  CG   sing N N 137 
HIS CB  HB2  sing N N 138 
HIS CB  HB3  sing N N 139 
HIS CG  ND1  sing Y N 140 
HIS CG  CD2  doub Y N 141 
HIS ND1 CE1  doub Y N 142 
HIS ND1 HD1  sing N N 143 
HIS CD2 NE2  sing Y N 144 
HIS CD2 HD2  sing N N 145 
HIS CE1 NE2  sing Y N 146 
HIS CE1 HE1  sing N N 147 
HIS NE2 HE2  sing N N 148 
HIS OXT HXT  sing N N 149 
HOH O   H1   sing N N 150 
HOH O   H2   sing N N 151 
ILE N   CA   sing N N 152 
ILE N   H    sing N N 153 
ILE N   H2   sing N N 154 
ILE CA  C    sing N N 155 
ILE CA  CB   sing N N 156 
ILE CA  HA   sing N N 157 
ILE C   O    doub N N 158 
ILE C   OXT  sing N N 159 
ILE CB  CG1  sing N N 160 
ILE CB  CG2  sing N N 161 
ILE CB  HB   sing N N 162 
ILE CG1 CD1  sing N N 163 
ILE CG1 HG12 sing N N 164 
ILE CG1 HG13 sing N N 165 
ILE CG2 HG21 sing N N 166 
ILE CG2 HG22 sing N N 167 
ILE CG2 HG23 sing N N 168 
ILE CD1 HD11 sing N N 169 
ILE CD1 HD12 sing N N 170 
ILE CD1 HD13 sing N N 171 
ILE OXT HXT  sing N N 172 
LEU N   CA   sing N N 173 
LEU N   H    sing N N 174 
LEU N   H2   sing N N 175 
LEU CA  C    sing N N 176 
LEU CA  CB   sing N N 177 
LEU CA  HA   sing N N 178 
LEU C   O    doub N N 179 
LEU C   OXT  sing N N 180 
LEU CB  CG   sing N N 181 
LEU CB  HB2  sing N N 182 
LEU CB  HB3  sing N N 183 
LEU CG  CD1  sing N N 184 
LEU CG  CD2  sing N N 185 
LEU CG  HG   sing N N 186 
LEU CD1 HD11 sing N N 187 
LEU CD1 HD12 sing N N 188 
LEU CD1 HD13 sing N N 189 
LEU CD2 HD21 sing N N 190 
LEU CD2 HD22 sing N N 191 
LEU CD2 HD23 sing N N 192 
LEU OXT HXT  sing N N 193 
LYS N   CA   sing N N 194 
LYS N   H    sing N N 195 
LYS N   H2   sing N N 196 
LYS CA  C    sing N N 197 
LYS CA  CB   sing N N 198 
LYS CA  HA   sing N N 199 
LYS C   O    doub N N 200 
LYS C   OXT  sing N N 201 
LYS CB  CG   sing N N 202 
LYS CB  HB2  sing N N 203 
LYS CB  HB3  sing N N 204 
LYS CG  CD   sing N N 205 
LYS CG  HG2  sing N N 206 
LYS CG  HG3  sing N N 207 
LYS CD  CE   sing N N 208 
LYS CD  HD2  sing N N 209 
LYS CD  HD3  sing N N 210 
LYS CE  NZ   sing N N 211 
LYS CE  HE2  sing N N 212 
LYS CE  HE3  sing N N 213 
LYS NZ  HZ1  sing N N 214 
LYS NZ  HZ2  sing N N 215 
LYS NZ  HZ3  sing N N 216 
LYS OXT HXT  sing N N 217 
MET N   CA   sing N N 218 
MET N   H    sing N N 219 
MET N   H2   sing N N 220 
MET CA  C    sing N N 221 
MET CA  CB   sing N N 222 
MET CA  HA   sing N N 223 
MET C   O    doub N N 224 
MET C   OXT  sing N N 225 
MET CB  CG   sing N N 226 
MET CB  HB2  sing N N 227 
MET CB  HB3  sing N N 228 
MET CG  SD   sing N N 229 
MET CG  HG2  sing N N 230 
MET CG  HG3  sing N N 231 
MET SD  CE   sing N N 232 
MET CE  HE1  sing N N 233 
MET CE  HE2  sing N N 234 
MET CE  HE3  sing N N 235 
MET OXT HXT  sing N N 236 
PHE N   CA   sing N N 237 
PHE N   H    sing N N 238 
PHE N   H2   sing N N 239 
PHE CA  C    sing N N 240 
PHE CA  CB   sing N N 241 
PHE CA  HA   sing N N 242 
PHE C   O    doub N N 243 
PHE C   OXT  sing N N 244 
PHE CB  CG   sing N N 245 
PHE CB  HB2  sing N N 246 
PHE CB  HB3  sing N N 247 
PHE CG  CD1  doub Y N 248 
PHE CG  CD2  sing Y N 249 
PHE CD1 CE1  sing Y N 250 
PHE CD1 HD1  sing N N 251 
PHE CD2 CE2  doub Y N 252 
PHE CD2 HD2  sing N N 253 
PHE CE1 CZ   doub Y N 254 
PHE CE1 HE1  sing N N 255 
PHE CE2 CZ   sing Y N 256 
PHE CE2 HE2  sing N N 257 
PHE CZ  HZ   sing N N 258 
PHE OXT HXT  sing N N 259 
PRO N   CA   sing N N 260 
PRO N   CD   sing N N 261 
PRO N   H    sing N N 262 
PRO CA  C    sing N N 263 
PRO CA  CB   sing N N 264 
PRO CA  HA   sing N N 265 
PRO C   O    doub N N 266 
PRO C   OXT  sing N N 267 
PRO CB  CG   sing N N 268 
PRO CB  HB2  sing N N 269 
PRO CB  HB3  sing N N 270 
PRO CG  CD   sing N N 271 
PRO CG  HG2  sing N N 272 
PRO CG  HG3  sing N N 273 
PRO CD  HD2  sing N N 274 
PRO CD  HD3  sing N N 275 
PRO OXT HXT  sing N N 276 
SER N   CA   sing N N 277 
SER N   H    sing N N 278 
SER N   H2   sing N N 279 
SER CA  C    sing N N 280 
SER CA  CB   sing N N 281 
SER CA  HA   sing N N 282 
SER C   O    doub N N 283 
SER C   OXT  sing N N 284 
SER CB  OG   sing N N 285 
SER CB  HB2  sing N N 286 
SER CB  HB3  sing N N 287 
SER OG  HG   sing N N 288 
SER OXT HXT  sing N N 289 
THR N   CA   sing N N 290 
THR N   H    sing N N 291 
THR N   H2   sing N N 292 
THR CA  C    sing N N 293 
THR CA  CB   sing N N 294 
THR CA  HA   sing N N 295 
THR C   O    doub N N 296 
THR C   OXT  sing N N 297 
THR CB  OG1  sing N N 298 
THR CB  CG2  sing N N 299 
THR CB  HB   sing N N 300 
THR OG1 HG1  sing N N 301 
THR CG2 HG21 sing N N 302 
THR CG2 HG22 sing N N 303 
THR CG2 HG23 sing N N 304 
THR OXT HXT  sing N N 305 
TRP N   CA   sing N N 306 
TRP N   H    sing N N 307 
TRP N   H2   sing N N 308 
TRP CA  C    sing N N 309 
TRP CA  CB   sing N N 310 
TRP CA  HA   sing N N 311 
TRP C   O    doub N N 312 
TRP C   OXT  sing N N 313 
TRP CB  CG   sing N N 314 
TRP CB  HB2  sing N N 315 
TRP CB  HB3  sing N N 316 
TRP CG  CD1  doub Y N 317 
TRP CG  CD2  sing Y N 318 
TRP CD1 NE1  sing Y N 319 
TRP CD1 HD1  sing N N 320 
TRP CD2 CE2  doub Y N 321 
TRP CD2 CE3  sing Y N 322 
TRP NE1 CE2  sing Y N 323 
TRP NE1 HE1  sing N N 324 
TRP CE2 CZ2  sing Y N 325 
TRP CE3 CZ3  doub Y N 326 
TRP CE3 HE3  sing N N 327 
TRP CZ2 CH2  doub Y N 328 
TRP CZ2 HZ2  sing N N 329 
TRP CZ3 CH2  sing Y N 330 
TRP CZ3 HZ3  sing N N 331 
TRP CH2 HH2  sing N N 332 
TRP OXT HXT  sing N N 333 
TYR N   CA   sing N N 334 
TYR N   H    sing N N 335 
TYR N   H2   sing N N 336 
TYR CA  C    sing N N 337 
TYR CA  CB   sing N N 338 
TYR CA  HA   sing N N 339 
TYR C   O    doub N N 340 
TYR C   OXT  sing N N 341 
TYR CB  CG   sing N N 342 
TYR CB  HB2  sing N N 343 
TYR CB  HB3  sing N N 344 
TYR CG  CD1  doub Y N 345 
TYR CG  CD2  sing Y N 346 
TYR CD1 CE1  sing Y N 347 
TYR CD1 HD1  sing N N 348 
TYR CD2 CE2  doub Y N 349 
TYR CD2 HD2  sing N N 350 
TYR CE1 CZ   doub Y N 351 
TYR CE1 HE1  sing N N 352 
TYR CE2 CZ   sing Y N 353 
TYR CE2 HE2  sing N N 354 
TYR CZ  OH   sing N N 355 
TYR OH  HH   sing N N 356 
TYR OXT HXT  sing N N 357 
VAL N   CA   sing N N 358 
VAL N   H    sing N N 359 
VAL N   H2   sing N N 360 
VAL CA  C    sing N N 361 
VAL CA  CB   sing N N 362 
VAL CA  HA   sing N N 363 
VAL C   O    doub N N 364 
VAL C   OXT  sing N N 365 
VAL CB  CG1  sing N N 366 
VAL CB  CG2  sing N N 367 
VAL CB  HB   sing N N 368 
VAL CG1 HG11 sing N N 369 
VAL CG1 HG12 sing N N 370 
VAL CG1 HG13 sing N N 371 
VAL CG2 HG21 sing N N 372 
VAL CG2 HG22 sing N N 373 
VAL CG2 HG23 sing N N 374 
VAL OXT HXT  sing N N 375 
# 
_atom_sites.entry_id                    2JKG 
_atom_sites.fract_transf_matrix[1][1]   0.00970629 
_atom_sites.fract_transf_matrix[1][2]   0.00573471 
_atom_sites.fract_transf_matrix[1][3]   0.01885455 
_atom_sites.fract_transf_matrix[2][1]   0.01775877 
_atom_sites.fract_transf_matrix[2][2]   0.00090147 
_atom_sites.fract_transf_matrix[2][3]   -0.00941637 
_atom_sites.fract_transf_matrix[3][1]   -0.00191652 
_atom_sites.fract_transf_matrix[3][2]   0.01150585 
_atom_sites.fract_transf_matrix[3][3]   -0.00251294 
_atom_sites.fract_transf_vector[1]      0.090502 
_atom_sites.fract_transf_vector[2]      0.018485 
_atom_sites.fract_transf_vector[3]      0.087807 
# 
loop_
_atom_type.symbol 
C  
MG 
N  
O  
S  
# 
loop_
_atom_site.group_PDB 
_atom_site.id 
_atom_site.type_symbol 
_atom_site.label_atom_id 
_atom_site.label_alt_id 
_atom_site.label_comp_id 
_atom_site.label_asym_id 
_atom_site.label_entity_id 
_atom_site.label_seq_id 
_atom_site.pdbx_PDB_ins_code 
_atom_site.Cartn_x 
_atom_site.Cartn_y 
_atom_site.Cartn_z 
_atom_site.occupancy 
_atom_site.B_iso_or_equiv 
_atom_site.pdbx_formal_charge 
_atom_site.auth_seq_id 
_atom_site.auth_comp_id 
_atom_site.auth_asym_id 
_atom_site.auth_atom_id 
_atom_site.pdbx_PDB_model_num 
ATOM   1    N  N   . TYR A 1 5   ? -12.073 2.654   19.256  1.00 22.36 ? 5    TYR A N   1 
ATOM   2    C  CA  . TYR A 1 5   ? -10.725 2.081   18.967  1.00 22.90 ? 5    TYR A CA  1 
ATOM   3    C  C   . TYR A 1 5   ? -10.783 1.103   17.809  1.00 22.51 ? 5    TYR A C   1 
ATOM   4    O  O   . TYR A 1 5   ? -11.526 0.125   17.821  1.00 23.31 ? 5    TYR A O   1 
ATOM   5    C  CB  . TYR A 1 5   ? -10.148 1.385   20.202  1.00 22.68 ? 5    TYR A CB  1 
ATOM   6    C  CG  . TYR A 1 5   ? -8.716  0.921   20.001  1.00 22.32 ? 5    TYR A CG  1 
ATOM   7    C  CD1 . TYR A 1 5   ? -7.670  1.835   20.021  1.00 23.06 ? 5    TYR A CD1 1 
ATOM   8    C  CD2 . TYR A 1 5   ? -8.409  -0.425  19.785  1.00 20.78 ? 5    TYR A CD2 1 
ATOM   9    C  CE1 . TYR A 1 5   ? -6.361  1.430   19.829  1.00 22.48 ? 5    TYR A CE1 1 
ATOM   10   C  CE2 . TYR A 1 5   ? -7.093  -0.844  19.599  1.00 20.32 ? 5    TYR A CE2 1 
ATOM   11   C  CZ  . TYR A 1 5   ? -6.078  0.091   19.625  1.00 20.93 ? 5    TYR A CZ  1 
ATOM   12   O  OH  . TYR A 1 5   ? -4.773  -0.288  19.458  1.00 20.09 ? 5    TYR A OH  1 
ATOM   13   N  N   . SER A 1 6   ? -9.974  1.393   16.804  1.00 21.74 ? 6    SER A N   1 
ATOM   14   C  CA  . SER A 1 6   ? -9.956  0.604   15.580  1.00 21.09 ? 6    SER A CA  1 
ATOM   15   C  C   . SER A 1 6   ? -8.568  0.531   14.941  1.00 19.54 ? 6    SER A C   1 
ATOM   16   O  O   . SER A 1 6   ? -7.588  1.038   15.468  1.00 17.68 ? 6    SER A O   1 
ATOM   17   C  CB  . SER A 1 6   ? -10.908 1.236   14.573  1.00 21.44 ? 6    SER A CB  1 
ATOM   18   O  OG  . SER A 1 6   ? -10.361 2.469   14.141  1.00 21.41 ? 6    SER A OG  1 
ATOM   19   N  N   . TRP A 1 7   ? -8.521  -0.095  13.779  1.00 19.93 ? 7    TRP A N   1 
ATOM   20   C  CA  . TRP A 1 7   ? -7.287  -0.146  12.987  1.00 20.20 ? 7    TRP A CA  1 
ATOM   21   C  C   . TRP A 1 7   ? -6.865  1.277   12.609  1.00 21.60 ? 7    TRP A C   1 
ATOM   22   O  O   . TRP A 1 7   ? -5.681  1.579   12.522  1.00 21.88 ? 7    TRP A O   1 
ATOM   23   C  CB  . TRP A 1 7   ? -7.418  -1.026  11.742  1.00 20.28 ? 7    TRP A CB  1 
ATOM   24   C  CG  . TRP A 1 7   ? -7.072  -2.462  12.002  1.00 19.94 ? 7    TRP A CG  1 
ATOM   25   C  CD1 . TRP A 1 7   ? -7.924  -3.528  11.992  1.00 22.27 ? 7    TRP A CD1 1 
ATOM   26   C  CD2 . TRP A 1 7   ? -5.778  -2.990  12.322  1.00 21.01 ? 7    TRP A CD2 1 
ATOM   27   N  NE1 . TRP A 1 7   ? -7.238  -4.695  12.281  1.00 19.35 ? 7    TRP A NE1 1 
ATOM   28   C  CE2 . TRP A 1 7   ? -5.918  -4.389  12.474  1.00 20.31 ? 7    TRP A CE2 1 
ATOM   29   C  CE3 . TRP A 1 7   ? -4.512  -2.421  12.481  1.00 19.52 ? 7    TRP A CE3 1 
ATOM   30   C  CZ2 . TRP A 1 7   ? -4.845  -5.219  12.784  1.00 21.61 ? 7    TRP A CZ2 1 
ATOM   31   C  CZ3 . TRP A 1 7   ? -3.448  -3.250  12.783  1.00 21.57 ? 7    TRP A CZ3 1 
ATOM   32   C  CH2 . TRP A 1 7   ? -3.622  -4.637  12.934  1.00 22.09 ? 7    TRP A CH2 1 
ATOM   33   N  N   . ASP A 1 8   ? -7.851  2.146   12.437  1.00 22.24 ? 8    ASP A N   1 
ATOM   34   C  CA  . ASP A 1 8   ? -7.608  3.567   12.088  1.00 23.34 ? 8    ASP A CA  1 
ATOM   35   C  C   . ASP A 1 8   ? -6.815  4.282   13.158  1.00 23.26 ? 8    ASP A C   1 
ATOM   36   O  O   . ASP A 1 8   ? -5.906  5.057   12.859  1.00 23.31 ? 8    ASP A O   1 
ATOM   37   C  CB  . ASP A 1 8   ? -8.907  4.340   11.879  1.00 23.90 ? 8    ASP A CB  1 
ATOM   38   C  CG  . ASP A 1 8   ? -9.572  4.004   10.577  1.00 26.01 ? 8    ASP A CG  1 
ATOM   39   O  OD1 . ASP A 1 8   ? -9.208  2.974   9.980   1.00 27.61 ? 8    ASP A OD1 1 
ATOM   40   O  OD2 . ASP A 1 8   ? -10.460 4.771   10.145  1.00 30.02 ? 8    ASP A OD2 1 
ATOM   41   N  N   . SER A 1 9   ? -7.170  3.993   14.409  1.00 22.74 ? 9    SER A N   1 
ATOM   42   C  CA  . SER A 1 9   ? -6.521  4.613   15.572  1.00 22.96 ? 9    SER A CA  1 
ATOM   43   C  C   . SER A 1 9   ? -5.082  4.196   15.585  1.00 22.38 ? 9    SER A C   1 
ATOM   44   O  O   . SER A 1 9   ? -4.154  4.991   15.752  1.00 23.12 ? 9    SER A O   1 
ATOM   45   C  CB  . SER A 1 9   ? -7.164  4.164   16.901  1.00 22.90 ? 9    SER A CB  1 
ATOM   46   O  OG  . SER A 1 9   ? -8.566  4.323   16.876  1.00 24.70 ? 9    SER A OG  1 
ATOM   47   N  N   . TYR A 1 10  ? -4.928  2.907   15.395  1.00 21.91 ? 10   TYR A N   1 
ATOM   48   C  CA  . TYR A 1 10  ? -3.623  2.263   15.472  1.00 22.04 ? 10   TYR A CA  1 
ATOM   49   C  C   . TYR A 1 10  ? -2.716  2.742   14.327  1.00 20.55 ? 10   TYR A C   1 
ATOM   50   O  O   . TYR A 1 10  ? -1.562  3.128   14.534  1.00 19.51 ? 10   TYR A O   1 
ATOM   51   C  CB  . TYR A 1 10  ? -3.785  0.736   15.477  1.00 22.28 ? 10   TYR A CB  1 
ATOM   52   C  CG  . TYR A 1 10  ? -2.523  -0.001  15.858  1.00 23.84 ? 10   TYR A CG  1 
ATOM   53   C  CD1 . TYR A 1 10  ? -2.161  -0.165  17.194  1.00 25.75 ? 10   TYR A CD1 1 
ATOM   54   C  CD2 . TYR A 1 10  ? -1.694  -0.537  14.883  1.00 23.70 ? 10   TYR A CD2 1 
ATOM   55   C  CE1 . TYR A 1 10  ? -1.000  -0.848  17.546  1.00 26.68 ? 10   TYR A CE1 1 
ATOM   56   C  CE2 . TYR A 1 10  ? -0.532  -1.213  15.221  1.00 26.33 ? 10   TYR A CE2 1 
ATOM   57   C  CZ  . TYR A 1 10  ? -0.193  -1.367  16.555  1.00 25.96 ? 10   TYR A CZ  1 
ATOM   58   O  OH  . TYR A 1 10  ? 0.953   -2.039  16.883  1.00 26.91 ? 10   TYR A OH  1 
ATOM   59   N  N   . LEU A 1 11  ? -3.257  2.754   13.119  1.00 20.25 ? 11   LEU A N   1 
ATOM   60   C  CA  . LEU A 1 11  ? -2.472  3.213   11.957  1.00 20.10 ? 11   LEU A CA  1 
ATOM   61   C  C   . LEU A 1 11  ? -2.083  4.678   12.152  1.00 21.30 ? 11   LEU A C   1 
ATOM   62   O  O   . LEU A 1 11  ? -0.963  5.091   11.878  1.00 21.07 ? 11   LEU A O   1 
ATOM   63   C  CB  . LEU A 1 11  ? -3.241  3.042   10.647  1.00 20.12 ? 11   LEU A CB  1 
ATOM   64   C  CG  . LEU A 1 11  ? -3.469  1.614   10.148  1.00 18.96 ? 11   LEU A CG  1 
ATOM   65   C  CD1 . LEU A 1 11  ? -4.500  1.597   9.014   1.00 17.95 ? 11   LEU A CD1 1 
ATOM   66   C  CD2 . LEU A 1 11  ? -2.146  1.005   9.695   1.00 18.93 ? 11   LEU A CD2 1 
ATOM   67   N  N   . ASN A 1 12  ? -3.023  5.447   12.679  1.00 21.96 ? 12   ASN A N   1 
ATOM   68   C  CA  . ASN A 1 12  ? -2.819  6.886   12.873  1.00 23.49 ? 12   ASN A CA  1 
ATOM   69   C  C   . ASN A 1 12  ? -1.745  7.192   13.904  1.00 23.27 ? 12   ASN A C   1 
ATOM   70   O  O   . ASN A 1 12  ? -0.860  8.004   13.691  1.00 22.17 ? 12   ASN A O   1 
ATOM   71   C  CB  . ASN A 1 12  ? -4.112  7.580   13.290  1.00 24.94 ? 12   ASN A CB  1 
ATOM   72   C  CG  . ASN A 1 12  ? -4.228  8.958   12.698  1.00 28.60 ? 12   ASN A CG  1 
ATOM   73   O  OD1 . ASN A 1 12  ? -3.423  9.838   12.995  1.00 33.54 ? 12   ASN A OD1 1 
ATOM   74   N  ND2 . ASN A 1 12  ? -5.232  9.158   11.842  1.00 32.76 ? 12   ASN A ND2 1 
ATOM   75   N  N   . ASP A 1 13  ? -1.843  6.522   15.037  1.00 24.15 ? 13   ASP A N   1 
ATOM   76   C  CA  . ASP A 1 13  ? -0.951  6.800   16.169  1.00 24.96 ? 13   ASP A CA  1 
ATOM   77   C  C   . ASP A 1 13  ? 0.456   6.287   15.909  1.00 24.62 ? 13   ASP A C   1 
ATOM   78   O  O   . ASP A 1 13  ? 1.432   6.927   16.277  1.00 24.68 ? 13   ASP A O   1 
ATOM   79   C  CB  . ASP A 1 13  ? -1.490  6.199   17.474  1.00 25.84 ? 13   ASP A CB  1 
ATOM   80   C  CG  . ASP A 1 13  ? -2.860  6.767   17.868  1.00 28.77 ? 13   ASP A CG  1 
ATOM   81   O  OD1 . ASP A 1 13  ? -3.321  7.762   17.250  1.00 31.95 ? 13   ASP A OD1 1 
ATOM   82   O  OD2 . ASP A 1 13  ? -3.478  6.210   18.800  1.00 30.80 ? 13   ASP A OD2 1 
ATOM   83   N  N   . ARG A 1 14  ? 0.550   5.137   15.262  1.00 23.94 ? 14   ARG A N   1 
ATOM   84   C  CA  . ARG A 1 14  ? 1.823   4.418   15.162  1.00 24.09 ? 14   ARG A CA  1 
ATOM   85   C  C   . ARG A 1 14  ? 2.581   4.742   13.879  1.00 22.63 ? 14   ARG A C   1 
ATOM   86   O  O   . ARG A 1 14  ? 3.788   4.533   13.778  1.00 23.87 ? 14   ARG A O   1 
ATOM   87   C  CB  . ARG A 1 14  ? 1.614   2.890   15.278  1.00 24.53 ? 14   ARG A CB  1 
ATOM   88   C  CG  . ARG A 1 14  ? 0.891   2.402   16.550  1.00 27.38 ? 14   ARG A CG  1 
ATOM   89   C  CD  . ARG A 1 14  ? 1.423   3.067   17.795  1.00 29.32 ? 14   ARG A CD  1 
ATOM   90   N  NE  . ARG A 1 14  ? 2.876   2.959   17.842  1.00 33.10 ? 14   ARG A NE  1 
ATOM   91   C  CZ  . ARG A 1 14  ? 3.669   3.653   18.653  1.00 34.35 ? 14   ARG A CZ  1 
ATOM   92   N  NH1 . ARG A 1 14  ? 3.163   4.531   19.512  1.00 35.38 ? 14   ARG A NH1 1 
ATOM   93   N  NH2 . ARG A 1 14  ? 4.980   3.467   18.597  1.00 34.65 ? 14   ARG A NH2 1 
ATOM   94   N  N   . LEU A 1 15  ? 1.865   5.245   12.896  1.00 20.72 ? 15   LEU A N   1 
ATOM   95   C  CA  . LEU A 1 15  ? 2.435   5.393   11.549  1.00 19.80 ? 15   LEU A CA  1 
ATOM   96   C  C   . LEU A 1 15  ? 2.175   6.760   10.918  1.00 19.55 ? 15   LEU A C   1 
ATOM   97   O  O   . LEU A 1 15  ? 3.103   7.448   10.486  1.00 19.21 ? 15   LEU A O   1 
ATOM   98   C  CB  . LEU A 1 15  ? 1.955   4.238   10.645  1.00 19.76 ? 15   LEU A CB  1 
ATOM   99   C  CG  . LEU A 1 15  ? 2.549   4.049   9.246   1.00 18.02 ? 15   LEU A CG  1 
ATOM   100  C  CD1 . LEU A 1 15  ? 4.092   4.053   9.199   1.00 16.62 ? 15   LEU A CD1 1 
ATOM   101  C  CD2 . LEU A 1 15  ? 2.000   2.757   8.681   1.00 17.85 ? 15   LEU A CD2 1 
ATOM   102  N  N   . LEU A 1 16  ? 0.924   7.184   10.889  1.00 19.57 ? 16   LEU A N   1 
ATOM   103  C  CA  . LEU A 1 16  ? 0.623   8.469   10.252  1.00 19.74 ? 16   LEU A CA  1 
ATOM   104  C  C   . LEU A 1 16  ? 1.304   9.580   11.042  1.00 19.43 ? 16   LEU A C   1 
ATOM   105  O  O   . LEU A 1 16  ? 1.718   10.610  10.509  1.00 19.11 ? 16   LEU A O   1 
ATOM   106  C  CB  . LEU A 1 16  ? -0.886  8.707   10.155  1.00 21.31 ? 16   LEU A CB  1 
ATOM   107  C  CG  . LEU A 1 16  ? -1.338  9.647   9.041   1.00 21.35 ? 16   LEU A CG  1 
ATOM   108  C  CD1 . LEU A 1 16  ? -0.890  9.110   7.700   1.00 18.76 ? 16   LEU A CD1 1 
ATOM   109  C  CD2 . LEU A 1 16  ? -2.867  9.838   9.103   1.00 21.08 ? 16   LEU A CD2 1 
ATOM   110  N  N   . ALA A 1 17  ? 1.452   9.307   12.327  1.00 18.95 ? 17   ALA A N   1 
ATOM   111  C  CA  . ALA A 1 17  ? 2.027   10.257  13.276  1.00 19.80 ? 17   ALA A CA  1 
ATOM   112  C  C   . ALA A 1 17  ? 3.499   10.573  12.984  1.00 19.69 ? 17   ALA A C   1 
ATOM   113  O  O   . ALA A 1 17  ? 4.025   11.590  13.415  1.00 19.40 ? 17   ALA A O   1 
ATOM   114  C  CB  . ALA A 1 17  ? 1.844   9.750   14.742  1.00 19.25 ? 17   ALA A CB  1 
ATOM   115  N  N   . THR A 1 18  ? 4.159   9.705   12.235  1.00 19.48 ? 18   THR A N   1 
ATOM   116  C  CA  . THR A 1 18  ? 5.576   9.903   11.951  1.00 19.38 ? 18   THR A CA  1 
ATOM   117  C  C   . THR A 1 18  ? 5.805   11.075  10.993  1.00 19.02 ? 18   THR A C   1 
ATOM   118  O  O   . THR A 1 18  ? 6.908   11.598  10.893  1.00 17.16 ? 18   THR A O   1 
ATOM   119  C  CB  . THR A 1 18  ? 6.221   8.654   11.307  1.00 19.74 ? 18   THR A CB  1 
ATOM   120  O  OG1 . THR A 1 18  ? 5.626   8.425   10.024  1.00 18.54 ? 18   THR A OG1 1 
ATOM   121  C  CG2 . THR A 1 18  ? 6.020   7.425   12.197  1.00 21.07 ? 18   THR A CG2 1 
ATOM   122  N  N   . ASN A 1 19  ? 4.761   11.439  10.265  1.00 18.43 ? 19   ASN A N   1 
ATOM   123  C  CA  . ASN A 1 19  ? 4.875   12.432  9.200   1.00 19.52 ? 19   ASN A CA  1 
ATOM   124  C  C   . ASN A 1 19  ? 5.681   11.966  8.004   1.00 19.10 ? 19   ASN A C   1 
ATOM   125  O  O   . ASN A 1 19  ? 6.036   12.750  7.136   1.00 18.97 ? 19   ASN A O   1 
ATOM   126  C  CB  . ASN A 1 19  ? 5.485   13.707  9.752   1.00 20.54 ? 19   ASN A CB  1 
ATOM   127  C  CG  . ASN A 1 19  ? 4.612   14.327  10.798  1.00 22.32 ? 19   ASN A CG  1 
ATOM   128  O  OD1 . ASN A 1 19  ? 5.088   14.959  11.743  1.00 28.15 ? 19   ASN A OD1 1 
ATOM   129  N  ND2 . ASN A 1 19  ? 3.308   14.118  10.660  1.00 25.62 ? 19   ASN A ND2 1 
ATOM   130  N  N   . GLN A 1 20  ? 5.968   10.675  7.952   1.00 17.56 ? 20   GLN A N   1 
ATOM   131  C  CA  . GLN A 1 20  ? 6.802   10.179  6.870   1.00 17.78 ? 20   GLN A CA  1 
ATOM   132  C  C   . GLN A 1 20  ? 6.016   9.578   5.725   1.00 17.09 ? 20   GLN A C   1 
ATOM   133  O  O   . GLN A 1 20  ? 6.591   9.223   4.694   1.00 17.49 ? 20   GLN A O   1 
ATOM   134  C  CB  . GLN A 1 20  ? 7.805   9.143   7.380   1.00 17.81 ? 20   GLN A CB  1 
ATOM   135  C  CG  . GLN A 1 20  ? 8.833   9.704   8.323   1.00 19.20 ? 20   GLN A CG  1 
ATOM   136  C  CD  . GLN A 1 20  ? 9.483   10.974  7.780   1.00 18.60 ? 20   GLN A CD  1 
ATOM   137  O  OE1 . GLN A 1 20  ? 9.929   11.016  6.627   1.00 19.01 ? 20   GLN A OE1 1 
ATOM   138  N  NE2 . GLN A 1 20  ? 9.535   12.014  8.608   1.00 18.07 ? 20   GLN A NE2 1 
ATOM   139  N  N   . VAL A 1 21  ? 4.716   9.436   5.940   1.00 16.17 ? 21   VAL A N   1 
ATOM   140  C  CA  . VAL A 1 21  ? 3.824   8.790   4.960   1.00 15.90 ? 21   VAL A CA  1 
ATOM   141  C  C   . VAL A 1 21  ? 2.581   9.638   4.740   1.00 16.41 ? 21   VAL A C   1 
ATOM   142  O  O   . VAL A 1 21  ? 2.146   10.376  5.640   1.00 17.49 ? 21   VAL A O   1 
ATOM   143  C  CB  . VAL A 1 21  ? 3.462   7.327   5.375   1.00 16.40 ? 21   VAL A CB  1 
ATOM   144  C  CG1 . VAL A 1 21  ? 4.746   6.523   5.733   1.00 16.08 ? 21   VAL A CG1 1 
ATOM   145  C  CG2 . VAL A 1 21  ? 2.493   7.299   6.550   1.00 15.32 ? 21   VAL A CG2 1 
ATOM   146  N  N   . SER A 1 22  ? 2.029   9.571   3.534   1.00 14.95 ? 22   SER A N   1 
ATOM   147  C  CA  . SER A 1 22  ? 0.842   10.377  3.224   1.00 16.32 ? 22   SER A CA  1 
ATOM   148  C  C   . SER A 1 22  ? -0.400  9.554   3.523   1.00 15.19 ? 22   SER A C   1 
ATOM   149  O  O   . SER A 1 22  ? -1.496  10.066  3.704   1.00 14.06 ? 22   SER A O   1 
ATOM   150  C  CB  . SER A 1 22  ? 0.876   10.851  1.766   1.00 16.56 ? 22   SER A CB  1 
ATOM   151  O  OG  . SER A 1 22  ? 1.160   9.763   0.920   1.00 22.69 ? 22   SER A OG  1 
ATOM   152  N  N   . GLY A 1 23  ? -0.206  8.243   3.608   1.00 14.07 ? 23   GLY A N   1 
ATOM   153  C  CA  . GLY A 1 23  ? -1.327  7.380   3.875   1.00 13.68 ? 23   GLY A CA  1 
ATOM   154  C  C   . GLY A 1 23  ? -0.856  5.987   4.179   1.00 12.84 ? 23   GLY A C   1 
ATOM   155  O  O   . GLY A 1 23  ? 0.237   5.619   3.829   1.00 13.08 ? 23   GLY A O   1 
ATOM   156  N  N   . ALA A 1 24  ? -1.700  5.228   4.849   1.00 14.92 ? 24   ALA A N   1 
ATOM   157  C  CA  . ALA A 1 24  ? -1.353  3.856   5.165   1.00 14.74 ? 24   ALA A CA  1 
ATOM   158  C  C   . ALA A 1 24  ? -2.613  3.001   5.241   1.00 15.01 ? 24   ALA A C   1 
ATOM   159  O  O   . ALA A 1 24  ? -3.652  3.458   5.661   1.00 14.40 ? 24   ALA A O   1 
ATOM   160  C  CB  . ALA A 1 24  ? -0.573  3.801   6.492   1.00 14.45 ? 24   ALA A CB  1 
ATOM   161  N  N   . GLY A 1 25  ? -2.497  1.749   4.819   1.00 15.20 ? 25   GLY A N   1 
ATOM   162  C  CA  . GLY A 1 25  ? -3.649  0.867   4.832   1.00 16.08 ? 25   GLY A CA  1 
ATOM   163  C  C   . GLY A 1 25  ? -3.240  -0.561  5.079   1.00 15.97 ? 25   GLY A C   1 
ATOM   164  O  O   . GLY A 1 25  ? -2.081  -0.929  4.926   1.00 16.81 ? 25   GLY A O   1 
ATOM   165  N  N   . LEU A 1 26  ? -4.223  -1.351  5.456   1.00 16.17 ? 26   LEU A N   1 
ATOM   166  C  CA  . LEU A 1 26  ? -4.054  -2.799  5.637   1.00 16.37 ? 26   LEU A CA  1 
ATOM   167  C  C   . LEU A 1 26  ? -5.022  -3.571  4.762   1.00 14.65 ? 26   LEU A C   1 
ATOM   168  O  O   . LEU A 1 26  ? -6.199  -3.272  4.687   1.00 15.20 ? 26   LEU A O   1 
ATOM   169  C  CB  . LEU A 1 26  ? -4.247  -3.194  7.109   1.00 17.29 ? 26   LEU A CB  1 
ATOM   170  C  CG  . LEU A 1 26  ? -3.144  -2.714  8.047   1.00 16.57 ? 26   LEU A CG  1 
ATOM   171  C  CD1 . LEU A 1 26  ? -3.691  -2.705  9.481   1.00 19.73 ? 26   LEU A CD1 1 
ATOM   172  C  CD2 . LEU A 1 26  ? -1.882  -3.594  7.904   1.00 18.81 ? 26   LEU A CD2 1 
ATOM   173  N  N   . ALA A 1 27  ? -4.463  -4.554  4.076   1.00 16.26 ? 27   ALA A N   1 
ATOM   174  C  CA  . ALA A 1 27  ? -5.206  -5.430  3.163   1.00 15.64 ? 27   ALA A CA  1 
ATOM   175  C  C   . ALA A 1 27  ? -4.983  -6.869  3.571   1.00 15.97 ? 27   ALA A C   1 
ATOM   176  O  O   . ALA A 1 27  ? -3.923  -7.246  4.087   1.00 15.26 ? 27   ALA A O   1 
ATOM   177  C  CB  . ALA A 1 27  ? -4.735  -5.215  1.724   1.00 15.20 ? 27   ALA A CB  1 
ATOM   178  N  N   . SER A 1 28  ? -6.001  -7.681  3.340   1.00 15.62 ? 28   SER A N   1 
ATOM   179  C  CA  . SER A 1 28  ? -5.871  -9.111  3.580   1.00 15.10 ? 28   SER A CA  1 
ATOM   180  C  C   . SER A 1 28  ? -4.989  -9.734  2.511   1.00 14.31 ? 28   SER A C   1 
ATOM   181  O  O   . SER A 1 28  ? -5.046  -9.365  1.354   1.00 13.31 ? 28   SER A O   1 
ATOM   182  C  CB  . SER A 1 28  ? -7.227  -9.822  3.565   1.00 16.16 ? 28   SER A CB  1 
ATOM   183  O  OG  . SER A 1 28  ? -7.022  -11.217 3.818   1.00 19.99 ? 28   SER A OG  1 
ATOM   184  N  N   . GLU A 1 29  ? -4.182  -10.716 2.860   1.00 15.73 ? 29   GLU A N   1 
ATOM   185  C  CA  . GLU A 1 29  ? -3.432  -11.356 1.799   1.00 17.07 ? 29   GLU A CA  1 
ATOM   186  C  C   . GLU A 1 29  ? -4.340  -12.292 1.001   1.00 16.00 ? 29   GLU A C   1 
ATOM   187  O  O   . GLU A 1 29  ? -3.965  -12.787 -0.055  1.00 15.39 ? 29   GLU A O   1 
ATOM   188  C  CB  . GLU A 1 29  ? -2.252  -12.137 2.350   1.00 18.47 ? 29   GLU A CB  1 
ATOM   189  C  CG  . GLU A 1 29  ? -2.681  -13.335 3.094   1.00 22.44 ? 29   GLU A CG  1 
ATOM   190  C  CD  . GLU A 1 29  ? -1.511  -14.090 3.688   1.00 26.99 ? 29   GLU A CD  1 
ATOM   191  O  OE1 . GLU A 1 29  ? -1.782  -15.156 4.273   1.00 27.79 ? 29   GLU A OE1 1 
ATOM   192  O  OE2 . GLU A 1 29  ? -0.348  -13.609 3.567   1.00 32.05 ? 29   GLU A OE2 1 
ATOM   193  N  N   . GLU A 1 30  ? -5.554  -12.503 1.482   1.00 15.17 ? 30   GLU A N   1 
ATOM   194  C  CA  . GLU A 1 30  ? -6.491  -13.364 0.742   1.00 15.15 ? 30   GLU A CA  1 
ATOM   195  C  C   . GLU A 1 30  ? -6.889  -12.732 -0.589  1.00 15.15 ? 30   GLU A C   1 
ATOM   196  O  O   . GLU A 1 30  ? -7.018  -13.413 -1.598  1.00 13.32 ? 30   GLU A O   1 
ATOM   197  C  CB  . GLU A 1 30  ? -7.767  -13.682 1.524   1.00 16.55 ? 30   GLU A CB  1 
ATOM   198  C  CG  . GLU A 1 30  ? -7.604  -14.839 2.477   1.00 20.33 ? 30   GLU A CG  1 
ATOM   199  C  CD  . GLU A 1 30  ? -7.250  -14.384 3.883   1.00 25.81 ? 30   GLU A CD  1 
ATOM   200  O  OE1 . GLU A 1 30  ? -6.808  -13.218 4.026   1.00 29.49 ? 30   GLU A OE1 1 
ATOM   201  O  OE2 . GLU A 1 30  ? -7.433  -15.181 4.845   1.00 28.47 ? 30   GLU A OE2 1 
ATOM   202  N  N   . ASP A 1 31  ? -7.105  -11.426 -0.602  1.00 13.78 ? 31   ASP A N   1 
ATOM   203  C  CA  . ASP A 1 31  ? -7.598  -10.824 -1.832  1.00 14.48 ? 31   ASP A CA  1 
ATOM   204  C  C   . ASP A 1 31  ? -6.893  -9.525  -2.201  1.00 13.91 ? 31   ASP A C   1 
ATOM   205  O  O   . ASP A 1 31  ? -7.116  -8.971  -3.277  1.00 15.34 ? 31   ASP A O   1 
ATOM   206  C  CB  . ASP A 1 31  ? -9.104  -10.575 -1.727  1.00 15.36 ? 31   ASP A CB  1 
ATOM   207  C  CG  . ASP A 1 31  ? -9.459  -9.617  -0.612  1.00 17.32 ? 31   ASP A CG  1 
ATOM   208  O  OD1 . ASP A 1 31  ? -8.536  -9.186  0.123   1.00 20.20 ? 31   ASP A OD1 1 
ATOM   209  O  OD2 . ASP A 1 31  ? -10.659 -9.281  -0.480  1.00 18.97 ? 31   ASP A OD2 1 
ATOM   210  N  N   . GLY A 1 32  ? -6.016  -9.080  -1.317  1.00 13.64 ? 32   GLY A N   1 
ATOM   211  C  CA  . GLY A 1 32  ? -5.226  -7.853  -1.514  1.00 14.26 ? 32   GLY A CA  1 
ATOM   212  C  C   . GLY A 1 32  ? -6.030  -6.575  -1.450  1.00 15.61 ? 32   GLY A C   1 
ATOM   213  O  O   . GLY A 1 32  ? -5.571  -5.496  -1.880  1.00 16.02 ? 32   GLY A O   1 
ATOM   214  N  N   . VAL A 1 33  ? -7.228  -6.671  -0.908  1.00 15.17 ? 33   VAL A N   1 
ATOM   215  C  CA  . VAL A 1 33  ? -8.084  -5.494  -0.821  1.00 15.44 ? 33   VAL A CA  1 
ATOM   216  C  C   . VAL A 1 33  ? -7.952  -4.853  0.540   1.00 15.44 ? 33   VAL A C   1 
ATOM   217  O  O   . VAL A 1 33  ? -7.929  -5.521  1.586   1.00 12.81 ? 33   VAL A O   1 
ATOM   218  C  CB  . VAL A 1 33  ? -9.552  -5.795  -1.110  1.00 16.27 ? 33   VAL A CB  1 
ATOM   219  C  CG1 . VAL A 1 33  ? -10.418 -4.550  -0.825  1.00 18.73 ? 33   VAL A CG1 1 
ATOM   220  C  CG2 . VAL A 1 33  ? -9.730  -6.260  -2.558  1.00 17.36 ? 33   VAL A CG2 1 
ATOM   221  N  N   . VAL A 1 34  ? -7.803  -3.540  0.491   1.00 14.02 ? 34   VAL A N   1 
ATOM   222  C  CA  . VAL A 1 34  ? -7.616  -2.713  1.688   1.00 14.82 ? 34   VAL A CA  1 
ATOM   223  C  C   . VAL A 1 34  ? -8.890  -2.633  2.506   1.00 15.89 ? 34   VAL A C   1 
ATOM   224  O  O   . VAL A 1 34  ? -9.960  -2.209  2.019   1.00 16.06 ? 34   VAL A O   1 
ATOM   225  C  CB  . VAL A 1 34  ? -7.151  -1.265  1.341   1.00 14.29 ? 34   VAL A CB  1 
ATOM   226  C  CG1 . VAL A 1 34  ? -7.054  -0.400  2.609   1.00 12.12 ? 34   VAL A CG1 1 
ATOM   227  C  CG2 . VAL A 1 34  ? -5.847  -1.292  0.599   1.00 16.18 ? 34   VAL A CG2 1 
ATOM   228  N  N   . TYR A 1 35  ? -8.774  -3.023  3.766   1.00 14.87 ? 35   TYR A N   1 
ATOM   229  C  CA  . TYR A 1 35  ? -9.944  -3.048  4.634   1.00 16.27 ? 35   TYR A CA  1 
ATOM   230  C  C   . TYR A 1 35  ? -9.940  -1.939  5.676   1.00 16.14 ? 35   TYR A C   1 
ATOM   231  O  O   . TYR A 1 35  ? -10.937 -1.694  6.331   1.00 15.93 ? 35   TYR A O   1 
ATOM   232  C  CB  . TYR A 1 35  ? -10.099 -4.418  5.311   1.00 17.65 ? 35   TYR A CB  1 
ATOM   233  C  CG  . TYR A 1 35  ? -8.966  -4.822  6.206   1.00 17.03 ? 35   TYR A CG  1 
ATOM   234  C  CD1 . TYR A 1 35  ? -8.836  -4.293  7.476   1.00 18.57 ? 35   TYR A CD1 1 
ATOM   235  C  CD2 . TYR A 1 35  ? -8.007  -5.746  5.774   1.00 19.12 ? 35   TYR A CD2 1 
ATOM   236  C  CE1 . TYR A 1 35  ? -7.787  -4.670  8.297   1.00 18.14 ? 35   TYR A CE1 1 
ATOM   237  C  CE2 . TYR A 1 35  ? -6.965  -6.117  6.578   1.00 15.76 ? 35   TYR A CE2 1 
ATOM   238  C  CZ  . TYR A 1 35  ? -6.865  -5.585  7.842   1.00 16.97 ? 35   TYR A CZ  1 
ATOM   239  O  OH  . TYR A 1 35  ? -5.828  -5.973  8.647   1.00 18.26 ? 35   TYR A OH  1 
ATOM   240  N  N   . ALA A 1 36  ? -8.790  -1.303  5.836   1.00 15.25 ? 36   ALA A N   1 
ATOM   241  C  CA  . ALA A 1 36  ? -8.658  -0.195  6.772   1.00 15.42 ? 36   ALA A CA  1 
ATOM   242  C  C   . ALA A 1 36  ? -7.585  0.765   6.289   1.00 15.69 ? 36   ALA A C   1 
ATOM   243  O  O   . ALA A 1 36  ? -6.557  0.351   5.760   1.00 14.71 ? 36   ALA A O   1 
ATOM   244  C  CB  . ALA A 1 36  ? -8.329  -0.706  8.181   1.00 15.41 ? 36   ALA A CB  1 
ATOM   245  N  N   . CYS A 1 37  ? -7.831  2.056   6.452   1.00 15.47 ? 37   CYS A N   1 
ATOM   246  C  CA  . CYS A 1 37  ? -6.841  3.021   6.011   1.00 15.57 ? 37   CYS A CA  1 
ATOM   247  C  C   . CYS A 1 37  ? -6.938  4.370   6.692   1.00 14.97 ? 37   CYS A C   1 
ATOM   248  O  O   . CYS A 1 37  ? -7.971  4.729   7.266   1.00 15.78 ? 37   CYS A O   1 
ATOM   249  C  CB  . CYS A 1 37  ? -6.895  3.177   4.493   1.00 15.72 ? 37   CYS A CB  1 
ATOM   250  S  SG  . CYS A 1 37  ? -8.344  4.002   3.841   1.00 18.01 ? 37   CYS A SG  1 
ATOM   251  N  N   . VAL A 1 38  ? -5.816  5.075   6.643   1.00 15.08 ? 38   VAL A N   1 
ATOM   252  C  CA  . VAL A 1 38  ? -5.719  6.463   7.122   1.00 14.48 ? 38   VAL A CA  1 
ATOM   253  C  C   . VAL A 1 38  ? -4.969  7.313   6.112   1.00 14.14 ? 38   VAL A C   1 
ATOM   254  O  O   . VAL A 1 38  ? -4.189  6.794   5.333   1.00 12.56 ? 38   VAL A O   1 
ATOM   255  C  CB  . VAL A 1 38  ? -5.014  6.556   8.524   1.00 13.87 ? 38   VAL A CB  1 
ATOM   256  C  CG1 . VAL A 1 38  ? -5.901  5.941   9.606   1.00 15.07 ? 38   VAL A CG1 1 
ATOM   257  C  CG2 . VAL A 1 38  ? -3.619  5.923   8.516   1.00 16.58 ? 38   VAL A CG2 1 
ATOM   258  N  N   . ALA A 1 39  ? -5.235  8.621   6.109   1.00 13.10 ? 39   ALA A N   1 
ATOM   259  C  CA  . ALA A 1 39  ? -4.499  9.494   5.236   1.00 15.30 ? 39   ALA A CA  1 
ATOM   260  C  C   . ALA A 1 39  ? -4.307  10.848  5.867   1.00 16.29 ? 39   ALA A C   1 
ATOM   261  O  O   . ALA A 1 39  ? -5.163  11.319  6.606   1.00 14.13 ? 39   ALA A O   1 
ATOM   262  C  CB  . ALA A 1 39  ? -5.230  9.666   3.912   1.00 17.54 ? 39   ALA A CB  1 
ATOM   263  N  N   . GLN A 1 40  ? -3.169  11.444  5.576   1.00 18.52 ? 40   GLN A N   1 
ATOM   264  C  CA  . GLN A 1 40  ? -2.943  12.846  5.944   1.00 21.10 ? 40   GLN A CA  1 
ATOM   265  C  C   . GLN A 1 40  ? -4.058  13.695  5.360   1.00 24.68 ? 40   GLN A C   1 
ATOM   266  O  O   . GLN A 1 40  ? -4.556  13.448  4.265   1.00 24.96 ? 40   GLN A O   1 
ATOM   267  C  CB  . GLN A 1 40  ? -1.580  13.333  5.459   1.00 21.41 ? 40   GLN A CB  1 
ATOM   268  C  CG  . GLN A 1 40  ? -0.405  12.698  6.169   1.00 18.75 ? 40   GLN A CG  1 
ATOM   269  C  CD  . GLN A 1 40  ? 0.906   13.245  5.660   1.00 19.60 ? 40   GLN A CD  1 
ATOM   270  O  OE1 . GLN A 1 40  ? 1.001   13.637  4.507   1.00 17.30 ? 40   GLN A OE1 1 
ATOM   271  N  NE2 . GLN A 1 40  ? 1.923   13.281  6.516   1.00 17.93 ? 40   GLN A NE2 1 
ATOM   272  N  N   . GLY A 1 41  ? -4.461  14.681  6.140   1.00 27.90 ? 41   GLY A N   1 
ATOM   273  C  CA  . GLY A 1 41  ? -5.589  15.542  5.790   1.00 31.81 ? 41   GLY A CA  1 
ATOM   274  C  C   . GLY A 1 41  ? -6.302  16.088  7.001   1.00 34.71 ? 41   GLY A C   1 
ATOM   275  O  O   . GLY A 1 41  ? -6.209  15.552  8.106   1.00 35.39 ? 41   GLY A O   1 
ATOM   276  N  N   . GLU A 1 42  ? -7.008  17.179  6.776   1.00 38.20 ? 42   GLU A N   1 
ATOM   277  C  CA  . GLU A 1 42  ? -7.780  17.834  7.839   1.00 40.73 ? 42   GLU A CA  1 
ATOM   278  C  C   . GLU A 1 42  ? -9.233  17.382  7.914   1.00 42.35 ? 42   GLU A C   1 
ATOM   279  O  O   . GLU A 1 42  ? -10.150 18.207  7.825   1.00 43.47 ? 42   GLU A O   1 
ATOM   280  C  CB  . GLU A 1 42  ? -7.800  19.346  7.660   1.00 41.25 ? 42   GLU A CB  1 
ATOM   281  C  CG  . GLU A 1 42  ? -6.750  19.866  6.717   1.00 43.11 ? 42   GLU A CG  1 
ATOM   282  C  CD  . GLU A 1 42  ? -5.884  20.934  7.368   1.00 45.16 ? 42   GLU A CD  1 
ATOM   283  O  OE1 . GLU A 1 42  ? -5.146  20.592  8.319   1.00 46.61 ? 42   GLU A OE1 1 
ATOM   284  O  OE2 . GLU A 1 42  ? -5.946  22.109  6.941   1.00 46.15 ? 42   GLU A OE2 1 
ATOM   285  N  N   . GLU A 1 43  ? -9.446  16.083  8.040   1.00 43.92 ? 43   GLU A N   1 
ATOM   286  C  CA  . GLU A 1 43  ? -10.729 15.616  8.472   1.00 44.65 ? 43   GLU A CA  1 
ATOM   287  C  C   . GLU A 1 43  ? -11.181 16.679  9.454   1.00 44.93 ? 43   GLU A C   1 
ATOM   288  O  O   . GLU A 1 43  ? -10.469 16.955  10.416  1.00 45.34 ? 43   GLU A O   1 
ATOM   289  C  CB  . GLU A 1 43  ? -10.567 14.290  9.214   1.00 45.31 ? 43   GLU A CB  1 
ATOM   290  C  CG  . GLU A 1 43  ? -11.788 13.368  9.237   1.00 45.84 ? 43   GLU A CG  1 
ATOM   291  C  CD  . GLU A 1 43  ? -11.586 12.153  10.147  1.00 46.43 ? 43   GLU A CD  1 
ATOM   292  O  OE1 . GLU A 1 43  ? -10.575 11.433  9.976   1.00 46.72 ? 43   GLU A OE1 1 
ATOM   293  O  OE2 . GLU A 1 43  ? -12.438 11.914  11.031  1.00 45.81 ? 43   GLU A OE2 1 
ATOM   294  N  N   . SER A 1 44  ? -12.314 17.348  9.232   1.00 44.66 ? 44   SER A N   1 
ATOM   295  C  CA  . SER A 1 44  ? -13.076 17.368  7.961   1.00 44.33 ? 44   SER A CA  1 
ATOM   296  C  C   . SER A 1 44  ? -13.226 18.871  7.636   1.00 42.97 ? 44   SER A C   1 
ATOM   297  O  O   . SER A 1 44  ? -14.115 19.525  8.187   1.00 42.49 ? 44   SER A O   1 
ATOM   298  C  CB  . SER A 1 44  ? -14.433 16.657  8.125   1.00 44.83 ? 44   SER A CB  1 
ATOM   299  O  OG  . SER A 1 44  ? -14.415 15.792  9.250   1.00 45.80 ? 44   SER A OG  1 
ATOM   300  N  N   . ASP A 1 45  ? -12.435 19.443  6.737   1.00 41.50 ? 45   ASP A N   1 
ATOM   301  C  CA  . ASP A 1 45  ? -12.422 19.168  5.306   1.00 39.67 ? 45   ASP A CA  1 
ATOM   302  C  C   . ASP A 1 45  ? -13.397 18.213  4.604   1.00 37.53 ? 45   ASP A C   1 
ATOM   303  O  O   . ASP A 1 45  ? -13.301 17.005  4.805   1.00 36.13 ? 45   ASP A O   1 
ATOM   304  C  CB  . ASP A 1 45  ? -10.986 18.826  4.822   1.00 40.26 ? 45   ASP A CB  1 
ATOM   305  C  CG  . ASP A 1 45  ? -10.867 18.709  3.271   1.00 41.57 ? 45   ASP A CG  1 
ATOM   306  O  OD1 . ASP A 1 45  ? -9.844  18.164  2.791   1.00 43.31 ? 45   ASP A OD1 1 
ATOM   307  O  OD2 . ASP A 1 45  ? -11.780 19.145  2.523   1.00 42.20 ? 45   ASP A OD2 1 
ATOM   308  N  N   . PRO A 1 46  ? -14.428 18.737  3.857   1.00 35.79 ? 46   PRO A N   1 
ATOM   309  C  CA  . PRO A 1 46  ? -15.761 18.146  3.925   1.00 34.84 ? 46   PRO A CA  1 
ATOM   310  C  C   . PRO A 1 46  ? -15.540 16.836  3.140   1.00 34.14 ? 46   PRO A C   1 
ATOM   311  O  O   . PRO A 1 46  ? -16.417 16.022  2.946   1.00 34.22 ? 46   PRO A O   1 
ATOM   312  C  CB  . PRO A 1 46  ? -16.623 19.130  3.167   1.00 34.59 ? 46   PRO A CB  1 
ATOM   313  C  CG  . PRO A 1 46  ? -16.063 20.375  3.538   1.00 34.59 ? 46   PRO A CG  1 
ATOM   314  C  CD  . PRO A 1 46  ? -14.578 20.179  3.541   1.00 35.16 ? 46   PRO A CD  1 
ATOM   315  N  N   . ASN A 1 47  ? -14.385 16.753  2.515   1.00 33.76 ? 47   ASN A N   1 
ATOM   316  C  CA  . ASN A 1 47  ? -14.141 16.518  1.122   1.00 32.63 ? 47   ASN A CA  1 
ATOM   317  C  C   . ASN A 1 47  ? -12.852 15.638  1.066   1.00 32.46 ? 47   ASN A C   1 
ATOM   318  O  O   . ASN A 1 47  ? -12.391 15.314  -0.014  1.00 33.11 ? 47   ASN A O   1 
ATOM   319  C  CB  . ASN A 1 47  ? -13.873 17.755  0.282   1.00 32.15 ? 47   ASN A CB  1 
ATOM   320  C  CG  . ASN A 1 47  ? -14.970 18.033  -0.722  1.00 30.28 ? 47   ASN A CG  1 
ATOM   321  O  OD1 . ASN A 1 47  ? -15.635 17.125  -1.230  1.00 25.06 ? 47   ASN A OD1 1 
ATOM   322  N  ND2 . ASN A 1 47  ? -15.141 19.302  -1.038  1.00 29.10 ? 47   ASN A ND2 1 
ATOM   323  N  N   . PHE A 1 48  ? -12.215 15.304  2.189   1.00 31.45 ? 48   PHE A N   1 
ATOM   324  C  CA  . PHE A 1 48  ? -11.176 14.347  2.033   1.00 31.23 ? 48   PHE A CA  1 
ATOM   325  C  C   . PHE A 1 48  ? -11.715 12.981  2.026   1.00 28.65 ? 48   PHE A C   1 
ATOM   326  O  O   . PHE A 1 48  ? -12.563 12.544  2.806   1.00 28.69 ? 48   PHE A O   1 
ATOM   327  C  CB  . PHE A 1 48  ? -9.980  14.426  2.930   1.00 32.86 ? 48   PHE A CB  1 
ATOM   328  C  CG  . PHE A 1 48  ? -8.806  13.776  2.274   1.00 35.66 ? 48   PHE A CG  1 
ATOM   329  C  CD1 . PHE A 1 48  ? -8.420  14.211  1.012   1.00 35.57 ? 48   PHE A CD1 1 
ATOM   330  C  CD2 . PHE A 1 48  ? -8.181  12.662  2.815   1.00 37.74 ? 48   PHE A CD2 1 
ATOM   331  C  CE1 . PHE A 1 48  ? -7.378  13.620  0.349   1.00 36.37 ? 48   PHE A CE1 1 
ATOM   332  C  CE2 . PHE A 1 48  ? -7.127  12.055  2.147   1.00 36.16 ? 48   PHE A CE2 1 
ATOM   333  C  CZ  . PHE A 1 48  ? -6.727  12.525  0.917   1.00 37.87 ? 48   PHE A CZ  1 
ATOM   334  N  N   . ASP A 1 49  ? -11.135 12.307  1.080   1.00 26.63 ? 49   ASP A N   1 
ATOM   335  C  CA  . ASP A 1 49  ? -11.620 11.045  0.643   1.00 24.51 ? 49   ASP A CA  1 
ATOM   336  C  C   . ASP A 1 49  ? -10.469 10.046  0.716   1.00 22.28 ? 49   ASP A C   1 
ATOM   337  O  O   . ASP A 1 49  ? -9.848  9.760   -0.277  1.00 22.24 ? 49   ASP A O   1 
ATOM   338  C  CB  . ASP A 1 49  ? -12.115 11.225  -0.787  1.00 23.76 ? 49   ASP A CB  1 
ATOM   339  C  CG  . ASP A 1 49  ? -12.917 10.061  -1.270  1.00 24.14 ? 49   ASP A CG  1 
ATOM   340  O  OD1 . ASP A 1 49  ? -12.866 8.994   -0.614  1.00 17.92 ? 49   ASP A OD1 1 
ATOM   341  O  OD2 . ASP A 1 49  ? -13.617 10.238  -2.295  1.00 23.42 ? 49   ASP A OD2 1 
ATOM   342  N  N   . LYS A 1 50  ? -10.186 9.563   1.916   1.00 20.52 ? 50   LYS A N   1 
ATOM   343  C  CA  . LYS A 1 50  ? -9.032  8.672   2.124   1.00 20.09 ? 50   LYS A CA  1 
ATOM   344  C  C   . LYS A 1 50  ? -9.200  7.416   1.301   1.00 18.95 ? 50   LYS A C   1 
ATOM   345  O  O   . LYS A 1 50  ? -8.220  6.879   0.758   1.00 19.59 ? 50   LYS A O   1 
ATOM   346  C  CB  . LYS A 1 50  ? -8.805  8.316   3.611   1.00 20.27 ? 50   LYS A CB  1 
ATOM   347  C  CG  . LYS A 1 50  ? -9.918  7.512   4.278   1.00 20.16 ? 50   LYS A CG  1 
ATOM   348  C  CD  . LYS A 1 50  ? -9.538  7.157   5.706   1.00 20.60 ? 50   LYS A CD  1 
ATOM   349  C  CE  . LYS A 1 50  ? -10.601 6.314   6.378   1.00 22.03 ? 50   LYS A CE  1 
ATOM   350  N  NZ  . LYS A 1 50  ? -10.327 6.117   7.840   1.00 23.71 ? 50   LYS A NZ  1 
ATOM   351  N  N   . TRP A 1 51  ? -10.439 6.941   1.223   1.00 17.15 ? 51   TRP A N   1 
ATOM   352  C  CA  . TRP A 1 51  ? -10.718 5.697   0.489   1.00 18.09 ? 51   TRP A CA  1 
ATOM   353  C  C   . TRP A 1 51  ? -10.390 5.788   -1.008  1.00 18.50 ? 51   TRP A C   1 
ATOM   354  O  O   . TRP A 1 51  ? -10.051 4.784   -1.622  1.00 18.21 ? 51   TRP A O   1 
ATOM   355  C  CB  . TRP A 1 51  ? -12.135 5.166   0.716   1.00 18.09 ? 51   TRP A CB  1 
ATOM   356  C  CG  . TRP A 1 51  ? -12.221 4.461   2.039   1.00 19.67 ? 51   TRP A CG  1 
ATOM   357  C  CD1 . TRP A 1 51  ? -12.812 4.935   3.182   1.00 20.11 ? 51   TRP A CD1 1 
ATOM   358  C  CD2 . TRP A 1 51  ? -11.674 3.169   2.373   1.00 19.50 ? 51   TRP A CD2 1 
ATOM   359  N  NE1 . TRP A 1 51  ? -12.665 4.020   4.200   1.00 19.39 ? 51   TRP A NE1 1 
ATOM   360  C  CE2 . TRP A 1 51  ? -11.985 2.926   3.733   1.00 19.03 ? 51   TRP A CE2 1 
ATOM   361  C  CE3 . TRP A 1 51  ? -10.967 2.194   1.658   1.00 20.56 ? 51   TRP A CE3 1 
ATOM   362  C  CZ2 . TRP A 1 51  ? -11.609 1.756   4.393   1.00 17.73 ? 51   TRP A CZ2 1 
ATOM   363  C  CZ3 . TRP A 1 51  ? -10.603 1.011   2.319   1.00 19.35 ? 51   TRP A CZ3 1 
ATOM   364  C  CH2 . TRP A 1 51  ? -10.926 0.809   3.671   1.00 19.05 ? 51   TRP A CH2 1 
ATOM   365  N  N   . SER A 1 52  ? -10.485 6.967   -1.617  1.00 18.77 ? 52   SER A N   1 
ATOM   366  C  CA  . SER A 1 52  ? -10.158 7.025   -3.047  1.00 18.94 ? 52   SER A CA  1 
ATOM   367  C  C   . SER A 1 52  ? -8.668  6.784   -3.281  1.00 17.84 ? 52   SER A C   1 
ATOM   368  O  O   . SER A 1 52  ? -8.263  6.496   -4.388  1.00 18.25 ? 52   SER A O   1 
ATOM   369  C  CB  . SER A 1 52  ? -10.640 8.318   -3.723  1.00 20.30 ? 52   SER A CB  1 
ATOM   370  O  OG  . SER A 1 52  ? -9.888  9.410   -3.270  1.00 24.76 ? 52   SER A OG  1 
ATOM   371  N  N   . LEU A 1 53  ? -7.860  6.836   -2.225  1.00 17.71 ? 53   LEU A N   1 
ATOM   372  C  CA  . LEU A 1 53  ? -6.421  6.595   -2.366  1.00 18.08 ? 53   LEU A CA  1 
ATOM   373  C  C   . LEU A 1 53  ? -6.122  5.119   -2.252  1.00 17.03 ? 53   LEU A C   1 
ATOM   374  O  O   . LEU A 1 53  ? -5.061  4.674   -2.627  1.00 17.78 ? 53   LEU A O   1 
ATOM   375  C  CB  . LEU A 1 53  ? -5.586  7.309   -1.307  1.00 19.23 ? 53   LEU A CB  1 
ATOM   376  C  CG  . LEU A 1 53  ? -5.636  8.839   -1.236  1.00 21.38 ? 53   LEU A CG  1 
ATOM   377  C  CD1 . LEU A 1 53  ? -4.876  9.309   0.017   1.00 23.01 ? 53   LEU A CD1 1 
ATOM   378  C  CD2 . LEU A 1 53  ? -5.053  9.420   -2.489  1.00 22.21 ? 53   LEU A CD2 1 
ATOM   379  N  N   . PHE A 1 54  ? -7.066  4.382   -1.704  1.00 17.38 ? 54   PHE A N   1 
ATOM   380  C  CA  . PHE A 1 54  ? -6.811  2.978   -1.334  1.00 17.37 ? 54   PHE A CA  1 
ATOM   381  C  C   . PHE A 1 54  ? -7.741  1.944   -1.966  1.00 18.29 ? 54   PHE A C   1 
ATOM   382  O  O   . PHE A 1 54  ? -7.524  0.730   -1.844  1.00 16.94 ? 54   PHE A O   1 
ATOM   383  C  CB  . PHE A 1 54  ? -6.835  2.821   0.195   1.00 17.49 ? 54   PHE A CB  1 
ATOM   384  C  CG  . PHE A 1 54  ? -5.659  3.450   0.878   1.00 15.91 ? 54   PHE A CG  1 
ATOM   385  C  CD1 . PHE A 1 54  ? -4.454  2.786   0.953   1.00 17.74 ? 54   PHE A CD1 1 
ATOM   386  C  CD2 . PHE A 1 54  ? -5.756  4.729   1.422   1.00 17.19 ? 54   PHE A CD2 1 
ATOM   387  C  CE1 . PHE A 1 54  ? -3.349  3.360   1.574   1.00 17.88 ? 54   PHE A CE1 1 
ATOM   388  C  CE2 . PHE A 1 54  ? -4.662  5.307   2.051   1.00 16.46 ? 54   PHE A CE2 1 
ATOM   389  C  CZ  . PHE A 1 54  ? -3.456  4.626   2.112   1.00 18.27 ? 54   PHE A CZ  1 
ATOM   390  N  N   . TYR A 1 55  ? -8.767  2.396   -2.645  1.00 17.37 ? 55   TYR A N   1 
ATOM   391  C  CA  . TYR A 1 55  ? -9.771  1.451   -3.109  1.00 19.62 ? 55   TYR A CA  1 
ATOM   392  C  C   . TYR A 1 55  ? -10.513 1.981   -4.297  1.00 20.07 ? 55   TYR A C   1 
ATOM   393  O  O   . TYR A 1 55  ? -10.945 3.135   -4.309  1.00 19.44 ? 55   TYR A O   1 
ATOM   394  C  CB  . TYR A 1 55  ? -10.784 1.158   -1.990  1.00 19.27 ? 55   TYR A CB  1 
ATOM   395  C  CG  . TYR A 1 55  ? -11.878 0.212   -2.424  1.00 22.76 ? 55   TYR A CG  1 
ATOM   396  C  CD1 . TYR A 1 55  ? -11.645 -1.156  -2.504  1.00 25.11 ? 55   TYR A CD1 1 
ATOM   397  C  CD2 . TYR A 1 55  ? -13.124 0.684   -2.797  1.00 24.88 ? 55   TYR A CD2 1 
ATOM   398  C  CE1 . TYR A 1 55  ? -12.628 -2.024  -2.926  1.00 27.01 ? 55   TYR A CE1 1 
ATOM   399  C  CE2 . TYR A 1 55  ? -14.122 -0.177  -3.210  1.00 26.80 ? 55   TYR A CE2 1 
ATOM   400  C  CZ  . TYR A 1 55  ? -13.869 -1.530  -3.264  1.00 27.48 ? 55   TYR A CZ  1 
ATOM   401  O  OH  . TYR A 1 55  ? -14.853 -2.389  -3.682  1.00 29.55 ? 55   TYR A OH  1 
ATOM   402  N  N   . LYS A 1 56  ? -10.660 1.092   -5.267  1.00 20.82 ? 56   LYS A N   1 
ATOM   403  C  CA  . LYS A 1 56  ? -11.565 1.271   -6.401  1.00 21.64 ? 56   LYS A CA  1 
ATOM   404  C  C   . LYS A 1 56  ? -12.070 -0.070  -6.924  1.00 21.16 ? 56   LYS A C   1 
ATOM   405  O  O   . LYS A 1 56  ? -11.286 -0.959  -7.269  1.00 20.06 ? 56   LYS A O   1 
ATOM   406  C  CB  . LYS A 1 56  ? -10.881 2.046   -7.526  1.00 22.08 ? 56   LYS A CB  1 
ATOM   407  C  CG  . LYS A 1 56  ? -11.857 2.581   -8.570  1.00 23.55 ? 56   LYS A CG  1 
ATOM   408  C  CD  . LYS A 1 56  ? -11.140 3.402   -9.639  1.00 24.06 ? 56   LYS A CD  1 
ATOM   409  C  CE  . LYS A 1 56  ? -12.103 3.933   -10.675 1.00 25.10 ? 56   LYS A CE  1 
ATOM   410  N  NZ  . LYS A 1 56  ? -11.390 4.194   -11.948 1.00 26.20 ? 56   LYS A NZ  1 
ATOM   411  N  N   . GLU A 1 57  ? -13.385 -0.204  -6.982  1.00 21.60 ? 57   GLU A N   1 
ATOM   412  C  CA  . GLU A 1 57  ? -13.990 -1.451  -7.462  1.00 22.41 ? 57   GLU A CA  1 
ATOM   413  C  C   . GLU A 1 57  ? -13.724 -1.603  -8.953  1.00 21.80 ? 57   GLU A C   1 
ATOM   414  O  O   . GLU A 1 57  ? -13.506 -0.632  -9.691  1.00 20.92 ? 57   GLU A O   1 
ATOM   415  C  CB  . GLU A 1 57  ? -15.482 -1.598  -7.097  1.00 24.27 ? 57   GLU A CB  1 
ATOM   416  C  CG  . GLU A 1 57  ? -16.423 -0.542  -7.633  1.00 26.65 ? 57   GLU A CG  1 
ATOM   417  C  CD  . GLU A 1 57  ? -17.875 -0.778  -7.190  1.00 30.59 ? 57   GLU A CD  1 
ATOM   418  O  OE1 . GLU A 1 57  ? -18.105 -1.119  -6.001  1.00 33.24 ? 57   GLU A OE1 1 
ATOM   419  O  OE2 . GLU A 1 57  ? -18.781 -0.626  -8.038  1.00 31.48 ? 57   GLU A OE2 1 
ATOM   420  N  N   . ASP A 1 58  ? -13.719 -2.861  -9.361  1.00 21.66 ? 58   ASP A N   1 
ATOM   421  C  CA  . ASP A 1 58  ? -13.096 -3.273  -10.628 1.00 21.93 ? 58   ASP A CA  1 
ATOM   422  C  C   . ASP A 1 58  ? -13.544 -2.363  -11.764 1.00 21.39 ? 58   ASP A C   1 
ATOM   423  O  O   . ASP A 1 58  ? -14.709 -1.992  -11.885 1.00 20.90 ? 58   ASP A O   1 
ATOM   424  C  CB  . ASP A 1 58  ? -13.345 -4.769  -10.948 1.00 22.84 ? 58   ASP A CB  1 
ATOM   425  C  CG  . ASP A 1 58  ? -12.708 -5.723  -9.904  1.00 24.40 ? 58   ASP A CG  1 
ATOM   426  O  OD1 . ASP A 1 58  ? -12.115 -5.239  -8.908  1.00 26.40 ? 58   ASP A OD1 1 
ATOM   427  O  OD2 . ASP A 1 58  ? -12.812 -6.962  -10.077 1.00 25.41 ? 58   ASP A OD2 1 
ATOM   428  N  N   . TYR A 1 59  ? -12.568 -2.017  -12.578 1.00 20.81 ? 59   TYR A N   1 
ATOM   429  C  CA  . TYR A 1 59  ? -12.759 -1.119  -13.714 1.00 20.84 ? 59   TYR A CA  1 
ATOM   430  C  C   . TYR A 1 59  ? -11.951 -1.564  -14.929 1.00 20.91 ? 59   TYR A C   1 
ATOM   431  O  O   . TYR A 1 59  ? -10.887 -2.183  -14.822 1.00 18.06 ? 59   TYR A O   1 
ATOM   432  C  CB  . TYR A 1 59  ? -12.397 0.331   -13.327 1.00 20.91 ? 59   TYR A CB  1 
ATOM   433  C  CG  . TYR A 1 59  ? -11.025 0.472   -12.701 1.00 19.64 ? 59   TYR A CG  1 
ATOM   434  C  CD1 . TYR A 1 59  ? -9.937  0.929   -13.437 1.00 21.31 ? 59   TYR A CD1 1 
ATOM   435  C  CD2 . TYR A 1 59  ? -10.823 0.141   -11.377 1.00 20.15 ? 59   TYR A CD2 1 
ATOM   436  C  CE1 . TYR A 1 59  ? -8.697  1.051   -12.864 1.00 20.30 ? 59   TYR A CE1 1 
ATOM   437  C  CE2 . TYR A 1 59  ? -9.589  0.247   -10.790 1.00 21.17 ? 59   TYR A CE2 1 
ATOM   438  C  CZ  . TYR A 1 59  ? -8.524  0.693   -11.528 1.00 20.19 ? 59   TYR A CZ  1 
ATOM   439  O  OH  . TYR A 1 59  ? -7.308  0.797   -10.912 1.00 18.24 ? 59   TYR A OH  1 
ATOM   440  N  N   . ASP A 1 60  ? -12.494 -1.225  -16.086 1.00 21.82 ? 60   ASP A N   1 
ATOM   441  C  CA  . ASP A 1 60  ? -11.861 -1.533  -17.356 1.00 22.76 ? 60   ASP A CA  1 
ATOM   442  C  C   . ASP A 1 60  ? -11.026 -0.345  -17.764 1.00 23.50 ? 60   ASP A C   1 
ATOM   443  O  O   . ASP A 1 60  ? -11.404 0.802   -17.568 1.00 23.69 ? 60   ASP A O   1 
ATOM   444  C  CB  . ASP A 1 60  ? -12.893 -1.830  -18.440 1.00 24.01 ? 60   ASP A CB  1 
ATOM   445  C  CG  . ASP A 1 60  ? -13.705 -3.075  -18.152 1.00 24.95 ? 60   ASP A CG  1 
ATOM   446  O  OD1 . ASP A 1 60  ? -13.369 -3.813  -17.194 1.00 26.88 ? 60   ASP A OD1 1 
ATOM   447  O  OD2 . ASP A 1 60  ? -14.681 -3.311  -18.889 1.00 25.80 ? 60   ASP A OD2 1 
ATOM   448  N  N   . ILE A 1 61  ? -9.878  -0.649  -18.324 1.00 23.62 ? 61   ILE A N   1 
ATOM   449  C  CA  . ILE A 1 61  ? -9.013  0.365   -18.891 1.00 24.97 ? 61   ILE A CA  1 
ATOM   450  C  C   . ILE A 1 61  ? -8.764  -0.049  -20.320 1.00 26.13 ? 61   ILE A C   1 
ATOM   451  O  O   . ILE A 1 61  ? -8.832  -1.235  -20.658 1.00 25.86 ? 61   ILE A O   1 
ATOM   452  C  CB  . ILE A 1 61  ? -7.665  0.479   -18.134 1.00 25.26 ? 61   ILE A CB  1 
ATOM   453  C  CG1 . ILE A 1 61  ? -6.923  -0.849  -18.168 1.00 25.55 ? 61   ILE A CG1 1 
ATOM   454  C  CG2 . ILE A 1 61  ? -7.872  0.883   -16.674 1.00 25.50 ? 61   ILE A CG2 1 
ATOM   455  C  CD1 . ILE A 1 61  ? -5.628  -0.825  -17.368 1.00 27.40 ? 61   ILE A CD1 1 
ATOM   456  N  N   . GLU A 1 62  ? -8.523  0.943   -21.162 1.00 27.07 ? 62   GLU A N   1 
ATOM   457  C  CA  . GLU A 1 62  ? -8.131  0.690   -22.541 1.00 28.04 ? 62   GLU A CA  1 
ATOM   458  C  C   . GLU A 1 62  ? -6.631  0.774   -22.602 1.00 28.97 ? 62   GLU A C   1 
ATOM   459  O  O   . GLU A 1 62  ? -6.029  1.650   -22.001 1.00 28.74 ? 62   GLU A O   1 
ATOM   460  C  CB  . GLU A 1 62  ? -8.761  1.699   -23.500 1.00 27.82 ? 62   GLU A CB  1 
ATOM   461  C  CG  . GLU A 1 62  ? -8.602  1.337   -24.955 1.00 29.04 ? 62   GLU A CG  1 
ATOM   462  C  CD  . GLU A 1 62  ? -9.396  2.263   -25.866 1.00 29.06 ? 62   GLU A CD  1 
ATOM   463  O  OE1 . GLU A 1 62  ? -9.425  3.481   -25.585 1.00 30.31 ? 62   GLU A OE1 1 
ATOM   464  O  OE2 . GLU A 1 62  ? -9.991  1.781   -26.853 1.00 30.04 ? 62   GLU A OE2 1 
ATOM   465  N  N   . VAL A 1 63  ? -6.042  -0.177  -23.305 1.00 30.79 ? 63   VAL A N   1 
ATOM   466  C  CA  . VAL A 1 63  ? -4.595  -0.242  -23.466 1.00 32.76 ? 63   VAL A CA  1 
ATOM   467  C  C   . VAL A 1 63  ? -4.218  -0.267  -24.926 1.00 33.00 ? 63   VAL A C   1 
ATOM   468  O  O   . VAL A 1 63  ? -4.809  -0.974  -25.707 1.00 32.27 ? 63   VAL A O   1 
ATOM   469  C  CB  . VAL A 1 63  ? -4.023  -1.551  -22.884 1.00 33.49 ? 63   VAL A CB  1 
ATOM   470  C  CG1 . VAL A 1 63  ? -2.508  -1.436  -22.712 1.00 34.40 ? 63   VAL A CG1 1 
ATOM   471  C  CG2 . VAL A 1 63  ? -4.693  -1.904  -21.560 1.00 36.45 ? 63   VAL A CG2 1 
ATOM   472  N  N   . GLU A 1 64  ? -3.198  0.482   -25.287 1.00 34.02 ? 64   GLU A N   1 
ATOM   473  C  CA  . GLU A 1 64  ? -2.670  0.371   -26.630 1.00 35.38 ? 64   GLU A CA  1 
ATOM   474  C  C   . GLU A 1 64  ? -1.240  -0.124  -26.554 1.00 36.29 ? 64   GLU A C   1 
ATOM   475  O  O   . GLU A 1 64  ? -0.432  0.426   -25.823 1.00 36.32 ? 64   GLU A O   1 
ATOM   476  C  CB  . GLU A 1 64  ? -2.762  1.709   -27.367 1.00 35.90 ? 64   GLU A CB  1 
ATOM   477  C  CG  . GLU A 1 64  ? -2.511  1.604   -28.868 1.00 38.05 ? 64   GLU A CG  1 
ATOM   478  C  CD  . GLU A 1 64  ? -2.448  2.960   -29.552 1.00 40.33 ? 64   GLU A CD  1 
ATOM   479  O  OE1 . GLU A 1 64  ? -3.401  3.760   -29.405 1.00 40.96 ? 64   GLU A OE1 1 
ATOM   480  O  OE2 . GLU A 1 64  ? -1.440  3.225   -30.246 1.00 43.56 ? 64   GLU A OE2 1 
ATOM   481  N  N   . ASP A 1 65  ? -0.936  -1.182  -27.296 1.00 37.65 ? 65   ASP A N   1 
ATOM   482  C  CA  . ASP A 1 65  ? 0.456   -1.671  -27.375 1.00 39.18 ? 65   ASP A CA  1 
ATOM   483  C  C   . ASP A 1 65  ? 1.203   -0.921  -28.458 1.00 40.30 ? 65   ASP A C   1 
ATOM   484  O  O   . ASP A 1 65  ? 0.643   -0.048  -29.131 1.00 40.66 ? 65   ASP A O   1 
ATOM   485  C  CB  . ASP A 1 65  ? 0.571   -3.200  -27.553 1.00 39.54 ? 65   ASP A CB  1 
ATOM   486  C  CG  . ASP A 1 65  ? 0.080   -3.705  -28.917 1.00 40.44 ? 65   ASP A CG  1 
ATOM   487  O  OD1 . ASP A 1 65  ? 0.227   -2.976  -29.916 1.00 39.99 ? 65   ASP A OD1 1 
ATOM   488  O  OD2 . ASP A 1 65  ? -0.437  -4.848  -28.988 1.00 40.69 ? 65   ASP A OD2 1 
ATOM   489  N  N   . GLU A 1 66  ? 2.468   -1.282  -28.623 1.00 40.99 ? 66   GLU A N   1 
ATOM   490  C  CA  . GLU A 1 66  ? 3.379   -0.529  -29.498 1.00 41.40 ? 66   GLU A CA  1 
ATOM   491  C  C   . GLU A 1 66  ? 3.086   -0.787  -30.967 1.00 40.47 ? 66   GLU A C   1 
ATOM   492  O  O   . GLU A 1 66  ? 3.627   -0.117  -31.844 1.00 41.54 ? 66   GLU A O   1 
ATOM   493  C  CB  . GLU A 1 66  ? 4.856   -0.829  -29.198 1.00 42.26 ? 66   GLU A CB  1 
ATOM   494  C  CG  . GLU A 1 66  ? 5.199   -0.941  -27.714 1.00 43.69 ? 66   GLU A CG  1 
ATOM   495  C  CD  . GLU A 1 66  ? 4.891   0.332   -26.950 1.00 45.36 ? 66   GLU A CD  1 
ATOM   496  O  OE1 . GLU A 1 66  ? 5.373   1.406   -27.366 1.00 47.70 ? 66   GLU A OE1 1 
ATOM   497  O  OE2 . GLU A 1 66  ? 4.176   0.262   -25.926 1.00 46.90 ? 66   GLU A OE2 1 
ATOM   498  N  N   . ASN A 1 67  ? 2.227   -1.762  -31.220 1.00 39.56 ? 67   ASN A N   1 
ATOM   499  C  CA  . ASN A 1 67  ? 1.737   -2.051  -32.578 1.00 38.10 ? 67   ASN A CA  1 
ATOM   500  C  C   . ASN A 1 67  ? 0.490   -1.238  -32.880 1.00 37.24 ? 67   ASN A C   1 
ATOM   501  O  O   . ASN A 1 67  ? -0.007  -1.232  -34.002 1.00 37.44 ? 67   ASN A O   1 
ATOM   502  C  CB  . ASN A 1 67  ? 1.428   -3.540  -32.773 1.00 38.04 ? 67   ASN A CB  1 
ATOM   503  C  CG  . ASN A 1 67  ? 2.561   -4.440  -32.319 1.00 37.43 ? 67   ASN A CG  1 
ATOM   504  O  OD1 . ASN A 1 67  ? 3.730   -4.192  -32.623 1.00 36.58 ? 67   ASN A OD1 1 
ATOM   505  N  ND2 . ASN A 1 67  ? 2.219   -5.485  -31.579 1.00 34.33 ? 67   ASN A ND2 1 
ATOM   506  N  N   . GLY A 1 68  ? 0.004   -0.549  -31.861 1.00 36.19 ? 68   GLY A N   1 
ATOM   507  C  CA  . GLY A 1 68  ? -1.172  0.314   -31.987 1.00 35.73 ? 68   GLY A CA  1 
ATOM   508  C  C   . GLY A 1 68  ? -2.461  -0.437  -31.742 1.00 35.75 ? 68   GLY A C   1 
ATOM   509  O  O   . GLY A 1 68  ? -3.560  0.077   -31.962 1.00 34.83 ? 68   GLY A O   1 
ATOM   510  N  N   . THR A 1 69  ? -2.307  -1.678  -31.298 1.00 35.68 ? 69   THR A N   1 
ATOM   511  C  CA  . THR A 1 69  ? -3.461  -2.508  -30.914 1.00 35.39 ? 69   THR A CA  1 
ATOM   512  C  C   . THR A 1 69  ? -4.064  -2.134  -29.583 1.00 34.96 ? 69   THR A C   1 
ATOM   513  O  O   . THR A 1 69  ? -3.414  -2.160  -28.542 1.00 34.14 ? 69   THR A O   1 
ATOM   514  C  CB  . THR A 1 69  ? -3.123  -3.987  -30.844 1.00 35.37 ? 69   THR A CB  1 
ATOM   515  O  OG1 . THR A 1 69  ? -2.595  -4.395  -32.103 1.00 35.57 ? 69   THR A OG1 1 
ATOM   516  C  CG2 . THR A 1 69  ? -4.377  -4.812  -30.519 1.00 34.60 ? 69   THR A CG2 1 
ATOM   517  N  N   . LYS A 1 70  ? -5.342  -1.815  -29.660 1.00 35.24 ? 70   LYS A N   1 
ATOM   518  C  CA  . LYS A 1 70  ? -6.112  -1.384  -28.512 1.00 36.30 ? 70   LYS A CA  1 
ATOM   519  C  C   . LYS A 1 70  ? -6.933  -2.510  -27.948 1.00 36.16 ? 70   LYS A C   1 
ATOM   520  O  O   . LYS A 1 70  ? -7.750  -3.099  -28.625 1.00 35.27 ? 70   LYS A O   1 
ATOM   521  C  CB  . LYS A 1 70  ? -7.032  -0.212  -28.884 1.00 36.81 ? 70   LYS A CB  1 
ATOM   522  C  CG  . LYS A 1 70  ? -6.282  1.053   -29.244 1.00 38.33 ? 70   LYS A CG  1 
ATOM   523  C  CD  . LYS A 1 70  ? -7.226  2.134   -29.771 1.00 39.69 ? 70   LYS A CD  1 
ATOM   524  C  CE  . LYS A 1 70  ? -6.672  3.539   -29.532 1.00 40.62 ? 70   LYS A CE  1 
ATOM   525  N  NZ  . LYS A 1 70  ? -6.358  3.779   -28.090 1.00 40.07 ? 70   LYS A NZ  1 
ATOM   526  N  N   . THR A 1 71  ? -6.708  -2.803  -26.679 1.00 36.41 ? 71   THR A N   1 
ATOM   527  C  CA  . THR A 1 71  ? -7.604  -3.704  -25.974 1.00 36.42 ? 71   THR A CA  1 
ATOM   528  C  C   . THR A 1 71  ? -8.039  -3.122  -24.659 1.00 36.15 ? 71   THR A C   1 
ATOM   529  O  O   . THR A 1 71  ? -7.569  -2.080  -24.205 1.00 35.79 ? 71   THR A O   1 
ATOM   530  C  CB  . THR A 1 71  ? -6.975  -5.074  -25.704 1.00 36.80 ? 71   THR A CB  1 
ATOM   531  O  OG1 . THR A 1 71  ? -5.977  -4.944  -24.691 1.00 37.88 ? 71   THR A OG1 1 
ATOM   532  C  CG2 . THR A 1 71  ? -6.347  -5.644  -26.974 1.00 38.83 ? 71   THR A CG2 1 
ATOM   533  N  N   . THR A 1 72  ? -8.938  -3.869  -24.064 1.00 35.80 ? 72   THR A N   1 
ATOM   534  C  CA  . THR A 1 72  ? -9.627  -3.493  -22.853 1.00 36.42 ? 72   THR A CA  1 
ATOM   535  C  C   . THR A 1 72  ? -9.300  -4.506  -21.771 1.00 34.41 ? 72   THR A C   1 
ATOM   536  O  O   . THR A 1 72  ? -9.359  -5.712  -21.981 1.00 33.91 ? 72   THR A O   1 
ATOM   537  C  CB  . THR A 1 72  ? -11.152 -3.473  -23.088 1.00 37.80 ? 72   THR A CB  1 
ATOM   538  O  OG1 . THR A 1 72  ? -11.454 -2.591  -24.182 1.00 41.89 ? 72   THR A OG1 1 
ATOM   539  C  CG2 . THR A 1 72  ? -11.889 -3.009  -21.839 1.00 41.05 ? 72   THR A CG2 1 
ATOM   540  N  N   . LYS A 1 73  ? -8.931  -3.995  -20.617 1.00 32.42 ? 73   LYS A N   1 
ATOM   541  C  CA  . LYS A 1 73  ? -8.548  -4.850  -19.516 1.00 30.88 ? 73   LYS A CA  1 
ATOM   542  C  C   . LYS A 1 73  ? -9.370  -4.505  -18.321 1.00 28.49 ? 73   LYS A C   1 
ATOM   543  O  O   . LYS A 1 73  ? -9.575  -3.335  -18.029 1.00 30.24 ? 73   LYS A O   1 
ATOM   544  C  CB  . LYS A 1 73  ? -7.090  -4.617  -19.138 1.00 30.75 ? 73   LYS A CB  1 
ATOM   545  C  CG  . LYS A 1 73  ? -6.066  -5.324  -19.983 1.00 31.85 ? 73   LYS A CG  1 
ATOM   546  C  CD  . LYS A 1 73  ? -4.659  -4.933  -19.523 1.00 32.49 ? 73   LYS A CD  1 
ATOM   547  C  CE  . LYS A 1 73  ? -3.613  -5.895  -20.048 1.00 32.56 ? 73   LYS A CE  1 
ATOM   548  N  NZ  . LYS A 1 73  ? -3.936  -7.281  -19.613 1.00 31.94 ? 73   LYS A NZ  1 
ATOM   549  N  N   . THR A 1 74  ? -9.809  -5.528  -17.610 1.00 24.85 ? 74   THR A N   1 
ATOM   550  C  CA  . THR A 1 74  ? -10.428 -5.308  -16.310 1.00 22.12 ? 74   THR A CA  1 
ATOM   551  C  C   . THR A 1 74  ? -9.342  -5.324  -15.231 1.00 20.25 ? 74   THR A C   1 
ATOM   552  O  O   . THR A 1 74  ? -8.539  -6.254  -15.126 1.00 19.96 ? 74   THR A O   1 
ATOM   553  C  CB  . THR A 1 74  ? -11.571 -6.303  -16.033 1.00 22.43 ? 74   THR A CB  1 
ATOM   554  O  OG1 . THR A 1 74  ? -12.481 -6.276  -17.140 1.00 19.70 ? 74   THR A OG1 1 
ATOM   555  C  CG2 . THR A 1 74  ? -12.333 -5.902  -14.778 1.00 21.40 ? 74   THR A CG2 1 
ATOM   556  N  N   . ILE A 1 75  ? -9.277  -4.247  -14.463 1.00 17.31 ? 75   ILE A N   1 
ATOM   557  C  CA  . ILE A 1 75  ? -8.322  -4.176  -13.361 1.00 16.81 ? 75   ILE A CA  1 
ATOM   558  C  C   . ILE A 1 75  ? -9.025  -4.579  -12.076 1.00 15.59 ? 75   ILE A C   1 
ATOM   559  O  O   . ILE A 1 75  ? -10.043 -4.008  -11.716 1.00 14.78 ? 75   ILE A O   1 
ATOM   560  C  CB  . ILE A 1 75  ? -7.743  -2.752  -13.187 1.00 17.24 ? 75   ILE A CB  1 
ATOM   561  C  CG1 . ILE A 1 75  ? -6.866  -2.398  -14.388 1.00 18.36 ? 75   ILE A CG1 1 
ATOM   562  C  CG2 . ILE A 1 75  ? -6.950  -2.652  -11.870 1.00 17.90 ? 75   ILE A CG2 1 
ATOM   563  C  CD1 . ILE A 1 75  ? -5.773  -3.459  -14.672 1.00 18.39 ? 75   ILE A CD1 1 
ATOM   564  N  N   . ASN A 1 76  ? -8.476  -5.585  -11.407 1.00 14.04 ? 76   ASN A N   1 
ATOM   565  C  CA  . ASN A 1 76  ? -8.826  -5.861  -10.017 1.00 13.73 ? 76   ASN A CA  1 
ATOM   566  C  C   . ASN A 1 76  ? -7.628  -5.472  -9.174  1.00 12.07 ? 76   ASN A C   1 
ATOM   567  O  O   . ASN A 1 76  ? -6.561  -6.086  -9.242  1.00 11.14 ? 76   ASN A O   1 
ATOM   568  C  CB  . ASN A 1 76  ? -9.189  -7.332  -9.772  1.00 14.08 ? 76   ASN A CB  1 
ATOM   569  C  CG  . ASN A 1 76  ? -9.553  -7.605  -8.299  1.00 15.22 ? 76   ASN A CG  1 
ATOM   570  O  OD1 . ASN A 1 76  ? -8.681  -7.675  -7.441  1.00 15.66 ? 76   ASN A OD1 1 
ATOM   571  N  ND2 . ASN A 1 76  ? -10.857 -7.736  -8.009  1.00 19.39 ? 76   ASN A ND2 1 
ATOM   572  N  N   . GLU A 1 77  ? -7.803  -4.431  -8.386  1.00 10.88 ? 77   GLU A N   1 
ATOM   573  C  CA  . GLU A 1 77  ? -6.646  -3.791  -7.736  1.00 10.86 ? 77   GLU A CA  1 
ATOM   574  C  C   . GLU A 1 77  ? -5.954  -4.741  -6.777  1.00 9.52  ? 77   GLU A C   1 
ATOM   575  O  O   . GLU A 1 77  ? -4.733  -4.824  -6.720  1.00 10.99 ? 77   GLU A O   1 
ATOM   576  C  CB  . GLU A 1 77  ? -7.066  -2.518  -7.014  1.00 9.58  ? 77   GLU A CB  1 
ATOM   577  C  CG  . GLU A 1 77  ? -7.508  -1.442  -8.035  1.00 10.65 ? 77   GLU A CG  1 
ATOM   578  C  CD  . GLU A 1 77  ? -7.466  -0.073  -7.458  1.00 9.94  ? 77   GLU A CD  1 
ATOM   579  O  OE1 . GLU A 1 77  ? -7.541  0.012   -6.208  1.00 10.40 ? 77   GLU A OE1 1 
ATOM   580  O  OE2 . GLU A 1 77  ? -7.389  0.916   -8.252  1.00 12.10 ? 77   GLU A OE2 1 
ATOM   581  N  N   . GLY A 1 78  ? -6.760  -5.493  -6.069  1.00 9.67  ? 78   GLY A N   1 
ATOM   582  C  CA  . GLY A 1 78  ? -6.239  -6.430  -5.070  1.00 9.32  ? 78   GLY A CA  1 
ATOM   583  C  C   . GLY A 1 78  ? -5.330  -7.459  -5.705  1.00 10.18 ? 78   GLY A C   1 
ATOM   584  O  O   . GLY A 1 78  ? -4.269  -7.799  -5.187  1.00 11.14 ? 78   GLY A O   1 
ATOM   585  N  N   . GLN A 1 79  ? -5.747  -7.954  -6.857  1.00 10.26 ? 79   GLN A N   1 
ATOM   586  C  CA  . GLN A 1 79  ? -4.947  -8.938  -7.593  1.00 11.38 ? 79   GLN A CA  1 
ATOM   587  C  C   . GLN A 1 79  ? -3.586  -8.382  -8.039  1.00 10.13 ? 79   GLN A C   1 
ATOM   588  O  O   . GLN A 1 79  ? -2.606  -9.113  -8.147  1.00 7.78  ? 79   GLN A O   1 
ATOM   589  C  CB  . GLN A 1 79  ? -5.731  -9.508  -8.786  1.00 12.38 ? 79   GLN A CB  1 
ATOM   590  C  CG  . GLN A 1 79  ? -6.959  -10.314 -8.343  1.00 18.17 ? 79   GLN A CG  1 
ATOM   591  C  CD  . GLN A 1 79  ? -6.616  -11.477 -7.390  1.00 21.99 ? 79   GLN A CD  1 
ATOM   592  O  OE1 . GLN A 1 79  ? -7.326  -11.727 -6.411  1.00 26.50 ? 79   GLN A OE1 1 
ATOM   593  N  NE2 . GLN A 1 79  ? -5.534  -12.193 -7.686  1.00 26.04 ? 79   GLN A NE2 1 
ATOM   594  N  N   . THR A 1 80  ? -3.506  -7.082  -8.295  1.00 8.72  ? 80   THR A N   1 
ATOM   595  C  CA  . THR A 1 80  ? -2.235  -6.510  -8.726  1.00 9.01  ? 80   THR A CA  1 
ATOM   596  C  C   . THR A 1 80  ? -1.234  -6.416  -7.577  1.00 9.99  ? 80   THR A C   1 
ATOM   597  O  O   . THR A 1 80  ? -0.034  -6.442  -7.809  1.00 12.70 ? 80   THR A O   1 
ATOM   598  C  CB  . THR A 1 80  ? -2.406  -5.095  -9.390  1.00 9.29  ? 80   THR A CB  1 
ATOM   599  O  OG1 . THR A 1 80  ? -2.683  -4.135  -8.370  1.00 8.54  ? 80   THR A OG1 1 
ATOM   600  C  CG2 . THR A 1 80  ? -3.500  -5.136  -10.462 1.00 7.65  ? 80   THR A CG2 1 
ATOM   601  N  N   . ILE A 1 81  ? -1.729  -6.348  -6.343  1.00 10.70 ? 81   ILE A N   1 
ATOM   602  C  CA  . ILE A 1 81  ? -0.862  -6.421  -5.150  1.00 12.34 ? 81   ILE A CA  1 
ATOM   603  C  C   . ILE A 1 81  ? -0.375  -7.861  -4.956  1.00 12.61 ? 81   ILE A C   1 
ATOM   604  O  O   . ILE A 1 81  ? 0.815   -8.121  -4.742  1.00 14.19 ? 81   ILE A O   1 
ATOM   605  C  CB  . ILE A 1 81  ? -1.550  -5.932  -3.876  1.00 14.03 ? 81   ILE A CB  1 
ATOM   606  C  CG1 . ILE A 1 81  ? -1.557  -4.401  -3.892  1.00 16.56 ? 81   ILE A CG1 1 
ATOM   607  C  CG2 . ILE A 1 81  ? -0.827  -6.436  -2.632  1.00 15.02 ? 81   ILE A CG2 1 
ATOM   608  C  CD1 . ILE A 1 81  ? -2.271  -3.817  -2.712  1.00 17.93 ? 81   ILE A CD1 1 
ATOM   609  N  N   . LEU A 1 82  ? -1.306  -8.791  -5.077  1.00 11.12 ? 82   LEU A N   1 
ATOM   610  C  CA  . LEU A 1 82  ? -0.987  -10.210 -4.786  1.00 11.12 ? 82   LEU A CA  1 
ATOM   611  C  C   . LEU A 1 82  ? 0.005   -10.808 -5.787  1.00 11.03 ? 82   LEU A C   1 
ATOM   612  O  O   . LEU A 1 82  ? 0.846   -11.670 -5.439  1.00 11.04 ? 82   LEU A O   1 
ATOM   613  C  CB  . LEU A 1 82  ? -2.261  -11.046 -4.721  1.00 11.65 ? 82   LEU A CB  1 
ATOM   614  C  CG  . LEU A 1 82  ? -3.247  -10.682 -3.591  1.00 12.41 ? 82   LEU A CG  1 
ATOM   615  C  CD1 . LEU A 1 82  ? -4.333  -11.774 -3.483  1.00 13.53 ? 82   LEU A CD1 1 
ATOM   616  C  CD2 . LEU A 1 82  ? -2.530  -10.491 -2.255  1.00 10.90 ? 82   LEU A CD2 1 
ATOM   617  N  N   . VAL A 1 83  ? -0.116  -10.383 -7.040  1.00 8.24  ? 83   VAL A N   1 
ATOM   618  C  CA  . VAL A 1 83  ? 0.686   -10.939 -8.115  1.00 8.93  ? 83   VAL A CA  1 
ATOM   619  C  C   . VAL A 1 83  ? 2.170   -10.643 -7.875  1.00 9.55  ? 83   VAL A C   1 
ATOM   620  O  O   . VAL A 1 83  ? 3.052   -11.474 -8.136  1.00 9.11  ? 83   VAL A O   1 
ATOM   621  C  CB  . VAL A 1 83  ? 0.212   -10.525 -9.546  1.00 10.79 ? 83   VAL A CB  1 
ATOM   622  C  CG1 . VAL A 1 83  ? 0.435   -9.038  -9.788  1.00 6.47  ? 83   VAL A CG1 1 
ATOM   623  C  CG2 . VAL A 1 83  ? 0.930   -11.397 -10.593 1.00 10.47 ? 83   VAL A CG2 1 
ATOM   624  N  N   . VAL A 1 84  ? 2.451   -9.498  -7.288  1.00 9.04  ? 84   VAL A N   1 
ATOM   625  C  CA  . VAL A 1 84  ? 3.848   -9.115  -7.058  1.00 8.30  ? 84   VAL A CA  1 
ATOM   626  C  C   . VAL A 1 84  ? 4.490   -10.038 -6.020  1.00 9.31  ? 84   VAL A C   1 
ATOM   627  O  O   . VAL A 1 84  ? 5.602   -10.540 -6.193  1.00 7.51  ? 84   VAL A O   1 
ATOM   628  C  CB  . VAL A 1 84  ? 3.975   -7.642  -6.627  1.00 9.50  ? 84   VAL A CB  1 
ATOM   629  C  CG1 . VAL A 1 84  ? 5.331   -7.404  -6.031  1.00 12.16 ? 84   VAL A CG1 1 
ATOM   630  C  CG2 . VAL A 1 84  ? 3.763   -6.743  -7.862  1.00 9.62  ? 84   VAL A CG2 1 
ATOM   631  N  N   . PHE A 1 85  ? 3.753   -10.298 -4.955  1.00 9.47  ? 85   PHE A N   1 
ATOM   632  C  CA  . PHE A 1 85  ? 4.232   -11.251 -3.931  1.00 9.66  ? 85   PHE A CA  1 
ATOM   633  C  C   . PHE A 1 85  ? 4.237   -12.704 -4.384  1.00 10.46 ? 85   PHE A C   1 
ATOM   634  O  O   . PHE A 1 85  ? 5.144   -13.490 -4.051  1.00 10.75 ? 85   PHE A O   1 
ATOM   635  C  CB  . PHE A 1 85  ? 3.400   -11.121 -2.660  1.00 9.85  ? 85   PHE A CB  1 
ATOM   636  C  CG  . PHE A 1 85  ? 3.656   -9.845  -1.923  1.00 9.10  ? 85   PHE A CG  1 
ATOM   637  C  CD1 . PHE A 1 85  ? 4.848   -9.650  -1.233  1.00 11.33 ? 85   PHE A CD1 1 
ATOM   638  C  CD2 . PHE A 1 85  ? 2.725   -8.831  -1.957  1.00 11.41 ? 85   PHE A CD2 1 
ATOM   639  C  CE1 . PHE A 1 85  ? 5.104   -8.429  -0.573  1.00 12.85 ? 85   PHE A CE1 1 
ATOM   640  C  CE2 . PHE A 1 85  ? 2.965   -7.639  -1.303  1.00 12.06 ? 85   PHE A CE2 1 
ATOM   641  C  CZ  . PHE A 1 85  ? 4.144   -7.437  -0.609  1.00 14.15 ? 85   PHE A CZ  1 
ATOM   642  N  N   . ASN A 1 86  ? 3.190   -13.063 -5.108  1.00 10.59 ? 86   ASN A N   1 
ATOM   643  C  CA  . ASN A 1 86  ? 3.011   -14.440 -5.555  1.00 11.27 ? 86   ASN A CA  1 
ATOM   644  C  C   . ASN A 1 86  ? 3.918   -14.818 -6.700  1.00 11.22 ? 86   ASN A C   1 
ATOM   645  O  O   . ASN A 1 86  ? 4.381   -15.960 -6.761  1.00 9.00  ? 86   ASN A O   1 
ATOM   646  C  CB  . ASN A 1 86  ? 1.562   -14.733 -5.951  1.00 11.95 ? 86   ASN A CB  1 
ATOM   647  C  CG  . ASN A 1 86  ? 0.630   -14.772 -4.755  1.00 16.18 ? 86   ASN A CG  1 
ATOM   648  O  OD1 . ASN A 1 86  ? 1.049   -15.124 -3.652  1.00 17.68 ? 86   ASN A OD1 1 
ATOM   649  N  ND2 . ASN A 1 86  ? -0.650  -14.423 -4.970  1.00 16.24 ? 86   ASN A ND2 1 
ATOM   650  N  N   . GLU A 1 87  ? 4.162   -13.875 -7.606  1.00 9.62  ? 87   GLU A N   1 
ATOM   651  C  CA  . GLU A 1 87  ? 4.858   -14.188 -8.877  1.00 12.70 ? 87   GLU A CA  1 
ATOM   652  C  C   . GLU A 1 87  ? 6.165   -13.429 -9.088  1.00 12.21 ? 87   GLU A C   1 
ATOM   653  O  O   . GLU A 1 87  ? 7.027   -13.892 -9.807  1.00 13.07 ? 87   GLU A O   1 
ATOM   654  C  CB  . GLU A 1 87  ? 3.956   -13.976 -10.111 1.00 13.78 ? 87   GLU A CB  1 
ATOM   655  C  CG  . GLU A 1 87  ? 2.647   -14.737 -10.117 1.00 17.36 ? 87   GLU A CG  1 
ATOM   656  C  CD  . GLU A 1 87  ? 2.834   -16.247 -10.060 1.00 21.49 ? 87   GLU A CD  1 
ATOM   657  O  OE1 . GLU A 1 87  ? 3.854   -16.760 -10.573 1.00 23.82 ? 87   GLU A OE1 1 
ATOM   658  O  OE2 . GLU A 1 87  ? 1.958   -16.918 -9.496  1.00 24.94 ? 87   GLU A OE2 1 
ATOM   659  N  N   . GLY A 1 88  ? 6.290   -12.274 -8.463  1.00 12.25 ? 88   GLY A N   1 
ATOM   660  C  CA  . GLY A 1 88  ? 7.522   -11.487 -8.530  1.00 11.05 ? 88   GLY A CA  1 
ATOM   661  C  C   . GLY A 1 88  ? 7.520   -10.511 -9.697  1.00 10.65 ? 88   GLY A C   1 
ATOM   662  O  O   . GLY A 1 88  ? 8.555   -9.999  -10.109 1.00 10.16 ? 88   GLY A O   1 
ATOM   663  N  N   . TYR A 1 89  ? 6.343   -10.325 -10.259 1.00 10.01 ? 89   TYR A N   1 
ATOM   664  C  CA  . TYR A 1 89  ? 6.132   -9.332  -11.322 1.00 10.60 ? 89   TYR A CA  1 
ATOM   665  C  C   . TYR A 1 89  ? 4.701   -8.831  -11.338 1.00 10.64 ? 89   TYR A C   1 
ATOM   666  O  O   . TYR A 1 89  ? 3.844   -9.374  -10.690 1.00 11.07 ? 89   TYR A O   1 
ATOM   667  C  CB  . TYR A 1 89  ? 6.534   -9.868  -12.700 1.00 10.02 ? 89   TYR A CB  1 
ATOM   668  C  CG  . TYR A 1 89  ? 5.839   -11.159 -13.097 1.00 8.29  ? 89   TYR A CG  1 
ATOM   669  C  CD1 . TYR A 1 89  ? 4.509   -11.153 -13.517 1.00 8.14  ? 89   TYR A CD1 1 
ATOM   670  C  CD2 . TYR A 1 89  ? 6.492   -12.383 -12.998 1.00 9.40  ? 89   TYR A CD2 1 
ATOM   671  C  CE1 . TYR A 1 89  ? 3.860   -12.307 -13.844 1.00 11.72 ? 89   TYR A CE1 1 
ATOM   672  C  CE2 . TYR A 1 89  ? 5.855   -13.530 -13.330 1.00 9.35  ? 89   TYR A CE2 1 
ATOM   673  C  CZ  . TYR A 1 89  ? 4.551   -13.505 -13.750 1.00 10.44 ? 89   TYR A CZ  1 
ATOM   674  O  OH  . TYR A 1 89  ? 3.931   -14.672 -14.091 1.00 14.78 ? 89   TYR A OH  1 
ATOM   675  N  N   . ALA A 1 90  ? 4.491   -7.770  -12.083 1.00 9.18  ? 90   ALA A N   1 
ATOM   676  C  CA  . ALA A 1 90  ? 3.164   -7.146  -12.234 1.00 8.65  ? 90   ALA A CA  1 
ATOM   677  C  C   . ALA A 1 90  ? 2.805   -6.994  -13.715 1.00 8.58  ? 90   ALA A C   1 
ATOM   678  O  O   . ALA A 1 90  ? 3.326   -6.110  -14.406 1.00 8.43  ? 90   ALA A O   1 
ATOM   679  C  CB  . ALA A 1 90  ? 3.103   -5.795  -11.509 1.00 7.94  ? 90   ALA A CB  1 
ATOM   680  N  N   . PRO A 1 91  ? 1.933   -7.868  -14.228 1.00 9.57  ? 91   PRO A N   1 
ATOM   681  C  CA  . PRO A 1 91  ? 1.749   -7.855  -15.667 1.00 10.42 ? 91   PRO A CA  1 
ATOM   682  C  C   . PRO A 1 91  ? 1.179   -6.563  -16.190 1.00 12.05 ? 91   PRO A C   1 
ATOM   683  O  O   . PRO A 1 91  ? 1.419   -6.199  -17.323 1.00 9.92  ? 91   PRO A O   1 
ATOM   684  C  CB  . PRO A 1 91  ? 0.763   -9.000  -15.902 1.00 11.45 ? 91   PRO A CB  1 
ATOM   685  C  CG  . PRO A 1 91  ? 1.063   -9.932  -14.832 1.00 10.49 ? 91   PRO A CG  1 
ATOM   686  C  CD  . PRO A 1 91  ? 1.392   -9.108  -13.624 1.00 8.80  ? 91   PRO A CD  1 
ATOM   687  N  N   . ASP A 1 92  ? 0.481   -5.870  -15.316 1.00 14.68 ? 92   ASP A N   1 
ATOM   688  C  CA  . ASP A 1 92  ? -0.226  -4.651  -15.700 1.00 16.14 ? 92   ASP A CA  1 
ATOM   689  C  C   . ASP A 1 92  ? 0.088   -3.474  -14.834 1.00 14.99 ? 92   ASP A C   1 
ATOM   690  O  O   . ASP A 1 92  ? -0.640  -2.492  -14.844 1.00 16.01 ? 92   ASP A O   1 
ATOM   691  C  CB  . ASP A 1 92  ? -1.734  -4.886  -15.634 1.00 16.73 ? 92   ASP A CB  1 
ATOM   692  C  CG  . ASP A 1 92  ? -2.207  -5.947  -16.620 1.00 19.00 ? 92   ASP A CG  1 
ATOM   693  O  OD1 . ASP A 1 92  ? -1.901  -5.848  -17.836 1.00 22.06 ? 92   ASP A OD1 1 
ATOM   694  O  OD2 . ASP A 1 92  ? -2.889  -6.883  -16.167 1.00 24.22 ? 92   ASP A OD2 1 
ATOM   695  N  N   . GLY A 1 93  ? 1.160   -3.602  -14.075 1.00 13.85 ? 93   GLY A N   1 
ATOM   696  C  CA  . GLY A 1 93  ? 1.492   -2.671  -13.011 1.00 12.73 ? 93   GLY A CA  1 
ATOM   697  C  C   . GLY A 1 93  ? 0.671   -2.893  -11.761 1.00 10.96 ? 93   GLY A C   1 
ATOM   698  O  O   . GLY A 1 93  ? -0.163  -3.769  -11.715 1.00 10.34 ? 93   GLY A O   1 
ATOM   699  N  N   . VAL A 1 94  ? 0.910   -2.081  -10.744 1.00 10.13 ? 94   VAL A N   1 
ATOM   700  C  CA  . VAL A 1 94  ? 0.146   -2.159  -9.503  1.00 10.00 ? 94   VAL A CA  1 
ATOM   701  C  C   . VAL A 1 94  ? -0.806  -0.977  -9.476  1.00 10.61 ? 94   VAL A C   1 
ATOM   702  O  O   . VAL A 1 94  ? -0.406  0.160   -9.650  1.00 10.68 ? 94   VAL A O   1 
ATOM   703  C  CB  . VAL A 1 94  ? 1.064   -2.128  -8.292  1.00 10.54 ? 94   VAL A CB  1 
ATOM   704  C  CG1 . VAL A 1 94  ? 0.246   -2.060  -6.988  1.00 10.01 ? 94   VAL A CG1 1 
ATOM   705  C  CG2 . VAL A 1 94  ? 2.024   -3.400  -8.296  1.00 10.08 ? 94   VAL A CG2 1 
ATOM   706  N  N   . TRP A 1 95  ? -2.073  -1.269  -9.308  1.00 9.52  ? 95   TRP A N   1 
ATOM   707  C  CA  . TRP A 1 95  ? -3.082  -0.247  -9.316  1.00 9.60  ? 95   TRP A CA  1 
ATOM   708  C  C   . TRP A 1 95  ? -3.704  -0.146  -7.947  1.00 10.40 ? 95   TRP A C   1 
ATOM   709  O  O   . TRP A 1 95  ? -4.087  -1.148  -7.356  1.00 10.73 ? 95   TRP A O   1 
ATOM   710  C  CB  . TRP A 1 95  ? -4.156  -0.581  -10.346 1.00 8.31  ? 95   TRP A CB  1 
ATOM   711  C  CG  . TRP A 1 95  ? -3.705  -0.539  -11.775 1.00 10.03 ? 95   TRP A CG  1 
ATOM   712  C  CD1 . TRP A 1 95  ? -2.955  -1.454  -12.429 1.00 13.24 ? 95   TRP A CD1 1 
ATOM   713  C  CD2 . TRP A 1 95  ? -4.033  0.475   -12.741 1.00 11.29 ? 95   TRP A CD2 1 
ATOM   714  N  NE1 . TRP A 1 95  ? -2.783  -1.074  -13.744 1.00 13.37 ? 95   TRP A NE1 1 
ATOM   715  C  CE2 . TRP A 1 95  ? -3.445  0.100   -13.958 1.00 10.89 ? 95   TRP A CE2 1 
ATOM   716  C  CE3 . TRP A 1 95  ? -4.751  1.673   -12.681 1.00 9.83  ? 95   TRP A CE3 1 
ATOM   717  C  CZ2 . TRP A 1 95  ? -3.544  0.867   -15.105 1.00 10.79 ? 95   TRP A CZ2 1 
ATOM   718  C  CZ3 . TRP A 1 95  ? -4.869  2.419   -13.821 1.00 10.36 ? 95   TRP A CZ3 1 
ATOM   719  C  CH2 . TRP A 1 95  ? -4.265  2.026   -15.019 1.00 12.98 ? 95   TRP A CH2 1 
ATOM   720  N  N   . LEU A 1 96  ? -3.785  1.081   -7.450  1.00 10.63 ? 96   LEU A N   1 
ATOM   721  C  CA  . LEU A 1 96  ? -4.400  1.364   -6.148  1.00 10.50 ? 96   LEU A CA  1 
ATOM   722  C  C   . LEU A 1 96  ? -5.231  2.622   -6.203  1.00 10.37 ? 96   LEU A C   1 
ATOM   723  O  O   . LEU A 1 96  ? -4.733  3.681   -6.525  1.00 9.74  ? 96   LEU A O   1 
ATOM   724  C  CB  . LEU A 1 96  ? -3.321  1.513   -5.090  1.00 12.26 ? 96   LEU A CB  1 
ATOM   725  C  CG  . LEU A 1 96  ? -3.800  1.588   -3.644  1.00 13.47 ? 96   LEU A CG  1 
ATOM   726  C  CD1 . LEU A 1 96  ? -4.502  0.295   -3.228  1.00 13.83 ? 96   LEU A CD1 1 
ATOM   727  C  CD2 . LEU A 1 96  ? -2.641  1.907   -2.730  1.00 15.17 ? 96   LEU A CD2 1 
ATOM   728  N  N   . GLY A 1 97  ? -6.512  2.488   -5.908  1.00 10.73 ? 97   GLY A N   1 
ATOM   729  C  CA  . GLY A 1 97  ? -7.408  3.644   -5.972  1.00 10.92 ? 97   GLY A CA  1 
ATOM   730  C  C   . GLY A 1 97  ? -7.472  4.310   -7.336  1.00 11.05 ? 97   GLY A C   1 
ATOM   731  O  O   . GLY A 1 97  ? -7.655  5.532   -7.449  1.00 12.38 ? 97   GLY A O   1 
ATOM   732  N  N   . GLY A 1 98  ? -7.342  3.530   -8.393  1.00 9.51  ? 98   GLY A N   1 
ATOM   733  C  CA  . GLY A 1 98  ? -7.506  4.089   -9.733  1.00 11.00 ? 98   GLY A CA  1 
ATOM   734  C  C   . GLY A 1 98  ? -6.222  4.645   -10.309 1.00 10.78 ? 98   GLY A C   1 
ATOM   735  O  O   . GLY A 1 98  ? -6.179  5.086   -11.431 1.00 10.49 ? 98   GLY A O   1 
ATOM   736  N  N   . THR A 1 99  ? -5.152  4.540   -9.536  1.00 11.72 ? 99   THR A N   1 
ATOM   737  C  CA  . THR A 1 99  ? -3.850  5.057   -9.922  1.00 11.40 ? 99   THR A CA  1 
ATOM   738  C  C   . THR A 1 99  ? -2.869  3.935   -10.176 1.00 10.39 ? 99   THR A C   1 
ATOM   739  O  O   . THR A 1 99  ? -2.751  3.021   -9.380  1.00 9.25  ? 99   THR A O   1 
ATOM   740  C  CB  . THR A 1 99  ? -3.277  5.962   -8.813  1.00 12.56 ? 99   THR A CB  1 
ATOM   741  O  OG1 . THR A 1 99  ? -4.174  7.053   -8.609  1.00 12.58 ? 99   THR A OG1 1 
ATOM   742  C  CG2 . THR A 1 99  ? -1.872  6.480   -9.177  1.00 10.67 ? 99   THR A CG2 1 
ATOM   743  N  N   . LYS A 1 100 ? -2.222  4.015   -11.327 1.00 9.98  ? 100  LYS A N   1 
ATOM   744  C  CA  . LYS A 1 100 ? -1.153  3.093   -11.707 1.00 11.08 ? 100  LYS A CA  1 
ATOM   745  C  C   . LYS A 1 100 ? 0.207   3.459   -11.147 1.00 10.53 ? 100  LYS A C   1 
ATOM   746  O  O   . LYS A 1 100 ? 0.718   4.583   -11.301 1.00 8.38  ? 100  LYS A O   1 
ATOM   747  C  CB  . LYS A 1 100 ? -1.018  2.980   -13.219 1.00 13.03 ? 100  LYS A CB  1 
ATOM   748  C  CG  . LYS A 1 100 ? -0.187  1.763   -13.652 1.00 13.44 ? 100  LYS A CG  1 
ATOM   749  C  CD  . LYS A 1 100 ? 0.091   1.827   -15.149 1.00 18.18 ? 100  LYS A CD  1 
ATOM   750  C  CE  . LYS A 1 100 ? 0.992   0.705   -15.609 1.00 20.42 ? 100  LYS A CE  1 
ATOM   751  N  NZ  . LYS A 1 100 ? 1.108   0.649   -17.101 1.00 24.43 ? 100  LYS A NZ  1 
ATOM   752  N  N   . TYR A 1 101 ? 0.794   2.466   -10.512 1.00 9.30  ? 101  TYR A N   1 
ATOM   753  C  CA  . TYR A 1 101 ? 2.168   2.521   -10.032 1.00 10.16 ? 101  TYR A CA  1 
ATOM   754  C  C   . TYR A 1 101 ? 3.020   1.500   -10.792 1.00 10.91 ? 101  TYR A C   1 
ATOM   755  O  O   . TYR A 1 101 ? 2.572   0.403   -11.169 1.00 12.53 ? 101  TYR A O   1 
ATOM   756  C  CB  . TYR A 1 101 ? 2.255   2.202   -8.524  1.00 10.15 ? 101  TYR A CB  1 
ATOM   757  C  CG  . TYR A 1 101 ? 1.483   3.127   -7.605  1.00 11.28 ? 101  TYR A CG  1 
ATOM   758  C  CD1 . TYR A 1 101 ? 2.141   4.090   -6.847  1.00 11.01 ? 101  TYR A CD1 1 
ATOM   759  C  CD2 . TYR A 1 101 ? 0.101   3.017   -7.473  1.00 9.69  ? 101  TYR A CD2 1 
ATOM   760  C  CE1 . TYR A 1 101 ? 1.437   4.948   -5.973  1.00 10.20 ? 101  TYR A CE1 1 
ATOM   761  C  CE2 . TYR A 1 101 ? -0.615  3.882   -6.615  1.00 10.37 ? 101  TYR A CE2 1 
ATOM   762  C  CZ  . TYR A 1 101 ? 0.069   4.838   -5.878  1.00 11.76 ? 101  TYR A CZ  1 
ATOM   763  O  OH  . TYR A 1 101 ? -0.620  5.680   -5.032  1.00 10.20 ? 101  TYR A OH  1 
ATOM   764  N  N   . GLN A 1 102 ? 4.258   1.885   -10.971 1.00 10.15 ? 102  GLN A N   1 
ATOM   765  C  CA  . GLN A 1 102 ? 5.289   1.044   -11.592 1.00 10.64 ? 102  GLN A CA  1 
ATOM   766  C  C   . GLN A 1 102 ? 5.972   0.208   -10.536 1.00 9.75  ? 102  GLN A C   1 
ATOM   767  O  O   . GLN A 1 102 ? 6.528   0.728   -9.614  1.00 9.68  ? 102  GLN A O   1 
ATOM   768  C  CB  . GLN A 1 102 ? 6.358   1.894   -12.281 1.00 11.04 ? 102  GLN A CB  1 
ATOM   769  C  CG  . GLN A 1 102 ? 7.634   1.140   -12.602 1.00 16.65 ? 102  GLN A CG  1 
ATOM   770  C  CD  . GLN A 1 102 ? 7.536   0.323   -13.860 1.00 19.90 ? 102  GLN A CD  1 
ATOM   771  O  OE1 . GLN A 1 102 ? 7.116   0.835   -14.886 1.00 23.63 ? 102  GLN A OE1 1 
ATOM   772  N  NE2 . GLN A 1 102 ? 7.941   -0.968  -13.797 1.00 21.21 ? 102  GLN A NE2 1 
ATOM   773  N  N   . PHE A 1 103 ? 5.950   -1.103  -10.720 1.00 8.73  ? 103  PHE A N   1 
ATOM   774  C  CA  . PHE A 1 103 ? 6.658   -2.045  -9.804  1.00 8.61  ? 103  PHE A CA  1 
ATOM   775  C  C   . PHE A 1 103 ? 8.165   -1.910  -9.972  1.00 7.90  ? 103  PHE A C   1 
ATOM   776  O  O   . PHE A 1 103 ? 8.710   -2.151  -11.045 1.00 7.22  ? 103  PHE A O   1 
ATOM   777  C  CB  . PHE A 1 103 ? 6.175   -3.494  -10.083 1.00 7.67  ? 103  PHE A CB  1 
ATOM   778  C  CG  . PHE A 1 103 ? 6.983   -4.551  -9.399  1.00 10.53 ? 103  PHE A CG  1 
ATOM   779  C  CD1 . PHE A 1 103 ? 7.255   -4.475  -8.051  1.00 10.14 ? 103  PHE A CD1 1 
ATOM   780  C  CD2 . PHE A 1 103 ? 7.440   -5.643  -10.099 1.00 9.72  ? 103  PHE A CD2 1 
ATOM   781  C  CE1 . PHE A 1 103 ? 7.986   -5.440  -7.439  1.00 11.34 ? 103  PHE A CE1 1 
ATOM   782  C  CE2 . PHE A 1 103 ? 8.186   -6.596  -9.498  1.00 8.66  ? 103  PHE A CE2 1 
ATOM   783  C  CZ  . PHE A 1 103 ? 8.459   -6.517  -8.172  1.00 10.23 ? 103  PHE A CZ  1 
ATOM   784  N  N   . ILE A 1 104 ? 8.832   -1.466  -8.914  1.00 8.36  ? 104  ILE A N   1 
ATOM   785  C  CA  . ILE A 1 104 ? 10.269  -1.151  -8.957  1.00 11.29 ? 104  ILE A CA  1 
ATOM   786  C  C   . ILE A 1 104 ? 11.183  -2.186  -8.325  1.00 10.24 ? 104  ILE A C   1 
ATOM   787  O  O   . ILE A 1 104 ? 12.310  -2.396  -8.760  1.00 10.37 ? 104  ILE A O   1 
ATOM   788  C  CB  . ILE A 1 104 ? 10.561  0.144   -8.171  1.00 13.45 ? 104  ILE A CB  1 
ATOM   789  C  CG1 . ILE A 1 104 ? 9.806   1.309   -8.790  1.00 16.54 ? 104  ILE A CG1 1 
ATOM   790  C  CG2 . ILE A 1 104 ? 12.058  0.442   -8.128  1.00 19.45 ? 104  ILE A CG2 1 
ATOM   791  C  CD1 . ILE A 1 104 ? 10.083  1.481   -10.256 1.00 15.76 ? 104  ILE A CD1 1 
ATOM   792  N  N   . ASN A 1 105 ? 10.743  -2.758  -7.230  1.00 9.60  ? 105  ASN A N   1 
ATOM   793  C  CA  . ASN A 1 105 ? 11.643  -3.650  -6.477  1.00 11.53 ? 105  ASN A CA  1 
ATOM   794  C  C   . ASN A 1 105 ? 10.850  -4.503  -5.531  1.00 10.50 ? 105  ASN A C   1 
ATOM   795  O  O   . ASN A 1 105 ? 9.801   -4.069  -5.045  1.00 7.74  ? 105  ASN A O   1 
ATOM   796  C  CB  . ASN A 1 105 ? 12.682  -2.814  -5.699  1.00 12.33 ? 105  ASN A CB  1 
ATOM   797  C  CG  . ASN A 1 105 ? 13.737  -3.674  -5.016  1.00 16.02 ? 105  ASN A CG  1 
ATOM   798  O  OD1 . ASN A 1 105 ? 14.418  -4.446  -5.662  1.00 18.34 ? 105  ASN A OD1 1 
ATOM   799  N  ND2 . ASN A 1 105 ? 13.850  -3.555  -3.702  1.00 15.92 ? 105  ASN A ND2 1 
ATOM   800  N  N   . ILE A 1 106 ? 11.314  -5.729  -5.323  1.00 10.44 ? 106  ILE A N   1 
ATOM   801  C  CA  . ILE A 1 106 ? 10.852  -6.558  -4.202  1.00 11.18 ? 106  ILE A CA  1 
ATOM   802  C  C   . ILE A 1 106 ? 12.044  -7.180  -3.475  1.00 10.55 ? 106  ILE A C   1 
ATOM   803  O  O   . ILE A 1 106 ? 13.042  -7.556  -4.093  1.00 9.88  ? 106  ILE A O   1 
ATOM   804  C  CB  . ILE A 1 106 ? 9.846   -7.664  -4.620  1.00 11.64 ? 106  ILE A CB  1 
ATOM   805  C  CG1 . ILE A 1 106 ? 9.280   -8.358  -3.378  1.00 12.81 ? 106  ILE A CG1 1 
ATOM   806  C  CG2 . ILE A 1 106 ? 10.489  -8.611  -5.640  1.00 12.79 ? 106  ILE A CG2 1 
ATOM   807  C  CD1 . ILE A 1 106 ? 7.952   -8.989  -3.622  1.00 13.97 ? 106  ILE A CD1 1 
ATOM   808  N  N   . GLU A 1 107 ? 11.952  -7.236  -2.158  1.00 9.80  ? 107  GLU A N   1 
ATOM   809  C  CA  . GLU A 1 107 ? 12.972  -7.938  -1.365  1.00 11.82 ? 107  GLU A CA  1 
ATOM   810  C  C   . GLU A 1 107 ? 12.243  -8.959  -0.551  1.00 11.72 ? 107  GLU A C   1 
ATOM   811  O  O   . GLU A 1 107 ? 11.237  -8.678  0.059   1.00 13.50 ? 107  GLU A O   1 
ATOM   812  C  CB  . GLU A 1 107 ? 13.739  -7.008  -0.430  1.00 12.26 ? 107  GLU A CB  1 
ATOM   813  C  CG  . GLU A 1 107 ? 14.463  -5.874  -1.082  1.00 15.97 ? 107  GLU A CG  1 
ATOM   814  C  CD  . GLU A 1 107 ? 15.661  -6.275  -1.916  1.00 18.75 ? 107  GLU A CD  1 
ATOM   815  O  OE1 . GLU A 1 107 ? 16.172  -5.367  -2.593  1.00 24.15 ? 107  GLU A OE1 1 
ATOM   816  O  OE2 . GLU A 1 107 ? 16.118  -7.444  -1.903  1.00 18.28 ? 107  GLU A OE2 1 
ATOM   817  N  N   . ARG A 1 108 ? 12.742  -10.167 -0.555  1.00 11.63 ? 108  ARG A N   1 
ATOM   818  C  CA  . ARG A 1 108 ? 12.162  -11.178 0.292   1.00 12.54 ? 108  ARG A CA  1 
ATOM   819  C  C   . ARG A 1 108 ? 13.009  -11.373 1.514   1.00 10.86 ? 108  ARG A C   1 
ATOM   820  O  O   . ARG A 1 108 ? 14.210  -11.505 1.418   1.00 11.15 ? 108  ARG A O   1 
ATOM   821  C  CB  . ARG A 1 108 ? 12.103  -12.492 -0.472  1.00 13.17 ? 108  ARG A CB  1 
ATOM   822  C  CG  . ARG A 1 108 ? 11.622  -12.293 -1.892  1.00 16.17 ? 108  ARG A CG  1 
ATOM   823  C  CD  . ARG A 1 108 ? 10.171  -12.615 -1.982  1.00 17.42 ? 108  ARG A CD  1 
ATOM   824  N  NE  . ARG A 1 108 ? 9.658   -12.617 -3.354  1.00 18.14 ? 108  ARG A NE  1 
ATOM   825  C  CZ  . ARG A 1 108 ? 8.362   -12.757 -3.636  1.00 16.30 ? 108  ARG A CZ  1 
ATOM   826  N  NH1 . ARG A 1 108 ? 7.492   -12.909 -2.637  1.00 11.72 ? 108  ARG A NH1 1 
ATOM   827  N  NH2 . ARG A 1 108 ? 7.936   -12.722 -4.900  1.00 17.09 ? 108  ARG A NH2 1 
ATOM   828  N  N   . ASP A 1 109 ? 12.349  -11.471 2.652   1.00 10.08 ? 109  ASP A N   1 
ATOM   829  C  CA  . ASP A 1 109 ? 13.034  -11.694 3.920   1.00 10.98 ? 109  ASP A CA  1 
ATOM   830  C  C   . ASP A 1 109 ? 14.048  -10.603 4.182   1.00 9.72  ? 109  ASP A C   1 
ATOM   831  O  O   . ASP A 1 109 ? 15.116  -10.846 4.677   1.00 9.53  ? 109  ASP A O   1 
ATOM   832  C  CB  . ASP A 1 109 ? 13.717  -13.038 3.930   1.00 12.70 ? 109  ASP A CB  1 
ATOM   833  C  CG  . ASP A 1 109 ? 12.723  -14.152 3.966   1.00 18.09 ? 109  ASP A CG  1 
ATOM   834  O  OD1 . ASP A 1 109 ? 11.693  -13.963 4.640   1.00 22.54 ? 109  ASP A OD1 1 
ATOM   835  O  OD2 . ASP A 1 109 ? 12.947  -15.195 3.314   1.00 26.60 ? 109  ASP A OD2 1 
ATOM   836  N  N   . LEU A 1 110 ? 13.678  -9.388  3.829   1.00 8.95  ? 110  LEU A N   1 
ATOM   837  C  CA  . LEU A 1 110 ? 14.512  -8.223  4.184   1.00 8.72  ? 110  LEU A CA  1 
ATOM   838  C  C   . LEU A 1 110 ? 14.591  -8.132  5.699   1.00 7.89  ? 110  LEU A C   1 
ATOM   839  O  O   . LEU A 1 110 ? 13.558  -8.145  6.389   1.00 8.35  ? 110  LEU A O   1 
ATOM   840  C  CB  . LEU A 1 110 ? 13.914  -6.957  3.599   1.00 9.38  ? 110  LEU A CB  1 
ATOM   841  C  CG  . LEU A 1 110 ? 14.502  -5.588  3.938   1.00 9.75  ? 110  LEU A CG  1 
ATOM   842  C  CD1 . LEU A 1 110 ? 14.119  -4.607  2.847   1.00 10.53 ? 110  LEU A CD1 1 
ATOM   843  C  CD2 . LEU A 1 110 ? 14.025  -5.093  5.307   1.00 11.23 ? 110  LEU A CD2 1 
ATOM   844  N  N   . GLU A 1 111 ? 15.816  -8.079  6.215   1.00 6.54  ? 111  GLU A N   1 
ATOM   845  C  CA  . GLU A 1 111 ? 16.039  -8.037  7.660   1.00 5.46  ? 111  GLU A CA  1 
ATOM   846  C  C   . GLU A 1 111 ? 16.025  -6.634  8.222   1.00 5.56  ? 111  GLU A C   1 
ATOM   847  O  O   . GLU A 1 111 ? 16.785  -5.753  7.824   1.00 3.75  ? 111  GLU A O   1 
ATOM   848  C  CB  . GLU A 1 111 ? 17.327  -8.740  8.036   1.00 6.30  ? 111  GLU A CB  1 
ATOM   849  C  CG  . GLU A 1 111 ? 17.456  -10.012 7.248   1.00 6.28  ? 111  GLU A CG  1 
ATOM   850  C  CD  . GLU A 1 111 ? 18.661  -10.833 7.599   1.00 9.99  ? 111  GLU A CD  1 
ATOM   851  O  OE1 . GLU A 1 111 ? 19.571  -10.366 8.322   1.00 13.54 ? 111  GLU A OE1 1 
ATOM   852  O  OE2 . GLU A 1 111 ? 18.693  -11.975 7.119   1.00 13.48 ? 111  GLU A OE2 1 
ATOM   853  N  N   . PHE A 1 112 ? 15.120  -6.465  9.163   1.00 5.40  ? 112  PHE A N   1 
ATOM   854  C  CA  . PHE A 1 112 ? 14.989  -5.206  9.884   1.00 6.11  ? 112  PHE A CA  1 
ATOM   855  C  C   . PHE A 1 112 ? 14.910  -5.440  11.377  1.00 6.15  ? 112  PHE A C   1 
ATOM   856  O  O   . PHE A 1 112 ? 13.870  -5.788  11.941  1.00 5.43  ? 112  PHE A O   1 
ATOM   857  C  CB  . PHE A 1 112 ? 13.746  -4.466  9.410   1.00 6.69  ? 112  PHE A CB  1 
ATOM   858  C  CG  . PHE A 1 112 ? 13.554  -3.132  10.055  1.00 6.64  ? 112  PHE A CG  1 
ATOM   859  C  CD1 . PHE A 1 112 ? 14.293  -2.031  9.637   1.00 7.34  ? 112  PHE A CD1 1 
ATOM   860  C  CD2 . PHE A 1 112 ? 12.622  -2.961  11.054  1.00 8.78  ? 112  PHE A CD2 1 
ATOM   861  C  CE1 . PHE A 1 112 ? 14.115  -0.804  10.225  1.00 9.41  ? 112  PHE A CE1 1 
ATOM   862  C  CE2 . PHE A 1 112 ? 12.426  -1.728  11.630  1.00 9.60  ? 112  PHE A CE2 1 
ATOM   863  C  CZ  . PHE A 1 112 ? 13.177  -0.652  11.219  1.00 8.87  ? 112  PHE A CZ  1 
ATOM   864  N  N   . GLU A 1 113 ? 16.056  -5.216  11.994  1.00 6.71  ? 113  GLU A N   1 
ATOM   865  C  CA  . GLU A 1 113 ? 16.229  -5.257  13.421  1.00 8.76  ? 113  GLU A CA  1 
ATOM   866  C  C   . GLU A 1 113 ? 15.601  -6.482  14.055  1.00 7.87  ? 113  GLU A C   1 
ATOM   867  O  O   . GLU A 1 113 ? 14.850  -6.385  15.033  1.00 5.47  ? 113  GLU A O   1 
ATOM   868  C  CB  . GLU A 1 113 ? 15.654  -4.004  14.062  1.00 11.32 ? 113  GLU A CB  1 
ATOM   869  C  CG  . GLU A 1 113 ? 16.093  -2.763  13.341  1.00 16.97 ? 113  GLU A CG  1 
ATOM   870  C  CD  . GLU A 1 113 ? 15.639  -1.508  14.035  1.00 22.64 ? 113  GLU A CD  1 
ATOM   871  O  OE1 . GLU A 1 113 ? 14.680  -1.595  14.845  1.00 26.76 ? 113  GLU A OE1 1 
ATOM   872  O  OE2 . GLU A 1 113 ? 16.239  -0.442  13.754  1.00 24.74 ? 113  GLU A OE2 1 
ATOM   873  N  N   . GLY A 1 114 ? 15.905  -7.624  13.463  1.00 6.35  ? 114  GLY A N   1 
ATOM   874  C  CA  . GLY A 1 114 ? 15.598  -8.917  14.086  1.00 7.15  ? 114  GLY A CA  1 
ATOM   875  C  C   . GLY A 1 114 ? 14.371  -9.604  13.539  1.00 8.28  ? 114  GLY A C   1 
ATOM   876  O  O   . GLY A 1 114 ? 14.050  -10.710 13.932  1.00 8.30  ? 114  GLY A O   1 
ATOM   877  N  N   . TYR A 1 115 ? 13.709  -8.922  12.617  1.00 9.17  ? 115  TYR A N   1 
ATOM   878  C  CA  . TYR A 1 115 ? 12.482  -9.388  11.960  1.00 10.56 ? 115  TYR A CA  1 
ATOM   879  C  C   . TYR A 1 115 ? 12.626  -9.291  10.451  1.00 10.88 ? 115  TYR A C   1 
ATOM   880  O  O   . TYR A 1 115 ? 13.153  -8.302  9.931   1.00 11.20 ? 115  TYR A O   1 
ATOM   881  C  CB  . TYR A 1 115 ? 11.289  -8.519  12.409  1.00 10.63 ? 115  TYR A CB  1 
ATOM   882  C  CG  . TYR A 1 115 ? 10.999  -8.678  13.873  1.00 11.98 ? 115  TYR A CG  1 
ATOM   883  C  CD1 . TYR A 1 115 ? 10.062  -9.607  14.317  1.00 16.07 ? 115  TYR A CD1 1 
ATOM   884  C  CD2 . TYR A 1 115 ? 11.713  -7.955  14.819  1.00 15.48 ? 115  TYR A CD2 1 
ATOM   885  C  CE1 . TYR A 1 115 ? 9.824   -9.794  15.673  1.00 18.38 ? 115  TYR A CE1 1 
ATOM   886  C  CE2 . TYR A 1 115 ? 11.488  -8.127  16.178  1.00 17.88 ? 115  TYR A CE2 1 
ATOM   887  C  CZ  . TYR A 1 115 ? 10.544  -9.049  16.598  1.00 18.90 ? 115  TYR A CZ  1 
ATOM   888  O  OH  . TYR A 1 115 ? 10.311  -9.219  17.939  1.00 21.06 ? 115  TYR A OH  1 
ATOM   889  N  N   . ASN A 1 116 ? 12.106  -10.287 9.753   1.00 9.70  ? 116  ASN A N   1 
ATOM   890  C  CA  . ASN A 1 116 ? 12.265  -10.366 8.313   1.00 9.62  ? 116  ASN A CA  1 
ATOM   891  C  C   . ASN A 1 116 ? 10.930  -10.190 7.602   1.00 9.72  ? 116  ASN A C   1 
ATOM   892  O  O   . ASN A 1 116 ? 9.917   -10.776 8.001   1.00 8.44  ? 116  ASN A O   1 
ATOM   893  C  CB  . ASN A 1 116 ? 12.927  -11.692 7.951   1.00 11.52 ? 116  ASN A CB  1 
ATOM   894  C  CG  . ASN A 1 116 ? 14.265  -11.859 8.638   1.00 13.70 ? 116  ASN A CG  1 
ATOM   895  O  OD1 . ASN A 1 116 ? 14.861  -10.882 9.116   1.00 17.63 ? 116  ASN A OD1 1 
ATOM   896  N  ND2 . ASN A 1 116 ? 14.728  -13.097 8.743   1.00 17.58 ? 116  ASN A ND2 1 
ATOM   897  N  N   . PHE A 1 117 ? 10.947  -9.363  6.566   1.00 6.36  ? 117  PHE A N   1 
ATOM   898  C  CA  . PHE A 1 117 ? 9.734   -9.003  5.810   1.00 8.48  ? 117  PHE A CA  1 
ATOM   899  C  C   . PHE A 1 117 ? 9.951   -9.053  4.310   1.00 9.11  ? 117  PHE A C   1 
ATOM   900  O  O   . PHE A 1 117 ? 11.014  -8.719  3.803   1.00 10.52 ? 117  PHE A O   1 
ATOM   901  C  CB  . PHE A 1 117 ? 9.272   -7.564  6.156   1.00 8.81  ? 117  PHE A CB  1 
ATOM   902  C  CG  . PHE A 1 117 ? 8.991   -7.361  7.614   1.00 10.21 ? 117  PHE A CG  1 
ATOM   903  C  CD1 . PHE A 1 117 ? 7.866   -7.917  8.201   1.00 12.04 ? 117  PHE A CD1 1 
ATOM   904  C  CD2 . PHE A 1 117 ? 9.902   -6.705  8.427   1.00 11.59 ? 117  PHE A CD2 1 
ATOM   905  C  CE1 . PHE A 1 117 ? 7.630   -7.763  9.569   1.00 12.70 ? 117  PHE A CE1 1 
ATOM   906  C  CE2 . PHE A 1 117 ? 9.663   -6.550  9.776   1.00 9.89  ? 117  PHE A CE2 1 
ATOM   907  C  CZ  . PHE A 1 117 ? 8.537   -7.076  10.343  1.00 10.37 ? 117  PHE A CZ  1 
ATOM   908  N  N   . ASP A 1 118 ? 8.890   -9.409  3.600   1.00 8.22  ? 118  ASP A N   1 
ATOM   909  C  CA  . ASP A 1 118 ? 8.869   -9.290  2.161   1.00 7.52  ? 118  ASP A CA  1 
ATOM   910  C  C   . ASP A 1 118 ? 8.332   -7.877  1.911   1.00 7.18  ? 118  ASP A C   1 
ATOM   911  O  O   . ASP A 1 118 ? 7.277   -7.553  2.434   1.00 7.90  ? 118  ASP A O   1 
ATOM   912  C  CB  . ASP A 1 118 ? 7.905   -10.287 1.538   1.00 7.40  ? 118  ASP A CB  1 
ATOM   913  C  CG  . ASP A 1 118 ? 8.435   -11.708 1.525   1.00 12.70 ? 118  ASP A CG  1 
ATOM   914  O  OD1 . ASP A 1 118 ? 9.470   -12.001 2.154   1.00 10.09 ? 118  ASP A OD1 1 
ATOM   915  O  OD2 . ASP A 1 118 ? 7.782   -12.536 0.857   1.00 19.30 ? 118  ASP A OD2 1 
ATOM   916  N  N   . VAL A 1 119 ? 9.072   -7.103  1.131   1.00 6.95  ? 119  VAL A N   1 
ATOM   917  C  CA  . VAL A 1 119 ? 8.792   -5.670  0.849   1.00 9.08  ? 119  VAL A CA  1 
ATOM   918  C  C   . VAL A 1 119 ? 8.903   -5.351  -0.614  1.00 9.31  ? 119  VAL A C   1 
ATOM   919  O  O   . VAL A 1 119 ? 9.954   -5.563  -1.249  1.00 9.83  ? 119  VAL A O   1 
ATOM   920  C  CB  . VAL A 1 119 ? 9.825   -4.730  1.564   1.00 8.50  ? 119  VAL A CB  1 
ATOM   921  C  CG1 . VAL A 1 119 ? 9.567   -3.219  1.229   1.00 11.59 ? 119  VAL A CG1 1 
ATOM   922  C  CG2 . VAL A 1 119 ? 9.810   -4.987  3.055   1.00 13.78 ? 119  VAL A CG2 1 
ATOM   923  N  N   . ALA A 1 120 ? 7.822   -4.800  -1.139  1.00 7.90  ? 120  ALA A N   1 
ATOM   924  C  CA  . ALA A 1 120 ? 7.788   -4.372  -2.517  1.00 7.08  ? 120  ALA A CA  1 
ATOM   925  C  C   . ALA A 1 120 ? 7.606   -2.872  -2.579  1.00 8.17  ? 120  ALA A C   1 
ATOM   926  O  O   . ALA A 1 120 ? 6.928   -2.264  -1.738  1.00 9.71  ? 120  ALA A O   1 
ATOM   927  C  CB  . ALA A 1 120 ? 6.660   -5.072  -3.288  1.00 8.48  ? 120  ALA A CB  1 
ATOM   928  N  N   . THR A 1 121 ? 8.258   -2.284  -3.560  1.00 7.43  ? 121  THR A N   1 
ATOM   929  C  CA  . THR A 1 121 ? 8.186   -0.858  -3.757  1.00 9.37  ? 121  THR A CA  1 
ATOM   930  C  C   . THR A 1 121 ? 7.732   -0.564  -5.195  1.00 8.29  ? 121  THR A C   1 
ATOM   931  O  O   . THR A 1 121 ? 8.155   -1.248  -6.140  1.00 6.61  ? 121  THR A O   1 
ATOM   932  C  CB  . THR A 1 121 ? 9.569   -0.209  -3.460  1.00 10.62 ? 121  THR A CB  1 
ATOM   933  O  OG1 . THR A 1 121 ? 9.923   -0.453  -2.098  1.00 12.15 ? 121  THR A OG1 1 
ATOM   934  C  CG2 . THR A 1 121 ? 9.559   1.284   -3.712  1.00 10.92 ? 121  THR A CG2 1 
ATOM   935  N  N   . CYS A 1 122 ? 6.855   0.443   -5.311  1.00 8.25  ? 122  CYS A N   1 
ATOM   936  C  CA  . CYS A 1 122 ? 6.326   0.904   -6.576  1.00 7.58  ? 122  CYS A CA  1 
ATOM   937  C  C   . CYS A 1 122 ? 6.360   2.408   -6.606  1.00 7.61  ? 122  CYS A C   1 
ATOM   938  O  O   . CYS A 1 122 ? 6.257   3.081   -5.566  1.00 9.00  ? 122  CYS A O   1 
ATOM   939  C  CB  . CYS A 1 122 ? 4.876   0.452   -6.826  1.00 7.48  ? 122  CYS A CB  1 
ATOM   940  S  SG  . CYS A 1 122 ? 4.675   -1.339  -6.637  1.00 11.15 ? 122  CYS A SG  1 
ATOM   941  N  N   . ALA A 1 123 ? 6.486   2.914   -7.813  1.00 6.75  ? 123  ALA A N   1 
ATOM   942  C  CA  . ALA A 1 123 ? 6.645   4.355   -8.004  1.00 7.04  ? 123  ALA A CA  1 
ATOM   943  C  C   . ALA A 1 123 ? 5.652   4.941   -8.978  1.00 7.45  ? 123  ALA A C   1 
ATOM   944  O  O   . ALA A 1 123 ? 5.243   4.305   -9.948  1.00 8.12  ? 123  ALA A O   1 
ATOM   945  C  CB  . ALA A 1 123 ? 8.059   4.631   -8.475  1.00 7.97  ? 123  ALA A CB  1 
ATOM   946  N  N   . LYS A 1 124 ? 5.311   6.208   -8.731  1.00 7.67  ? 124  LYS A N   1 
ATOM   947  C  CA  . LYS A 1 124 ? 4.510   6.975   -9.669  1.00 7.05  ? 124  LYS A CA  1 
ATOM   948  C  C   . LYS A 1 124 ? 5.111   8.369   -9.796  1.00 7.25  ? 124  LYS A C   1 
ATOM   949  O  O   . LYS A 1 124 ? 6.139   8.685   -9.227  1.00 7.52  ? 124  LYS A O   1 
ATOM   950  C  CB  . LYS A 1 124 ? 3.045   7.047   -9.211  1.00 7.67  ? 124  LYS A CB  1 
ATOM   951  C  CG  . LYS A 1 124 ? 2.845   7.807   -7.896  1.00 11.67 ? 124  LYS A CG  1 
ATOM   952  C  CD  . LYS A 1 124 ? 1.372   8.024   -7.521  1.00 16.15 ? 124  LYS A CD  1 
ATOM   953  C  CE  . LYS A 1 124 ? 0.698   9.075   -8.400  1.00 18.26 ? 124  LYS A CE  1 
ATOM   954  N  NZ  . LYS A 1 124 ? 1.244   10.492  -8.241  1.00 17.99 ? 124  LYS A NZ  1 
ATOM   955  N  N   . LEU A 1 125 ? 4.427   9.218   -10.515 1.00 9.38  ? 125  LEU A N   1 
ATOM   956  C  CA  . LEU A 1 125 ? 4.901   10.593  -10.644 1.00 9.25  ? 125  LEU A CA  1 
ATOM   957  C  C   . LEU A 1 125 ? 4.950   11.215  -9.247  1.00 9.82  ? 125  LEU A C   1 
ATOM   958  O  O   . LEU A 1 125 ? 3.929   11.329  -8.562  1.00 10.89 ? 125  LEU A O   1 
ATOM   959  C  CB  . LEU A 1 125 ? 3.965   11.365  -11.572 1.00 10.32 ? 125  LEU A CB  1 
ATOM   960  C  CG  . LEU A 1 125 ? 4.226   12.841  -11.702 1.00 10.70 ? 125  LEU A CG  1 
ATOM   961  C  CD1 . LEU A 1 125 ? 5.663   13.070  -12.106 1.00 14.09 ? 125  LEU A CD1 1 
ATOM   962  C  CD2 . LEU A 1 125 ? 3.230   13.421  -12.731 1.00 11.91 ? 125  LEU A CD2 1 
ATOM   963  N  N   . LYS A 1 126 ? 6.155   11.605  -8.844  1.00 9.48  ? 126  LYS A N   1 
ATOM   964  C  CA  . LYS A 1 126 ? 6.430   12.291  -7.569  1.00 9.92  ? 126  LYS A CA  1 
ATOM   965  C  C   . LYS A 1 126 ? 5.878   11.606  -6.330  1.00 9.42  ? 126  LYS A C   1 
ATOM   966  O  O   . LYS A 1 126 ? 5.460   12.243  -5.373  1.00 10.19 ? 126  LYS A O   1 
ATOM   967  C  CB  . LYS A 1 126 ? 5.965   13.745  -7.603  1.00 11.39 ? 126  LYS A CB  1 
ATOM   968  C  CG  . LYS A 1 126 ? 6.837   14.571  -8.524  1.00 12.86 ? 126  LYS A CG  1 
ATOM   969  C  CD  . LYS A 1 126 ? 6.706   16.094  -8.311  1.00 17.31 ? 126  LYS A CD  1 
ATOM   970  C  CE  . LYS A 1 126 ? 7.816   16.662  -7.397  1.00 17.08 ? 126  LYS A CE  1 
ATOM   971  N  NZ  . LYS A 1 126 ? 8.243   18.047  -7.861  1.00 19.82 ? 126  LYS A NZ  1 
ATOM   972  N  N   . GLY A 1 127 ? 5.957   10.293  -6.325  1.00 7.37  ? 127  GLY A N   1 
ATOM   973  C  CA  . GLY A 1 127 ? 5.524   9.549   -5.164  1.00 6.48  ? 127  GLY A CA  1 
ATOM   974  C  C   . GLY A 1 127 ? 5.637   8.067   -5.378  1.00 6.11  ? 127  GLY A C   1 
ATOM   975  O  O   . GLY A 1 127 ? 6.206   7.594   -6.361  1.00 6.14  ? 127  GLY A O   1 
ATOM   976  N  N   . GLY A 1 128 ? 5.062   7.329   -4.455  1.00 6.26  ? 128  GLY A N   1 
ATOM   977  C  CA  . GLY A 1 128 ? 5.103   5.888   -4.593  1.00 5.55  ? 128  GLY A CA  1 
ATOM   978  C  C   . GLY A 1 128 ? 4.482   5.199   -3.425  1.00 5.58  ? 128  GLY A C   1 
ATOM   979  O  O   . GLY A 1 128 ? 3.759   5.813   -2.614  1.00 5.42  ? 128  GLY A O   1 
ATOM   980  N  N   . LEU A 1 129 ? 4.743   3.907   -3.353  1.00 6.43  ? 129  LEU A N   1 
ATOM   981  C  CA  . LEU A 1 129 ? 4.169   3.135   -2.298  1.00 7.13  ? 129  LEU A CA  1 
ATOM   982  C  C   . LEU A 1 129 ? 5.090   1.981   -1.922  1.00 6.70  ? 129  LEU A C   1 
ATOM   983  O  O   . LEU A 1 129 ? 5.974   1.582   -2.692  1.00 7.73  ? 129  LEU A O   1 
ATOM   984  C  CB  . LEU A 1 129 ? 2.761   2.665   -2.678  1.00 9.05  ? 129  LEU A CB  1 
ATOM   985  C  CG  . LEU A 1 129 ? 2.477   1.675   -3.799  1.00 10.66 ? 129  LEU A CG  1 
ATOM   986  C  CD1 . LEU A 1 129 ? 3.052   0.305   -3.451  1.00 10.24 ? 129  LEU A CD1 1 
ATOM   987  C  CD2 . LEU A 1 129 ? 0.956   1.543   -4.079  1.00 11.56 ? 129  LEU A CD2 1 
ATOM   988  N  N   . HIS A 1 130 ? 4.889   1.481   -0.716  1.00 7.11  ? 130  HIS A N   1 
ATOM   989  C  CA  . HIS A 1 130 ? 5.541   0.243   -0.315  1.00 6.00  ? 130  HIS A CA  1 
ATOM   990  C  C   . HIS A 1 130 ? 4.467   -0.730  0.142   1.00 6.02  ? 130  HIS A C   1 
ATOM   991  O  O   . HIS A 1 130 ? 3.449   -0.348  0.720   1.00 6.27  ? 130  HIS A O   1 
ATOM   992  C  CB  . HIS A 1 130 ? 6.564   0.457   0.827   1.00 7.61  ? 130  HIS A CB  1 
ATOM   993  C  CG  . HIS A 1 130 ? 7.560   1.542   0.569   1.00 7.32  ? 130  HIS A CG  1 
ATOM   994  N  ND1 . HIS A 1 130 ? 8.636   1.395   -0.281  1.00 9.31  ? 130  HIS A ND1 1 
ATOM   995  C  CD2 . HIS A 1 130 ? 7.633   2.801   1.061   1.00 8.60  ? 130  HIS A CD2 1 
ATOM   996  C  CE1 . HIS A 1 130 ? 9.317   2.529   -0.315  1.00 12.92 ? 130  HIS A CE1 1 
ATOM   997  N  NE2 . HIS A 1 130 ? 8.736   3.392   0.502   1.00 7.60  ? 130  HIS A NE2 1 
ATOM   998  N  N   . LEU A 1 131 ? 4.731   -2.000  -0.121  1.00 6.68  ? 131  LEU A N   1 
ATOM   999  C  CA  . LEU A 1 131 ? 3.870   -3.079  0.281   1.00 6.49  ? 131  LEU A CA  1 
ATOM   1000 C  C   . LEU A 1 131 ? 4.717   -3.981  1.163   1.00 6.95  ? 131  LEU A C   1 
ATOM   1001 O  O   . LEU A 1 131 ? 5.823   -4.333  0.780   1.00 6.41  ? 131  LEU A O   1 
ATOM   1002 C  CB  . LEU A 1 131 ? 3.362   -3.893  -0.922  1.00 5.61  ? 131  LEU A CB  1 
ATOM   1003 C  CG  . LEU A 1 131 ? 2.679   -3.157  -2.086  1.00 8.30  ? 131  LEU A CG  1 
ATOM   1004 C  CD1 . LEU A 1 131 ? 2.465   -4.048  -3.335  1.00 5.78  ? 131  LEU A CD1 1 
ATOM   1005 C  CD2 . LEU A 1 131 ? 1.374   -2.541  -1.583  1.00 6.37  ? 131  LEU A CD2 1 
ATOM   1006 N  N   . VAL A 1 132 ? 4.225   -4.264  2.358   1.00 6.57  ? 132  VAL A N   1 
ATOM   1007 C  CA  . VAL A 1 132 ? 4.981   -5.100  3.289   1.00 7.16  ? 132  VAL A CA  1 
ATOM   1008 C  C   . VAL A 1 132 ? 4.089   -6.209  3.783   1.00 8.60  ? 132  VAL A C   1 
ATOM   1009 O  O   . VAL A 1 132 ? 3.014   -5.956  4.301   1.00 8.54  ? 132  VAL A O   1 
ATOM   1010 C  CB  . VAL A 1 132 ? 5.506   -4.321  4.493   1.00 8.21  ? 132  VAL A CB  1 
ATOM   1011 C  CG1 . VAL A 1 132 ? 6.420   -5.229  5.379   1.00 8.38  ? 132  VAL A CG1 1 
ATOM   1012 C  CG2 . VAL A 1 132 ? 6.267   -3.096  4.061   1.00 9.26  ? 132  VAL A CG2 1 
ATOM   1013 N  N   . LYS A 1 133 ? 4.546   -7.443  3.668   1.00 9.34  ? 133  LYS A N   1 
ATOM   1014 C  CA  . LYS A 1 133 ? 3.772   -8.546  4.242   1.00 12.21 ? 133  LYS A CA  1 
ATOM   1015 C  C   . LYS A 1 133 ? 4.031   -8.600  5.720   1.00 12.27 ? 133  LYS A C   1 
ATOM   1016 O  O   . LYS A 1 133 ? 5.177   -8.743  6.145   1.00 14.32 ? 133  LYS A O   1 
ATOM   1017 C  CB  . LYS A 1 133 ? 4.126   -9.886  3.611   1.00 14.87 ? 133  LYS A CB  1 
ATOM   1018 C  CG  . LYS A 1 133 ? 3.267   -10.208 2.424   1.00 19.83 ? 133  LYS A CG  1 
ATOM   1019 C  CD  . LYS A 1 133 ? 3.305   -11.690 2.108   1.00 23.93 ? 133  LYS A CD  1 
ATOM   1020 C  CE  . LYS A 1 133 ? 2.369   -12.007 0.971   1.00 26.45 ? 133  LYS A CE  1 
ATOM   1021 N  NZ  . LYS A 1 133 ? 2.633   -13.372 0.438   1.00 26.77 ? 133  LYS A NZ  1 
ATOM   1022 N  N   . VAL A 1 134 ? 2.958   -8.512  6.490   1.00 13.77 ? 134  VAL A N   1 
ATOM   1023 C  CA  . VAL A 1 134 ? 3.028   -8.371  7.952   1.00 14.99 ? 134  VAL A CA  1 
ATOM   1024 C  C   . VAL A 1 134 ? 2.205   -9.428  8.669   1.00 16.56 ? 134  VAL A C   1 
ATOM   1025 O  O   . VAL A 1 134 ? 1.364   -10.085 8.057   1.00 17.54 ? 134  VAL A O   1 
ATOM   1026 C  CB  . VAL A 1 134 ? 2.593   -6.943  8.411   1.00 15.39 ? 134  VAL A CB  1 
ATOM   1027 C  CG1 . VAL A 1 134 ? 3.484   -5.898  7.778   1.00 13.95 ? 134  VAL A CG1 1 
ATOM   1028 C  CG2 . VAL A 1 134 ? 1.115   -6.646  8.092   1.00 15.59 ? 134  VAL A CG2 1 
ATOM   1029 N  N   . PRO A 1 135 ? 2.444   -9.608  9.980   1.00 18.49 ? 135  PRO A N   1 
ATOM   1030 C  CA  . PRO A 1 135 ? 1.758   -10.677 10.693  1.00 19.06 ? 135  PRO A CA  1 
ATOM   1031 C  C   . PRO A 1 135 ? 0.272   -10.693 10.525  1.00 19.59 ? 135  PRO A C   1 
ATOM   1032 O  O   . PRO A 1 135 ? -0.401  -9.653  10.350  1.00 20.31 ? 135  PRO A O   1 
ATOM   1033 C  CB  . PRO A 1 135 ? 2.103   -10.395 12.166  1.00 19.40 ? 135  PRO A CB  1 
ATOM   1034 C  CG  . PRO A 1 135 ? 3.394   -9.714  12.116  1.00 19.91 ? 135  PRO A CG  1 
ATOM   1035 C  CD  . PRO A 1 135 ? 3.386   -8.885  10.856  1.00 18.49 ? 135  PRO A CD  1 
ATOM   1036 N  N   . GLY A 1 136 ? -0.211  -11.926 10.579  1.00 19.42 ? 136  GLY A N   1 
ATOM   1037 C  CA  . GLY A 1 136 ? -1.627  -12.231 10.643  1.00 18.64 ? 136  GLY A CA  1 
ATOM   1038 C  C   . GLY A 1 136 ? -2.287  -12.221 9.285   1.00 17.41 ? 136  GLY A C   1 
ATOM   1039 O  O   . GLY A 1 136 ? -3.480  -11.951 9.160   1.00 17.38 ? 136  GLY A O   1 
ATOM   1040 N  N   . GLY A 1 137 ? -1.494  -12.521 8.267   1.00 15.61 ? 137  GLY A N   1 
ATOM   1041 C  CA  . GLY A 1 137 ? -2.020  -12.680 6.909   1.00 15.12 ? 137  GLY A CA  1 
ATOM   1042 C  C   . GLY A 1 137 ? -2.425  -11.333 6.341   1.00 12.87 ? 137  GLY A C   1 
ATOM   1043 O  O   . GLY A 1 137 ? -3.434  -11.165 5.662   1.00 12.32 ? 137  GLY A O   1 
ATOM   1044 N  N   . ASN A 1 138 ? -1.611  -10.350 6.641   1.00 12.81 ? 138  ASN A N   1 
ATOM   1045 C  CA  . ASN A 1 138 ? -1.915  -8.998  6.200   1.00 10.54 ? 138  ASN A CA  1 
ATOM   1046 C  C   . ASN A 1 138 ? -0.790  -8.424  5.331   1.00 9.84  ? 138  ASN A C   1 
ATOM   1047 O  O   . ASN A 1 138 ? 0.361   -8.827  5.404   1.00 10.06 ? 138  ASN A O   1 
ATOM   1048 C  CB  . ASN A 1 138 ? -2.108  -8.077  7.411   1.00 11.85 ? 138  ASN A CB  1 
ATOM   1049 C  CG  . ASN A 1 138 ? -3.361  -8.378  8.210   1.00 14.38 ? 138  ASN A CG  1 
ATOM   1050 O  OD1 . ASN A 1 138 ? -4.483  -8.156  7.759   1.00 17.12 ? 138  ASN A OD1 1 
ATOM   1051 N  ND2 . ASN A 1 138 ? -3.165  -8.845  9.441   1.00 17.79 ? 138  ASN A ND2 1 
ATOM   1052 N  N   . ILE A 1 139 ? -1.175  -7.424  4.561   1.00 8.68  ? 139  ILE A N   1 
ATOM   1053 C  CA  . ILE A 1 139 ? -0.267  -6.623  3.776   1.00 8.07  ? 139  ILE A CA  1 
ATOM   1054 C  C   . ILE A 1 139 ? -0.443  -5.154  4.168   1.00 6.92  ? 139  ILE A C   1 
ATOM   1055 O  O   . ILE A 1 139 ? -1.547  -4.608  4.144   1.00 8.63  ? 139  ILE A O   1 
ATOM   1056 C  CB  . ILE A 1 139 ? -0.500  -6.781  2.267   1.00 7.31  ? 139  ILE A CB  1 
ATOM   1057 C  CG1 . ILE A 1 139 ? -0.322  -8.236  1.824   1.00 8.97  ? 139  ILE A CG1 1 
ATOM   1058 C  CG2 . ILE A 1 139 ? 0.515   -5.874  1.469   1.00 6.98  ? 139  ILE A CG2 1 
ATOM   1059 C  CD1 . ILE A 1 139 ? -1.020  -8.542  0.504   1.00 9.16  ? 139  ILE A CD1 1 
ATOM   1060 N  N   . LEU A 1 140 ? 0.649   -4.540  4.549   1.00 6.73  ? 140  LEU A N   1 
ATOM   1061 C  CA  . LEU A 1 140 ? 0.651   -3.076  4.811   1.00 7.75  ? 140  LEU A CA  1 
ATOM   1062 C  C   . LEU A 1 140 ? 0.938   -2.305  3.524   1.00 7.33  ? 140  LEU A C   1 
ATOM   1063 O  O   . LEU A 1 140 ? 1.831   -2.650  2.758   1.00 9.23  ? 140  LEU A O   1 
ATOM   1064 C  CB  . LEU A 1 140 ? 1.695   -2.728  5.878   1.00 7.39  ? 140  LEU A CB  1 
ATOM   1065 C  CG  . LEU A 1 140 ? 1.975   -1.239  6.125   1.00 9.99  ? 140  LEU A CG  1 
ATOM   1066 C  CD1 . LEU A 1 140 ? 0.814   -0.600  6.870   1.00 6.27  ? 140  LEU A CD1 1 
ATOM   1067 C  CD2 . LEU A 1 140 ? 3.319   -1.082  6.885   1.00 9.75  ? 140  LEU A CD2 1 
ATOM   1068 N  N   . VAL A 1 141 ? 0.180   -1.238  3.304   1.00 8.94  ? 141  VAL A N   1 
ATOM   1069 C  CA  . VAL A 1 141 ? 0.346   -0.382  2.139   1.00 9.15  ? 141  VAL A CA  1 
ATOM   1070 C  C   . VAL A 1 141 ? 0.651   1.011   2.671   1.00 8.00  ? 141  VAL A C   1 
ATOM   1071 O  O   . VAL A 1 141 ? -0.072  1.510   3.502   1.00 7.01  ? 141  VAL A O   1 
ATOM   1072 C  CB  . VAL A 1 141 ? -0.950  -0.404  1.293   1.00 11.09 ? 141  VAL A CB  1 
ATOM   1073 C  CG1 . VAL A 1 141 ? -0.766  0.398   0.002   1.00 14.57 ? 141  VAL A CG1 1 
ATOM   1074 C  CG2 . VAL A 1 141 ? -1.367  -1.885  1.029   1.00 13.95 ? 141  VAL A CG2 1 
ATOM   1075 N  N   . VAL A 1 142 ? 1.786   1.558   2.278   1.00 7.50  ? 142  VAL A N   1 
ATOM   1076 C  CA  . VAL A 1 142 ? 2.191   2.886   2.722   1.00 9.72  ? 142  VAL A CA  1 
ATOM   1077 C  C   . VAL A 1 142 ? 2.442   3.731   1.491   1.00 8.46  ? 142  VAL A C   1 
ATOM   1078 O  O   . VAL A 1 142 ? 3.108   3.294   0.557   1.00 7.84  ? 142  VAL A O   1 
ATOM   1079 C  CB  . VAL A 1 142 ? 3.425   2.784   3.640   1.00 11.20 ? 142  VAL A CB  1 
ATOM   1080 C  CG1 . VAL A 1 142 ? 4.251   4.012   3.656   1.00 16.88 ? 142  VAL A CG1 1 
ATOM   1081 C  CG2 . VAL A 1 142 ? 2.973   2.450   5.048   1.00 13.89 ? 142  VAL A CG2 1 
ATOM   1082 N  N   . LEU A 1 143 ? 1.891   4.937   1.503   1.00 8.73  ? 143  LEU A N   1 
ATOM   1083 C  CA  . LEU A 1 143 ? 2.090   5.872   0.414   1.00 9.28  ? 143  LEU A CA  1 
ATOM   1084 C  C   . LEU A 1 143 ? 3.004   7.012   0.831   1.00 8.52  ? 143  LEU A C   1 
ATOM   1085 O  O   . LEU A 1 143 ? 3.028   7.442   1.989   1.00 7.60  ? 143  LEU A O   1 
ATOM   1086 C  CB  . LEU A 1 143 ? 0.764   6.448   -0.046  1.00 10.98 ? 143  LEU A CB  1 
ATOM   1087 C  CG  . LEU A 1 143 ? -0.401  5.488   -0.240  1.00 11.82 ? 143  LEU A CG  1 
ATOM   1088 C  CD1 . LEU A 1 143 ? -1.695  6.274   -0.667  1.00 11.42 ? 143  LEU A CD1 1 
ATOM   1089 C  CD2 . LEU A 1 143 ? -0.051  4.429   -1.239  1.00 9.19  ? 143  LEU A CD2 1 
ATOM   1090 N  N   . TYR A 1 144 ? 3.777   7.467   -0.136  1.00 7.80  ? 144  TYR A N   1 
ATOM   1091 C  CA  . TYR A 1 144 ? 4.631   8.639   0.042   1.00 8.12  ? 144  TYR A CA  1 
ATOM   1092 C  C   . TYR A 1 144 ? 4.484   9.595   -1.139  1.00 8.27  ? 144  TYR A C   1 
ATOM   1093 O  O   . TYR A 1 144 ? 4.220   9.183   -2.267  1.00 6.60  ? 144  TYR A O   1 
ATOM   1094 C  CB  . TYR A 1 144 ? 6.093   8.217   0.290   1.00 8.37  ? 144  TYR A CB  1 
ATOM   1095 C  CG  . TYR A 1 144 ? 6.839   7.726   -0.927  1.00 8.83  ? 144  TYR A CG  1 
ATOM   1096 C  CD1 . TYR A 1 144 ? 7.524   8.605   -1.776  1.00 10.98 ? 144  TYR A CD1 1 
ATOM   1097 C  CD2 . TYR A 1 144 ? 6.876   6.379   -1.216  1.00 8.29  ? 144  TYR A CD2 1 
ATOM   1098 C  CE1 . TYR A 1 144 ? 8.204   8.115   -2.906  1.00 11.94 ? 144  TYR A CE1 1 
ATOM   1099 C  CE2 . TYR A 1 144 ? 7.538   5.895   -2.313  1.00 9.18  ? 144  TYR A CE2 1 
ATOM   1100 C  CZ  . TYR A 1 144 ? 8.210   6.750   -3.144  1.00 12.29 ? 144  TYR A CZ  1 
ATOM   1101 O  OH  . TYR A 1 144 ? 8.850   6.197   -4.228  1.00 16.25 ? 144  TYR A OH  1 
ATOM   1102 N  N   . ASP A 1 145 ? 4.592   10.885  -0.824  1.00 9.17  ? 145  ASP A N   1 
ATOM   1103 C  CA  . ASP A 1 145 ? 4.355   11.969  -1.765  1.00 10.41 ? 145  ASP A CA  1 
ATOM   1104 C  C   . ASP A 1 145 ? 5.524   12.934  -1.712  1.00 9.93  ? 145  ASP A C   1 
ATOM   1105 O  O   . ASP A 1 145 ? 5.768   13.589  -0.701  1.00 9.54  ? 145  ASP A O   1 
ATOM   1106 C  CB  . ASP A 1 145 ? 3.058   12.708  -1.397  1.00 11.61 ? 145  ASP A CB  1 
ATOM   1107 C  CG  . ASP A 1 145 ? 2.747   13.866  -2.341  1.00 14.34 ? 145  ASP A CG  1 
ATOM   1108 O  OD1 . ASP A 1 145 ? 3.600   14.213  -3.204  1.00 16.97 ? 145  ASP A OD1 1 
ATOM   1109 O  OD2 . ASP A 1 145 ? 1.629   14.427  -2.219  1.00 16.15 ? 145  ASP A OD2 1 
ATOM   1110 N  N   . GLU A 1 146 ? 6.267   12.984  -2.793  1.00 10.37 ? 146  GLU A N   1 
ATOM   1111 C  CA  . GLU A 1 146 ? 7.518   13.717  -2.778  1.00 12.59 ? 146  GLU A CA  1 
ATOM   1112 C  C   . GLU A 1 146 ? 7.245   15.203  -2.790  1.00 13.47 ? 146  GLU A C   1 
ATOM   1113 O  O   . GLU A 1 146 ? 8.135   15.995  -2.570  1.00 15.12 ? 146  GLU A O   1 
ATOM   1114 C  CB  . GLU A 1 146 ? 8.398   13.340  -3.957  1.00 13.50 ? 146  GLU A CB  1 
ATOM   1115 C  CG  . GLU A 1 146 ? 8.842   11.918  -3.889  1.00 14.86 ? 146  GLU A CG  1 
ATOM   1116 C  CD  . GLU A 1 146 ? 9.476   11.426  -5.177  1.00 18.05 ? 146  GLU A CD  1 
ATOM   1117 O  OE1 . GLU A 1 146 ? 9.504   12.198  -6.150  1.00 20.57 ? 146  GLU A OE1 1 
ATOM   1118 O  OE2 . GLU A 1 146 ? 9.933   10.263  -5.211  1.00 20.34 ? 146  GLU A OE2 1 
ATOM   1119 N  N   . GLU A 1 147 ? 5.998   15.565  -3.027  1.00 13.75 ? 147  GLU A N   1 
ATOM   1120 C  CA  . GLU A 1 147 ? 5.627   16.977  -3.001  1.00 15.44 ? 147  GLU A CA  1 
ATOM   1121 C  C   . GLU A 1 147 ? 5.538   17.459  -1.576  1.00 14.99 ? 147  GLU A C   1 
ATOM   1122 O  O   . GLU A 1 147 ? 5.516   18.658  -1.323  1.00 14.10 ? 147  GLU A O   1 
ATOM   1123 C  CB  . GLU A 1 147 ? 4.312   17.229  -3.718  1.00 15.86 ? 147  GLU A CB  1 
ATOM   1124 C  CG  . GLU A 1 147 ? 4.410   16.890  -5.180  1.00 19.89 ? 147  GLU A CG  1 
ATOM   1125 C  CD  . GLU A 1 147 ? 3.200   17.350  -5.964  1.00 24.35 ? 147  GLU A CD  1 
ATOM   1126 O  OE1 . GLU A 1 147 ? 2.179   17.708  -5.327  1.00 28.04 ? 147  GLU A OE1 1 
ATOM   1127 O  OE2 . GLU A 1 147 ? 3.272   17.365  -7.214  1.00 27.79 ? 147  GLU A OE2 1 
ATOM   1128 N  N   . LYS A 1 148 ? 5.500   16.502  -0.660  1.00 15.13 ? 148  LYS A N   1 
ATOM   1129 C  CA  . LYS A 1 148 ? 5.372   16.787  0.776   1.00 15.28 ? 148  LYS A CA  1 
ATOM   1130 C  C   . LYS A 1 148 ? 6.702   16.586  1.460   1.00 15.03 ? 148  LYS A C   1 
ATOM   1131 O  O   . LYS A 1 148 ? 6.798   16.546  2.675   1.00 14.70 ? 148  LYS A O   1 
ATOM   1132 C  CB  . LYS A 1 148 ? 4.348   15.878  1.462   1.00 15.39 ? 148  LYS A CB  1 
ATOM   1133 C  CG  . LYS A 1 148 ? 2.897   16.049  1.047   1.00 17.50 ? 148  LYS A CG  1 
ATOM   1134 C  CD  . LYS A 1 148 ? 2.004   15.177  1.948   1.00 18.35 ? 148  LYS A CD  1 
ATOM   1135 C  CE  . LYS A 1 148 ? 0.534   15.472  1.756   1.00 21.13 ? 148  LYS A CE  1 
ATOM   1136 N  NZ  . LYS A 1 148 ? -0.284  14.315  2.224   1.00 20.94 ? 148  LYS A NZ  1 
ATOM   1137 N  N   . GLU A 1 149 ? 7.738   16.464  0.661   1.00 15.96 ? 149  GLU A N   1 
ATOM   1138 C  CA  . GLU A 1 149 ? 9.074   16.234  1.198   1.00 17.34 ? 149  GLU A CA  1 
ATOM   1139 C  C   . GLU A 1 149 ? 9.130   14.938  2.012   1.00 15.93 ? 149  GLU A C   1 
ATOM   1140 O  O   . GLU A 1 149 ? 9.916   14.780  2.951   1.00 16.37 ? 149  GLU A O   1 
ATOM   1141 C  CB  . GLU A 1 149 ? 9.518   17.406  2.064   1.00 19.49 ? 149  GLU A CB  1 
ATOM   1142 C  CG  . GLU A 1 149 ? 9.741   17.065  3.537   1.00 22.72 ? 149  GLU A CG  1 
ATOM   1143 C  CD  . GLU A 1 149 ? 9.255   18.186  4.447   1.00 27.08 ? 149  GLU A CD  1 
ATOM   1144 O  OE1 . GLU A 1 149 ? 9.352   19.369  4.042   1.00 29.38 ? 149  GLU A OE1 1 
ATOM   1145 O  OE2 . GLU A 1 149 ? 8.779   17.886  5.564   1.00 32.17 ? 149  GLU A OE2 1 
ATOM   1146 N  N   . GLN A 1 150 ? 8.254   14.021  1.663   1.00 13.82 ? 150  GLN A N   1 
ATOM   1147 C  CA  . GLN A 1 150 ? 8.416   12.639  2.126   1.00 11.84 ? 150  GLN A CA  1 
ATOM   1148 C  C   . GLN A 1 150 ? 9.331   11.980  1.105   1.00 11.86 ? 150  GLN A C   1 
ATOM   1149 O  O   . GLN A 1 150 ? 9.466   12.475  -0.006  1.00 11.20 ? 150  GLN A O   1 
ATOM   1150 C  CB  . GLN A 1 150 ? 7.069   11.927  2.195   1.00 12.05 ? 150  GLN A CB  1 
ATOM   1151 C  CG  . GLN A 1 150 ? 6.158   12.429  3.297   1.00 10.50 ? 150  GLN A CG  1 
ATOM   1152 C  CD  . GLN A 1 150 ? 4.677   12.141  3.037   1.00 11.35 ? 150  GLN A CD  1 
ATOM   1153 O  OE1 . GLN A 1 150 ? 4.310   11.477  2.064   1.00 9.10  ? 150  GLN A OE1 1 
ATOM   1154 N  NE2 . GLN A 1 150 ? 3.817   12.649  3.919   1.00 11.13 ? 150  GLN A NE2 1 
ATOM   1155 N  N   . ASP A 1 151 ? 9.963   10.862  1.437   1.00 12.29 ? 151  ASP A N   1 
ATOM   1156 C  CA  . ASP A 1 151 ? 10.788  10.223  0.437   1.00 12.42 ? 151  ASP A CA  1 
ATOM   1157 C  C   . ASP A 1 151 ? 10.684  8.724   0.503   1.00 11.67 ? 151  ASP A C   1 
ATOM   1158 O  O   . ASP A 1 151 ? 10.175  8.142   1.461   1.00 10.08 ? 151  ASP A O   1 
ATOM   1159 C  CB  . ASP A 1 151 ? 12.261  10.675  0.504   1.00 13.61 ? 151  ASP A CB  1 
ATOM   1160 C  CG  . ASP A 1 151 ? 12.960  10.300  1.813   1.00 17.29 ? 151  ASP A CG  1 
ATOM   1161 O  OD1 . ASP A 1 151 ? 13.101  11.205  2.656   1.00 22.08 ? 151  ASP A OD1 1 
ATOM   1162 O  OD2 . ASP A 1 151 ? 13.417  9.138   1.998   1.00 19.87 ? 151  ASP A OD2 1 
ATOM   1163 N  N   . ARG A 1 152 ? 11.175  8.128   -0.566  1.00 11.38 ? 152  ARG A N   1 
ATOM   1164 C  CA  . ARG A 1 152 ? 11.085  6.685   -0.733  1.00 9.73  ? 152  ARG A CA  1 
ATOM   1165 C  C   . ARG A 1 152 ? 11.705  5.952   0.456   1.00 10.32 ? 152  ARG A C   1 
ATOM   1166 O  O   . ARG A 1 152 ? 11.121  5.016   0.993   1.00 10.18 ? 152  ARG A O   1 
ATOM   1167 C  CB  . ARG A 1 152 ? 11.710  6.211   -2.042  1.00 10.41 ? 152  ARG A CB  1 
ATOM   1168 C  CG  . ARG A 1 152 ? 11.508  4.722   -2.265  1.00 10.21 ? 152  ARG A CG  1 
ATOM   1169 C  CD  . ARG A 1 152 ? 12.128  4.276   -3.563  1.00 13.03 ? 152  ARG A CD  1 
ATOM   1170 N  NE  . ARG A 1 152 ? 11.521  4.963   -4.693  1.00 15.89 ? 152  ARG A NE  1 
ATOM   1171 C  CZ  . ARG A 1 152 ? 11.979  4.890   -5.935  1.00 17.15 ? 152  ARG A CZ  1 
ATOM   1172 N  NH1 . ARG A 1 152 ? 13.053  4.162   -6.195  1.00 19.19 ? 152  ARG A NH1 1 
ATOM   1173 N  NH2 . ARG A 1 152 ? 11.369  5.546   -6.906  1.00 16.56 ? 152  ARG A NH2 1 
ATOM   1174 N  N   . GLY A 1 153 ? 12.881  6.394   0.895   1.00 10.93 ? 153  GLY A N   1 
ATOM   1175 C  CA  . GLY A 1 153 ? 13.637  5.646   1.923   1.00 10.85 ? 153  GLY A CA  1 
ATOM   1176 C  C   . GLY A 1 153 ? 13.071  5.801   3.325   1.00 11.44 ? 153  GLY A C   1 
ATOM   1177 O  O   . GLY A 1 153 ? 12.943  4.857   4.111   1.00 10.61 ? 153  GLY A O   1 
ATOM   1178 N  N   . ASN A 1 154 ? 12.665  7.009   3.617   1.00 12.21 ? 154  ASN A N   1 
ATOM   1179 C  CA  . ASN A 1 154 ? 12.167  7.322   4.950   1.00 12.66 ? 154  ASN A CA  1 
ATOM   1180 C  C   . ASN A 1 154 ? 10.795  6.705   5.165   1.00 11.18 ? 154  ASN A C   1 
ATOM   1181 O  O   . ASN A 1 154 ? 10.473  6.210   6.272   1.00 10.60 ? 154  ASN A O   1 
ATOM   1182 C  CB  . ASN A 1 154 ? 12.142  8.842   5.208   1.00 14.02 ? 154  ASN A CB  1 
ATOM   1183 C  CG  . ASN A 1 154 ? 13.302  9.324   6.055   1.00 17.85 ? 154  ASN A CG  1 
ATOM   1184 O  OD1 . ASN A 1 154 ? 13.133  10.210  6.891   1.00 20.13 ? 154  ASN A OD1 1 
ATOM   1185 N  ND2 . ASN A 1 154 ? 14.500  8.770   5.827   1.00 25.02 ? 154  ASN A ND2 1 
ATOM   1186 N  N   . SER A 1 155 ? 10.006  6.665   4.095   1.00 10.09 ? 155  SER A N   1 
ATOM   1187 C  CA  . SER A 1 155 ? 8.654   6.059   4.174   1.00 11.05 ? 155  SER A CA  1 
ATOM   1188 C  C   . SER A 1 155 ? 8.768   4.533   4.355   1.00 10.69 ? 155  SER A C   1 
ATOM   1189 O  O   . SER A 1 155 ? 7.994   3.905   5.068   1.00 11.38 ? 155  SER A O   1 
ATOM   1190 C  CB  . SER A 1 155 ? 7.784   6.398   2.971   1.00 11.08 ? 155  SER A CB  1 
ATOM   1191 O  OG  . SER A 1 155 ? 8.353   6.004   1.737   1.00 11.04 ? 155  SER A OG  1 
ATOM   1192 N  N   . LYS A 1 156 ? 9.794   3.977   3.749   1.00 10.83 ? 156  LYS A N   1 
ATOM   1193 C  CA  . LYS A 1 156 ? 10.068  2.522   3.871   1.00 11.48 ? 156  LYS A CA  1 
ATOM   1194 C  C   . LYS A 1 156 ? 10.442  2.178   5.300   1.00 11.40 ? 156  LYS A C   1 
ATOM   1195 O  O   . LYS A 1 156 ? 10.001  1.143   5.858   1.00 12.49 ? 156  LYS A O   1 
ATOM   1196 C  CB  . LYS A 1 156 ? 11.180  2.097   2.926   1.00 11.14 ? 156  LYS A CB  1 
ATOM   1197 C  CG  . LYS A 1 156 ? 11.428  0.595   2.769   1.00 14.45 ? 156  LYS A CG  1 
ATOM   1198 C  CD  . LYS A 1 156 ? 12.472  0.345   1.667   1.00 17.88 ? 156  LYS A CD  1 
ATOM   1199 C  CE  . LYS A 1 156 ? 12.883  -1.122  1.568   1.00 21.96 ? 156  LYS A CE  1 
ATOM   1200 N  NZ  . LYS A 1 156 ? 13.751  -1.434  0.359   1.00 21.42 ? 156  LYS A NZ  1 
ATOM   1201 N  N   . ILE A 1 157 ? 11.297  3.007   5.889   1.00 11.66 ? 157  ILE A N   1 
ATOM   1202 C  CA  . ILE A 1 157 ? 11.696  2.802   7.303   1.00 12.39 ? 157  ILE A CA  1 
ATOM   1203 C  C   . ILE A 1 157 ? 10.478  2.946   8.221   1.00 12.94 ? 157  ILE A C   1 
ATOM   1204 O  O   . ILE A 1 157 ? 10.315  2.218   9.197   1.00 12.00 ? 157  ILE A O   1 
ATOM   1205 C  CB  . ILE A 1 157 ? 12.810  3.791   7.768   1.00 12.86 ? 157  ILE A CB  1 
ATOM   1206 C  CG1 . ILE A 1 157 ? 14.116  3.486   7.046   1.00 13.53 ? 157  ILE A CG1 1 
ATOM   1207 C  CG2 . ILE A 1 157 ? 12.998  3.778   9.334   1.00 12.76 ? 157  ILE A CG2 1 
ATOM   1208 C  CD1 . ILE A 1 157 ? 14.703  2.090   7.351   1.00 13.43 ? 157  ILE A CD1 1 
ATOM   1209 N  N   . ALA A 1 158 ? 9.624   3.910   7.914   1.00 12.11 ? 158  ALA A N   1 
ATOM   1210 C  CA  . ALA A 1 158 ? 8.404   4.078   8.702   1.00 13.00 ? 158  ALA A CA  1 
ATOM   1211 C  C   . ALA A 1 158 ? 7.547   2.806   8.610   1.00 12.50 ? 158  ALA A C   1 
ATOM   1212 O  O   . ALA A 1 158 ? 7.018   2.340   9.604   1.00 13.71 ? 158  ALA A O   1 
ATOM   1213 C  CB  . ALA A 1 158 ? 7.589   5.331   8.266   1.00 13.09 ? 158  ALA A CB  1 
ATOM   1214 N  N   . ALA A 1 159 ? 7.418   2.267   7.409   1.00 11.62 ? 159  ALA A N   1 
ATOM   1215 C  CA  . ALA A 1 159 ? 6.567   1.096   7.175   1.00 12.63 ? 159  ALA A CA  1 
ATOM   1216 C  C   . ALA A 1 159 ? 7.160   -0.097  7.925   1.00 11.54 ? 159  ALA A C   1 
ATOM   1217 O  O   . ALA A 1 159 ? 6.443   -0.875  8.552   1.00 13.40 ? 159  ALA A O   1 
ATOM   1218 C  CB  . ALA A 1 159 ? 6.429   0.766   5.654   1.00 10.71 ? 159  ALA A CB  1 
ATOM   1219 N  N   . LEU A 1 160 ? 8.478   -0.206  7.857   1.00 12.47 ? 160  LEU A N   1 
ATOM   1220 C  CA  . LEU A 1 160 ? 9.223   -1.339  8.467   1.00 11.66 ? 160  LEU A CA  1 
ATOM   1221 C  C   . LEU A 1 160 ? 9.136   -1.308  9.992   1.00 13.12 ? 160  LEU A C   1 
ATOM   1222 O  O   . LEU A 1 160 ? 8.992   -2.335  10.664  1.00 12.64 ? 160  LEU A O   1 
ATOM   1223 C  CB  . LEU A 1 160 ? 10.692  -1.314  8.008   1.00 11.49 ? 160  LEU A CB  1 
ATOM   1224 C  CG  . LEU A 1 160 ? 10.917  -1.782  6.569   1.00 9.67  ? 160  LEU A CG  1 
ATOM   1225 C  CD1 . LEU A 1 160 ? 12.338  -1.545  6.136   1.00 6.72  ? 160  LEU A CD1 1 
ATOM   1226 C  CD2 . LEU A 1 160 ? 10.507  -3.259  6.473   1.00 9.67  ? 160  LEU A CD2 1 
ATOM   1227 N  N   . THR A 1 161 ? 9.187   -0.097  10.525  1.00 12.54 ? 161  THR A N   1 
ATOM   1228 C  CA  . THR A 1 161 ? 9.067   0.128   11.967  1.00 13.77 ? 161  THR A CA  1 
ATOM   1229 C  C   . THR A 1 161 ? 7.683   -0.314  12.436  1.00 14.02 ? 161  THR A C   1 
ATOM   1230 O  O   . THR A 1 161 ? 7.539   -1.013  13.429  1.00 14.43 ? 161  THR A O   1 
ATOM   1231 C  CB  . THR A 1 161 ? 9.347   1.612   12.338  1.00 13.96 ? 161  THR A CB  1 
ATOM   1232 O  OG1 . THR A 1 161 ? 10.664  1.960   11.914  1.00 13.80 ? 161  THR A OG1 1 
ATOM   1233 C  CG2 . THR A 1 161 ? 9.224   1.870   13.837  1.00 16.23 ? 161  THR A CG2 1 
ATOM   1234 N  N   . PHE A 1 162 ? 6.668   0.071   11.684  1.00 13.90 ? 162  PHE A N   1 
ATOM   1235 C  CA  . PHE A 1 162 ? 5.293   -0.314  12.011  1.00 13.90 ? 162  PHE A CA  1 
ATOM   1236 C  C   . PHE A 1 162 ? 5.102   -1.829  11.921  1.00 13.45 ? 162  PHE A C   1 
ATOM   1237 O  O   . PHE A 1 162 ? 4.456   -2.447  12.761  1.00 13.15 ? 162  PHE A O   1 
ATOM   1238 C  CB  . PHE A 1 162 ? 4.301   0.412   11.086  1.00 14.96 ? 162  PHE A CB  1 
ATOM   1239 C  CG  . PHE A 1 162 ? 2.852   0.063   11.333  1.00 15.70 ? 162  PHE A CG  1 
ATOM   1240 C  CD1 . PHE A 1 162 ? 2.119   0.721   12.305  1.00 15.22 ? 162  PHE A CD1 1 
ATOM   1241 C  CD2 . PHE A 1 162 ? 2.230   -0.936  10.589  1.00 16.67 ? 162  PHE A CD2 1 
ATOM   1242 C  CE1 . PHE A 1 162 ? 0.788   0.393   12.532  1.00 17.23 ? 162  PHE A CE1 1 
ATOM   1243 C  CE2 . PHE A 1 162 ? 0.899   -1.254  10.804  1.00 17.05 ? 162  PHE A CE2 1 
ATOM   1244 C  CZ  . PHE A 1 162 ? 0.181   -0.591  11.773  1.00 15.19 ? 162  PHE A CZ  1 
ATOM   1245 N  N   . ALA A 1 163 ? 5.673   -2.413  10.886  1.00 13.23 ? 163  ALA A N   1 
ATOM   1246 C  CA  . ALA A 1 163 ? 5.578   -3.859  10.669  1.00 14.83 ? 163  ALA A CA  1 
ATOM   1247 C  C   . ALA A 1 163 ? 6.216   -4.606  11.836  1.00 15.79 ? 163  ALA A C   1 
ATOM   1248 O  O   . ALA A 1 163 ? 5.688   -5.603  12.330  1.00 14.65 ? 163  ALA A O   1 
ATOM   1249 C  CB  . ALA A 1 163 ? 6.222   -4.253  9.338   1.00 13.76 ? 163  ALA A CB  1 
ATOM   1250 N  N   . LYS A 1 164 ? 7.340   -4.076  12.294  1.00 17.62 ? 164  LYS A N   1 
ATOM   1251 C  CA  . LYS A 1 164 ? 8.096   -4.681  13.405  1.00 19.80 ? 164  LYS A CA  1 
ATOM   1252 C  C   . LYS A 1 164 ? 7.270   -4.625  14.692  1.00 23.10 ? 164  LYS A C   1 
ATOM   1253 O  O   . LYS A 1 164 ? 7.138   -5.605  15.418  1.00 21.23 ? 164  LYS A O   1 
ATOM   1254 C  CB  . LYS A 1 164 ? 9.456   -4.001  13.603  1.00 19.21 ? 164  LYS A CB  1 
ATOM   1255 C  CG  . LYS A 1 164 ? 10.145  -4.409  14.894  1.00 19.07 ? 164  LYS A CG  1 
ATOM   1256 C  CD  . LYS A 1 164 ? 11.587  -3.971  14.957  1.00 18.75 ? 164  LYS A CD  1 
ATOM   1257 C  CE  . LYS A 1 164 ? 12.205  -4.569  16.206  1.00 18.32 ? 164  LYS A CE  1 
ATOM   1258 N  NZ  . LYS A 1 164 ? 13.481  -3.901  16.570  1.00 20.91 ? 164  LYS A NZ  1 
ATOM   1259 N  N   . GLU A 1 165 ? 6.698   -3.454  14.923  1.00 28.93 ? 165  GLU A N   1 
ATOM   1260 C  CA  . GLU A 1 165 ? 5.672   -3.248  15.969  1.00 31.02 ? 165  GLU A CA  1 
ATOM   1261 C  C   . GLU A 1 165 ? 4.562   -4.279  15.933  1.00 32.02 ? 165  GLU A C   1 
ATOM   1262 O  O   . GLU A 1 165 ? 4.245   -4.877  16.955  1.00 31.91 ? 165  GLU A O   1 
ATOM   1263 C  CB  . GLU A 1 165 ? 5.101   -1.827  15.940  1.00 31.34 ? 165  GLU A CB  1 
ATOM   1264 C  CG  . GLU A 1 165 ? 6.092   -0.841  16.503  1.00 34.15 ? 165  GLU A CG  1 
ATOM   1265 C  CD  . GLU A 1 165 ? 5.608   0.604   16.431  1.00 35.53 ? 165  GLU A CD  1 
ATOM   1266 O  OE1 . GLU A 1 165 ? 4.392   0.830   16.245  1.00 37.13 ? 165  GLU A OE1 1 
ATOM   1267 O  OE2 . GLU A 1 165 ? 6.464   1.507   16.559  1.00 36.37 ? 165  GLU A OE2 1 
ATOM   1268 N  N   . LEU A 1 166 ? 3.992   -4.511  14.761  1.00 33.09 ? 166  LEU A N   1 
ATOM   1269 C  CA  . LEU A 1 166 ? 2.971   -5.551  14.623  1.00 34.81 ? 166  LEU A CA  1 
ATOM   1270 C  C   . LEU A 1 166 ? 3.536   -6.927  14.992  1.00 35.59 ? 166  LEU A C   1 
ATOM   1271 O  O   . LEU A 1 166 ? 2.883   -7.716  15.683  1.00 36.07 ? 166  LEU A O   1 
ATOM   1272 C  CB  . LEU A 1 166 ? 2.353   -5.592  13.216  1.00 35.89 ? 166  LEU A CB  1 
ATOM   1273 C  CG  . LEU A 1 166 ? 1.385   -4.473  12.854  1.00 36.72 ? 166  LEU A CG  1 
ATOM   1274 C  CD1 . LEU A 1 166 ? 0.812   -4.711  11.455  1.00 39.63 ? 166  LEU A CD1 1 
ATOM   1275 C  CD2 . LEU A 1 166 ? 0.272   -4.365  13.880  1.00 39.23 ? 166  LEU A CD2 1 
ATOM   1276 N  N   . ALA A 1 167 ? 4.750   -7.202  14.532  1.00 35.39 ? 167  ALA A N   1 
ATOM   1277 C  CA  . ALA A 1 167 ? 5.378   -8.513  14.745  1.00 35.68 ? 167  ALA A CA  1 
ATOM   1278 C  C   . ALA A 1 167 ? 5.596   -8.721  16.232  1.00 36.70 ? 167  ALA A C   1 
ATOM   1279 O  O   . ALA A 1 167 ? 5.484   -9.836  16.760  1.00 35.80 ? 167  ALA A O   1 
ATOM   1280 C  CB  . ALA A 1 167 ? 6.699   -8.631  13.972  1.00 35.11 ? 167  ALA A CB  1 
ATOM   1281 N  N   . GLU A 1 168 ? 5.847   -7.604  16.904  1.00 37.81 ? 168  GLU A N   1 
ATOM   1282 C  CA  . GLU A 1 168 ? 6.134   -7.588  18.348  1.00 39.15 ? 168  GLU A CA  1 
ATOM   1283 C  C   . GLU A 1 168 ? 4.877   -7.786  19.195  1.00 39.83 ? 168  GLU A C   1 
ATOM   1284 O  O   . GLU A 1 168 ? 4.956   -8.069  20.385  1.00 39.08 ? 168  GLU A O   1 
ATOM   1285 C  CB  . GLU A 1 168 ? 6.868   -6.311  18.768  1.00 39.15 ? 168  GLU A CB  1 
ATOM   1286 C  CG  . GLU A 1 168 ? 8.342   -6.341  18.417  1.00 41.57 ? 168  GLU A CG  1 
ATOM   1287 C  CD  . GLU A 1 168 ? 9.101   -5.143  18.967  1.00 42.91 ? 168  GLU A CD  1 
ATOM   1288 O  OE1 . GLU A 1 168 ? 8.646   -3.996  18.756  1.00 46.61 ? 168  GLU A OE1 1 
ATOM   1289 O  OE2 . GLU A 1 168 ? 10.153  -5.353  19.598  1.00 45.45 ? 168  GLU A OE2 1 
ATOM   1290 N  N   . SER A 1 169 ? 3.721   -7.628  18.567  1.00 40.83 ? 169  SER A N   1 
ATOM   1291 C  CA  . SER A 1 169 ? 2.442   -7.990  19.189  1.00 41.63 ? 169  SER A CA  1 
ATOM   1292 C  C   . SER A 1 169 ? 2.120   -9.442  18.867  1.00 41.39 ? 169  SER A C   1 
ATOM   1293 O  O   . SER A 1 169 ? 1.849   -10.235 19.762  1.00 41.62 ? 169  SER A O   1 
ATOM   1294 C  CB  . SER A 1 169 ? 1.303   -7.093  18.690  1.00 41.95 ? 169  SER A CB  1 
ATOM   1295 O  OG  . SER A 1 169 ? 1.612   -5.723  18.875  1.00 43.04 ? 169  SER A OG  1 
ATOM   1296 N  N   . PRO B 2 1   ? -13.424 -11.391 7.128   1.00 39.84 ? 0    PRO P N   1 
ATOM   1297 C  CA  . PRO B 2 1   ? -13.459 -10.505 8.309   1.00 39.46 ? 0    PRO P CA  1 
ATOM   1298 C  C   . PRO B 2 1   ? -12.073 -9.990  8.706   1.00 40.00 ? 0    PRO P C   1 
ATOM   1299 O  O   . PRO B 2 1   ? -11.128 -10.768 8.845   1.00 31.83 ? 0    PRO P O   1 
ATOM   1300 C  CB  . PRO B 2 1   ? -14.055 -11.400 9.400   1.00 40.21 ? 0    PRO P CB  1 
ATOM   1301 C  CG  . PRO B 2 1   ? -14.914 -12.353 8.666   1.00 39.12 ? 0    PRO P CG  1 
ATOM   1302 C  CD  . PRO B 2 1   ? -14.216 -12.617 7.353   1.00 40.26 ? 0    PRO P CD  1 
ATOM   1303 N  N   . PRO B 2 2   ? -11.941 -8.666  8.860   1.00 29.15 ? 1    PRO P N   1 
ATOM   1304 C  CA  . PRO B 2 2   ? -10.645 -8.134  9.307   1.00 46.43 ? 1    PRO P CA  1 
ATOM   1305 C  C   . PRO B 2 2   ? -10.290 -8.601  10.725  1.00 37.80 ? 1    PRO P C   1 
ATOM   1306 O  O   . PRO B 2 2   ? -11.172 -8.957  11.497  1.00 25.81 ? 1    PRO P O   1 
ATOM   1307 C  CB  . PRO B 2 2   ? -10.845 -6.606  9.272   1.00 24.27 ? 1    PRO P CB  1 
ATOM   1308 C  CG  . PRO B 2 2   ? -12.198 -6.355  8.630   1.00 39.43 ? 1    PRO P CG  1 
ATOM   1309 C  CD  . PRO B 2 2   ? -12.980 -7.626  8.731   1.00 62.58 ? 1    PRO P CD  1 
ATOM   1310 N  N   . PRO B 2 3   ? -9.003  -8.584  11.082  1.00 40.18 ? 2    PRO P N   1 
ATOM   1311 C  CA  . PRO B 2 3   ? -8.669  -8.991  12.438  1.00 27.32 ? 2    PRO P CA  1 
ATOM   1312 C  C   . PRO B 2 3   ? -8.894  -7.845  13.422  1.00 50.57 ? 2    PRO P C   1 
ATOM   1313 O  O   . PRO B 2 3   ? -9.133  -6.716  13.007  1.00 39.92 ? 2    PRO P O   1 
ATOM   1314 C  CB  . PRO B 2 3   ? -7.181  -9.306  12.339  1.00 42.91 ? 2    PRO P CB  1 
ATOM   1315 C  CG  . PRO B 2 3   ? -6.675  -8.343  11.264  1.00 40.19 ? 2    PRO P CG  1 
ATOM   1316 C  CD  . PRO B 2 3   ? -7.849  -7.998  10.377  1.00 35.46 ? 2    PRO P CD  1 
ATOM   1317 N  N   . PRO B 2 4   ? -8.824  -8.122  14.727  1.00 50.84 ? 3    PRO P N   1 
ATOM   1318 C  CA  . PRO B 2 4   ? -8.937  -6.986  15.625  1.00 37.86 ? 3    PRO P CA  1 
ATOM   1319 C  C   . PRO B 2 4   ? -7.614  -6.215  15.688  1.00 37.05 ? 3    PRO P C   1 
ATOM   1320 O  O   . PRO B 2 4   ? -6.549  -6.822  15.592  1.00 30.25 ? 3    PRO P O   1 
ATOM   1321 C  CB  . PRO B 2 4   ? -9.265  -7.635  16.982  1.00 31.47 ? 3    PRO P CB  1 
ATOM   1322 C  CG  . PRO B 2 4   ? -8.994  -9.131  16.822  1.00 36.37 ? 3    PRO P CG  1 
ATOM   1323 C  CD  . PRO B 2 4   ? -8.469  -9.361  15.432  1.00 35.20 ? 3    PRO P CD  1 
ATOM   1324 N  N   . PRO B 2 5   ? -7.672  -4.883  15.850  1.00 26.02 ? 4    PRO P N   1 
ATOM   1325 C  CA  . PRO B 2 5   ? -6.416  -4.147  16.007  1.00 24.08 ? 4    PRO P CA  1 
ATOM   1326 C  C   . PRO B 2 5   ? -5.659  -4.605  17.262  1.00 27.71 ? 4    PRO P C   1 
ATOM   1327 O  O   . PRO B 2 5   ? -6.277  -5.101  18.199  1.00 19.07 ? 4    PRO P O   1 
ATOM   1328 C  CB  . PRO B 2 5   ? -6.871  -2.687  16.134  1.00 31.10 ? 4    PRO P CB  1 
ATOM   1329 C  CG  . PRO B 2 5   ? -8.284  -2.759  16.590  1.00 50.05 ? 4    PRO P CG  1 
ATOM   1330 C  CD  . PRO B 2 5   ? -8.852  -4.012  15.996  1.00 34.77 ? 4    PRO P CD  1 
ATOM   1331 N  N   . PRO B 2 6   ? -4.325  -4.456  17.284  1.00 27.16 ? 5    PRO P N   1 
ATOM   1332 C  CA  . PRO B 2 6   ? -3.646  -4.912  18.477  1.00 44.63 ? 5    PRO P CA  1 
ATOM   1333 C  C   . PRO B 2 6   ? -3.993  -3.981  19.611  1.00 18.00 ? 5    PRO P C   1 
ATOM   1334 O  O   . PRO B 2 6   ? -4.390  -2.850  19.364  1.00 24.37 ? 5    PRO P O   1 
ATOM   1335 C  CB  . PRO B 2 6   ? -2.154  -4.788  18.116  1.00 30.35 ? 5    PRO P CB  1 
ATOM   1336 C  CG  . PRO B 2 6   ? -2.114  -4.534  16.657  1.00 30.98 ? 5    PRO P CG  1 
ATOM   1337 C  CD  . PRO B 2 6   ? -3.389  -3.846  16.331  1.00 45.77 ? 5    PRO P CD  1 
ATOM   1338 N  N   . PRO B 2 7   ? -3.857  -4.454  20.850  1.00 19.31 ? 6    PRO P N   1 
ATOM   1339 C  CA  . PRO B 2 7   ? -4.136  -3.565  21.971  1.00 37.91 ? 6    PRO P CA  1 
ATOM   1340 C  C   . PRO B 2 7   ? -3.232  -2.345  21.900  1.00 19.74 ? 6    PRO P C   1 
ATOM   1341 O  O   . PRO B 2 7   ? -2.172  -2.419  21.284  1.00 26.51 ? 6    PRO P O   1 
ATOM   1342 C  CB  . PRO B 2 7   ? -3.806  -4.423  23.192  1.00 20.92 ? 6    PRO P CB  1 
ATOM   1343 C  CG  . PRO B 2 7   ? -3.816  -5.836  22.693  1.00 17.35 ? 6    PRO P CG  1 
ATOM   1344 C  CD  . PRO B 2 7   ? -3.369  -5.773  21.287  1.00 21.56 ? 6    PRO P CD  1 
ATOM   1345 N  N   . PRO B 2 8   ? -3.648  -1.218  22.494  1.00 37.99 ? 7    PRO P N   1 
ATOM   1346 C  CA  . PRO B 2 8   ? -2.783  -0.055  22.345  1.00 13.17 ? 7    PRO P CA  1 
ATOM   1347 C  C   . PRO B 2 8   ? -1.515  -0.216  23.187  1.00 37.05 ? 7    PRO P C   1 
ATOM   1348 O  O   . PRO B 2 8   ? -1.451  -1.180  23.958  1.00 20.93 ? 7    PRO P O   1 
ATOM   1349 C  CB  . PRO B 2 8   ? -3.642  1.116   22.864  1.00 27.41 ? 7    PRO P CB  1 
ATOM   1350 C  CG  . PRO B 2 8   ? -5.009  0.553   23.127  1.00 23.81 ? 7    PRO P CG  1 
ATOM   1351 C  CD  . PRO B 2 8   ? -4.839  -0.923  23.308  1.00 47.39 ? 7    PRO P CD  1 
HETATM 1352 MG MG  . MG  C 3 .   ? 0.833   -5.287  -19.172 1.00 18.91 ? 1170 MG  A MG  1 
HETATM 1353 O  O   . HOH D 4 .   ? -10.888 4.391   15.304  1.00 43.38 ? 2001 HOH A O   1 
HETATM 1354 O  O   . HOH D 4 .   ? -10.771 -1.768  13.453  1.00 40.77 ? 2002 HOH A O   1 
HETATM 1355 O  O   . HOH D 4 .   ? -10.546 2.495   7.908   1.00 22.47 ? 2003 HOH A O   1 
HETATM 1356 O  O   . HOH D 4 .   ? -10.780 0.374   11.062  1.00 34.92 ? 2004 HOH A O   1 
HETATM 1357 O  O   . HOH D 4 .   ? 4.388   14.702  5.905   1.00 16.93 ? 2005 HOH A O   1 
HETATM 1358 O  O   . HOH D 4 .   ? 1.222   13.158  9.742   1.00 27.61 ? 2006 HOH A O   1 
HETATM 1359 O  O   . HOH D 4 .   ? 9.181   10.101  4.100   1.00 16.71 ? 2007 HOH A O   1 
HETATM 1360 O  O   . HOH D 4 .   ? 2.794   10.683  8.038   1.00 26.48 ? 2008 HOH A O   1 
HETATM 1361 O  O   . HOH D 4 .   ? 0.076   10.125  -1.635  1.00 36.56 ? 2009 HOH A O   1 
HETATM 1362 O  O   . HOH D 4 .   ? -2.161  -14.136 -1.336  1.00 32.41 ? 2010 HOH A O   1 
HETATM 1363 O  O   . HOH D 4 .   ? -7.398  -13.705 -4.234  1.00 32.80 ? 2011 HOH A O   1 
HETATM 1364 O  O   . HOH D 4 .   ? -5.738  -3.131  -3.036  1.00 25.48 ? 2012 HOH A O   1 
HETATM 1365 O  O   . HOH D 4 .   ? -8.943  -7.621  2.372   1.00 20.00 ? 2013 HOH A O   1 
HETATM 1366 O  O   . HOH D 4 .   ? -11.944 0.145   8.305   1.00 32.44 ? 2014 HOH A O   1 
HETATM 1367 O  O   . HOH D 4 .   ? -7.339  9.326   8.030   1.00 19.07 ? 2015 HOH A O   1 
HETATM 1368 O  O   . HOH D 4 .   ? -3.182  12.209  2.230   1.00 24.90 ? 2016 HOH A O   1 
HETATM 1369 O  O   . HOH D 4 .   ? -2.733  15.022  8.618   1.00 26.31 ? 2017 HOH A O   1 
HETATM 1370 O  O   . HOH D 4 .   ? 11.881  -14.074 -7.843  1.00 28.93 ? 2018 HOH A O   1 
HETATM 1371 O  O   . HOH D 4 .   ? -16.874 18.619  10.429  1.00 38.23 ? 2019 HOH A O   1 
HETATM 1372 O  O   . HOH D 4 .   ? -14.442 14.228  4.470   1.00 31.96 ? 2020 HOH A O   1 
HETATM 1373 O  O   . HOH D 4 .   ? -18.255 14.923  3.645   1.00 22.17 ? 2021 HOH A O   1 
HETATM 1374 O  O   . HOH D 4 .   ? -12.486 10.072  3.883   1.00 19.83 ? 2022 HOH A O   1 
HETATM 1375 O  O   . HOH D 4 .   ? -13.129 8.304   1.960   1.00 21.08 ? 2023 HOH A O   1 
HETATM 1376 O  O   . HOH D 4 .   ? 5.955   -13.287 4.297   1.00 34.85 ? 2024 HOH A O   1 
HETATM 1377 O  O   . HOH D 4 .   ? -7.328  8.119   -6.251  1.00 34.54 ? 2025 HOH A O   1 
HETATM 1378 O  O   . HOH D 4 .   ? -3.576  5.583   -4.687  1.00 22.30 ? 2026 HOH A O   1 
HETATM 1379 O  O   . HOH D 4 .   ? -7.852  -1.835  -2.095  1.00 17.80 ? 2027 HOH A O   1 
HETATM 1380 O  O   . HOH D 4 .   ? -13.029 4.447   -2.926  1.00 31.16 ? 2028 HOH A O   1 
HETATM 1381 O  O   . HOH D 4 .   ? -10.749 5.287   -6.071  1.00 32.06 ? 2029 HOH A O   1 
HETATM 1382 O  O   . HOH D 4 .   ? -10.484 -3.250  -8.043  1.00 17.64 ? 2030 HOH A O   1 
HETATM 1383 O  O   . HOH D 4 .   ? -14.684 1.516   -10.221 1.00 30.31 ? 2031 HOH A O   1 
HETATM 1384 O  O   . HOH D 4 .   ? -15.110 2.332   -6.248  1.00 26.95 ? 2032 HOH A O   1 
HETATM 1385 O  O   . HOH D 4 .   ? 14.034  1.816   -2.315  1.00 36.81 ? 2033 HOH A O   1 
HETATM 1386 O  O   . HOH D 4 .   ? 13.232  0.202   -4.114  1.00 35.46 ? 2034 HOH A O   1 
HETATM 1387 O  O   . HOH D 4 .   ? 14.002  7.902   -4.208  1.00 30.34 ? 2035 HOH A O   1 
HETATM 1388 O  O   . HOH D 4 .   ? -15.140 0.668   -15.861 1.00 26.40 ? 2036 HOH A O   1 
HETATM 1389 O  O   . HOH D 4 .   ? -1.896  2.235   -23.300 1.00 43.97 ? 2037 HOH A O   1 
HETATM 1390 O  O   . HOH D 4 .   ? -2.447  -5.364  -27.512 1.00 39.15 ? 2038 HOH A O   1 
HETATM 1391 O  O   . HOH D 4 .   ? 4.596   -3.718  -29.923 1.00 41.53 ? 2039 HOH A O   1 
HETATM 1392 O  O   . HOH D 4 .   ? -0.850  -5.979  -31.299 1.00 30.33 ? 2040 HOH A O   1 
HETATM 1393 O  O   . HOH D 4 .   ? -4.211  -5.453  -34.275 1.00 19.04 ? 2041 HOH A O   1 
HETATM 1394 O  O   . HOH D 4 .   ? -3.606  -3.501  -26.314 1.00 42.00 ? 2042 HOH A O   1 
HETATM 1395 O  O   . HOH D 4 .   ? -10.531 -1.789  -26.581 1.00 25.20 ? 2043 HOH A O   1 
HETATM 1396 O  O   . HOH D 4 .   ? -11.450 -7.858  -22.355 1.00 28.70 ? 2044 HOH A O   1 
HETATM 1397 O  O   . HOH D 4 .   ? -2.424  -8.657  -18.150 1.00 23.71 ? 2045 HOH A O   1 
HETATM 1398 O  O   . HOH D 4 .   ? -9.516  -8.596  -18.420 1.00 27.54 ? 2046 HOH A O   1 
HETATM 1399 O  O   . HOH D 4 .   ? -8.765  -9.304  -5.354  1.00 19.02 ? 2047 HOH A O   1 
HETATM 1400 O  O   . HOH D 4 .   ? -6.029  -7.059  -12.164 1.00 19.08 ? 2048 HOH A O   1 
HETATM 1401 O  O   . HOH D 4 .   ? -9.159  -1.754  -4.615  1.00 20.21 ? 2049 HOH A O   1 
HETATM 1402 O  O   . HOH D 4 .   ? -9.673  -4.667  -5.554  1.00 23.59 ? 2050 HOH A O   1 
HETATM 1403 O  O   . HOH D 4 .   ? -2.699  -9.560  -11.608 1.00 34.74 ? 2051 HOH A O   1 
HETATM 1404 O  O   . HOH D 4 .   ? -3.101  -11.895 -8.465  1.00 25.30 ? 2052 HOH A O   1 
HETATM 1405 O  O   . HOH D 4 .   ? -1.476  -13.685 -7.761  1.00 25.74 ? 2053 HOH A O   1 
HETATM 1406 O  O   . HOH D 4 .   ? -3.067  -15.275 -3.324  1.00 33.08 ? 2054 HOH A O   1 
HETATM 1407 O  O   . HOH D 4 .   ? 6.703   -16.513 -10.828 1.00 18.84 ? 2055 HOH A O   1 
HETATM 1408 O  O   . HOH D 4 .   ? 4.951   -17.098 -13.149 1.00 31.70 ? 2056 HOH A O   1 
HETATM 1409 O  O   . HOH D 4 .   ? -1.728  -1.842  -17.703 1.00 30.06 ? 2057 HOH A O   1 
HETATM 1410 O  O   . HOH D 4 .   ? -2.559  -7.701  -12.748 1.00 40.64 ? 2058 HOH A O   1 
HETATM 1411 O  O   . HOH D 4 .   ? -0.381  -6.462  -12.583 1.00 9.73  ? 2059 HOH A O   1 
HETATM 1412 O  O   . HOH D 4 .   ? -3.973  -2.654  -5.123  1.00 20.64 ? 2060 HOH A O   1 
HETATM 1413 O  O   . HOH D 4 .   ? -9.245  7.059   -6.581  1.00 27.08 ? 2061 HOH A O   1 
HETATM 1414 O  O   . HOH D 4 .   ? -4.580  8.902   -10.940 1.00 32.08 ? 2062 HOH A O   1 
HETATM 1415 O  O   . HOH D 4 .   ? -4.979  7.394   -5.850  1.00 31.03 ? 2063 HOH A O   1 
HETATM 1416 O  O   . HOH D 4 .   ? -1.656  0.530   -18.347 1.00 35.25 ? 2064 HOH A O   1 
HETATM 1417 O  O   . HOH D 4 .   ? 0.156   6.879   -12.213 1.00 17.01 ? 2065 HOH A O   1 
HETATM 1418 O  O   . HOH D 4 .   ? -2.813  6.177   -13.242 1.00 19.14 ? 2066 HOH A O   1 
HETATM 1419 O  O   . HOH D 4 .   ? 15.246  -7.095  -5.477  1.00 32.29 ? 2067 HOH A O   1 
HETATM 1420 O  O   . HOH D 4 .   ? 16.092  -3.114  -0.812  1.00 29.06 ? 2068 HOH A O   1 
HETATM 1421 O  O   . HOH D 4 .   ? 16.059  -10.088 -0.967  1.00 11.84 ? 2069 HOH A O   1 
HETATM 1422 O  O   . HOH D 4 .   ? 17.366  -12.894 2.498   1.00 30.74 ? 2070 HOH A O   1 
HETATM 1423 O  O   . HOH D 4 .   ? 14.558  -10.800 -3.231  1.00 43.12 ? 2071 HOH A O   1 
HETATM 1424 O  O   . HOH D 4 .   ? 10.478  -12.175 -6.483  1.00 18.92 ? 2072 HOH A O   1 
HETATM 1425 O  O   . HOH D 4 .   ? 17.034  -12.457 5.100   1.00 26.06 ? 2073 HOH A O   1 
HETATM 1426 O  O   . HOH D 4 .   ? 9.744   -12.643 5.105   1.00 19.46 ? 2074 HOH A O   1 
HETATM 1427 O  O   . HOH D 4 .   ? 20.494  -13.384 7.799   1.00 24.29 ? 2075 HOH A O   1 
HETATM 1428 O  O   . HOH D 4 .   ? 17.291  0.371   11.363  1.00 13.71 ? 2076 HOH A O   1 
HETATM 1429 O  O   . HOH D 4 .   ? 8.161   -12.062 7.037   1.00 25.74 ? 2077 HOH A O   1 
HETATM 1430 O  O   . HOH D 4 .   ? 10.964  -12.396 11.104  1.00 14.89 ? 2078 HOH A O   1 
HETATM 1431 O  O   . HOH D 4 .   ? 5.367   -13.226 -0.056  1.00 39.49 ? 2079 HOH A O   1 
HETATM 1432 O  O   . HOH D 4 .   ? 11.453  -3.146  -1.943  1.00 16.06 ? 2080 HOH A O   1 
HETATM 1433 O  O   . HOH D 4 .   ? 8.537   8.380   -8.649  1.00 22.38 ? 2081 HOH A O   1 
HETATM 1434 O  O   . HOH D 4 .   ? 8.840   18.867  -5.570  1.00 29.36 ? 2082 HOH A O   1 
HETATM 1435 O  O   . HOH D 4 .   ? 1.388   7.543   -3.591  1.00 27.25 ? 2083 HOH A O   1 
HETATM 1436 O  O   . HOH D 4 .   ? 6.873   -10.768 5.456   1.00 16.50 ? 2084 HOH A O   1 
HETATM 1437 O  O   . HOH D 4 .   ? 0.508   -12.728 -1.328  1.00 37.64 ? 2085 HOH A O   1 
HETATM 1438 O  O   . HOH D 4 .   ? 5.051   -10.961 8.388   1.00 46.04 ? 2086 HOH A O   1 
HETATM 1439 O  O   . HOH D 4 .   ? 3.361   -15.105 -1.548  1.00 23.25 ? 2087 HOH A O   1 
HETATM 1440 O  O   . HOH D 4 .   ? 1.083   -11.586 5.149   1.00 21.11 ? 2088 HOH A O   1 
HETATM 1441 O  O   . HOH D 4 .   ? -6.480  -9.995  7.926   1.00 22.30 ? 2089 HOH A O   1 
HETATM 1442 O  O   . HOH D 4 .   ? 0.807   16.386  -3.410  1.00 25.20 ? 2090 HOH A O   1 
HETATM 1443 O  O   . HOH D 4 .   ? 9.278   7.917   -6.343  1.00 26.24 ? 2091 HOH A O   1 
HETATM 1444 O  O   . HOH D 4 .   ? 15.921  8.162   2.743   1.00 21.13 ? 2092 HOH A O   1 
HETATM 1445 O  O   . HOH D 4 .   ? 11.927  9.538   -2.771  1.00 19.15 ? 2093 HOH A O   1 
HETATM 1446 O  O   . HOH D 4 .   ? 14.511  2.253   -4.585  1.00 19.32 ? 2094 HOH A O   1 
HETATM 1447 O  O   . HOH D 4 .   ? 13.489  3.914   -9.448  1.00 32.45 ? 2095 HOH A O   1 
HETATM 1448 O  O   . HOH D 4 .   ? 14.729  8.071   -0.658  1.00 18.40 ? 2096 HOH A O   1 
HETATM 1449 O  O   . HOH D 4 .   ? 14.898  3.745   -0.578  1.00 33.74 ? 2097 HOH A O   1 
HETATM 1450 O  O   . HOH D 4 .   ? 6.554   4.010   12.023  1.00 26.98 ? 2098 HOH A O   1 
HETATM 1451 O  O   . HOH D 4 .   ? 9.223   5.286   12.357  1.00 34.20 ? 2099 HOH A O   1 
HETATM 1452 O  O   . HOH E 4 .   ? -7.590  -5.151  20.340  1.00 27.30 ? 2001 HOH P O   1 
# 
